data_8OVH
#
_entry.id   8OVH
#
_cell.length_a   61.579
_cell.length_b   118.218
_cell.length_c   131.381
_cell.angle_alpha   90.000
_cell.angle_beta   92.908
_cell.angle_gamma   90.000
#
_symmetry.space_group_name_H-M   'P 1 21 1'
#
loop_
_entity.id
_entity.type
_entity.pdbx_description
1 polymer 'Homocysteine/cysteine synthase'
2 non-polymer "PYRIDOXAL-5'-PHOSPHATE"
3 non-polymer DI(HYDROXYETHYL)ETHER
4 water water
#
_entity_poly.entity_id   1
_entity_poly.type   'polypeptide(L)'
_entity_poly.pdbx_seq_one_letter_code
;MGSSHHHHHHSSGLVPRGSHMPSHFDTVQLHAGQENPGDNAHRSRAVPIYATTSYVFENSKHGSQLFGLEVPGYVYSRFQ
NPTSNVLEERIAALEGGAAALAVSSGQAAQTLAIQGLAHTGDNIVSTSYLYGGTYNQFKISFKRFGIEARFVEGDNPEEF
EKVFDERTKAVYLETIGNPKYNVPDFEKIVAIAHKHGIPVVVDNTFGAGGYFCQPIKYGADIVTHSATKWIGGHGTTIGG
IIVDSGKFPWKDYPEKFPQFSQPAEGYHGTIYNEAYGNLAYIVHVRTELLRDLGPLMNPFASFLLLQGVETLSLRAERHG
ENALKLAKWLEQSPYVSWVSYPGLASHSHHENAKKYLSNGFGGVLSFGVKDLPNADKETDPFKLSGAQVVDNLKLASNLA
NVGDAKTLVIAPYFTTHKQLNDKEKLASGVTKDLIRVSVGIEFIDDIIADFQQSFETVFAGQKP
;
_entity_poly.pdbx_strand_id   A,B,C,D
#
# COMPACT_ATOMS: atom_id res chain seq x y z
N MET A 21 -20.63 -28.97 4.10
CA MET A 21 -20.32 -27.92 3.09
C MET A 21 -18.81 -27.93 2.84
N PRO A 22 -17.91 -27.85 3.85
CA PRO A 22 -16.47 -27.70 3.57
C PRO A 22 -15.96 -28.69 2.53
N SER A 23 -15.04 -28.20 1.70
CA SER A 23 -14.52 -29.02 0.63
C SER A 23 -13.09 -28.63 0.34
N HIS A 24 -12.51 -29.30 -0.67
CA HIS A 24 -11.15 -29.04 -1.12
C HIS A 24 -11.00 -27.62 -1.67
N PHE A 25 -12.08 -26.95 -2.07
CA PHE A 25 -12.05 -25.54 -2.45
C PHE A 25 -11.33 -24.72 -1.35
N ASP A 26 -11.54 -25.09 -0.09
CA ASP A 26 -10.98 -24.33 1.01
C ASP A 26 -9.46 -24.39 0.94
N THR A 27 -8.92 -25.54 0.54
CA THR A 27 -7.49 -25.73 0.46
C THR A 27 -6.94 -24.97 -0.74
N VAL A 28 -7.63 -25.04 -1.89
CA VAL A 28 -7.12 -24.44 -3.13
C VAL A 28 -7.04 -22.91 -2.97
N GLN A 29 -8.06 -22.29 -2.40
CA GLN A 29 -8.09 -20.84 -2.30
C GLN A 29 -6.96 -20.32 -1.44
N LEU A 30 -6.35 -21.17 -0.60
CA LEU A 30 -5.18 -20.79 0.18
C LEU A 30 -3.85 -21.20 -0.44
N HIS A 31 -3.78 -22.21 -1.33
CA HIS A 31 -2.51 -22.82 -1.70
C HIS A 31 -2.16 -22.81 -3.20
N ALA A 32 -3.14 -22.85 -4.10
CA ALA A 32 -2.81 -22.81 -5.52
C ALA A 32 -1.91 -21.60 -5.83
N GLY A 33 -0.76 -21.89 -6.48
CA GLY A 33 0.18 -20.88 -6.97
C GLY A 33 1.19 -20.37 -5.93
N GLN A 34 0.99 -20.74 -4.67
CA GLN A 34 2.00 -20.58 -3.63
C GLN A 34 2.43 -21.97 -3.19
N GLU A 35 2.79 -22.83 -4.15
CA GLU A 35 3.37 -24.13 -3.84
C GLU A 35 4.72 -23.94 -3.14
N ASN A 36 5.47 -22.91 -3.57
CA ASN A 36 6.80 -22.61 -3.04
C ASN A 36 6.75 -21.36 -2.14
N SER A 44 9.73 -16.38 2.23
CA SER A 44 8.60 -15.43 2.47
C SER A 44 7.28 -16.20 2.40
N ARG A 45 6.55 -16.29 3.53
CA ARG A 45 5.29 -17.02 3.59
C ARG A 45 4.18 -16.23 2.87
N ALA A 46 4.08 -14.91 3.13
CA ALA A 46 3.15 -14.06 2.39
C ALA A 46 3.77 -13.69 1.04
N VAL A 47 2.91 -13.35 0.06
CA VAL A 47 3.37 -13.05 -1.28
C VAL A 47 3.78 -11.57 -1.32
N PRO A 48 5.06 -11.27 -1.70
CA PRO A 48 5.54 -9.89 -1.77
C PRO A 48 4.78 -9.08 -2.83
N ILE A 49 4.45 -7.82 -2.50
CA ILE A 49 3.98 -6.83 -3.48
C ILE A 49 5.19 -6.36 -4.29
N TYR A 50 5.27 -6.76 -5.57
CA TYR A 50 6.40 -6.36 -6.42
C TYR A 50 6.05 -5.08 -7.15
N ALA A 51 6.00 -3.97 -6.40
CA ALA A 51 5.79 -2.65 -6.98
C ALA A 51 7.04 -2.24 -7.73
N THR A 52 7.15 -2.80 -8.95
CA THR A 52 8.20 -2.55 -9.91
C THR A 52 7.56 -2.44 -11.30
N THR A 53 8.26 -1.77 -12.21
CA THR A 53 7.97 -1.75 -13.63
C THR A 53 8.92 -2.74 -14.35
N SER A 54 10.16 -2.88 -13.84
CA SER A 54 11.25 -3.45 -14.60
C SER A 54 11.94 -4.61 -13.87
N TYR A 55 12.61 -5.45 -14.69
CA TYR A 55 13.34 -6.63 -14.25
C TYR A 55 14.63 -6.73 -15.07
N ASN A 81 4.26 -9.96 -13.54
CA ASN A 81 4.16 -9.58 -12.10
C ASN A 81 3.84 -10.81 -11.23
N PRO A 82 4.69 -11.16 -10.23
CA PRO A 82 4.48 -12.37 -9.42
C PRO A 82 3.26 -12.46 -8.49
N THR A 83 2.84 -11.34 -7.89
CA THR A 83 1.58 -11.30 -7.14
C THR A 83 0.40 -11.55 -8.09
N SER A 84 0.39 -10.87 -9.23
CA SER A 84 -0.66 -11.08 -10.20
C SER A 84 -0.68 -12.54 -10.63
N ASN A 85 0.49 -13.18 -10.74
CA ASN A 85 0.57 -14.54 -11.24
C ASN A 85 -0.06 -15.53 -10.24
N VAL A 86 0.18 -15.32 -8.93
CA VAL A 86 -0.43 -16.19 -7.93
C VAL A 86 -1.96 -16.04 -7.99
N LEU A 87 -2.47 -14.82 -8.07
CA LEU A 87 -3.91 -14.61 -8.17
C LEU A 87 -4.49 -15.32 -9.39
N GLU A 88 -3.82 -15.21 -10.54
CA GLU A 88 -4.31 -15.79 -11.79
C GLU A 88 -4.37 -17.32 -11.66
N GLU A 89 -3.32 -17.91 -11.07
CA GLU A 89 -3.25 -19.35 -10.96
C GLU A 89 -4.32 -19.88 -10.01
N ARG A 90 -4.58 -19.09 -8.98
CA ARG A 90 -5.49 -19.48 -7.92
C ARG A 90 -6.92 -19.40 -8.42
N ILE A 91 -7.27 -18.33 -9.16
CA ILE A 91 -8.62 -18.26 -9.70
C ILE A 91 -8.80 -19.32 -10.80
N ALA A 92 -7.77 -19.61 -11.60
CA ALA A 92 -7.87 -20.66 -12.60
C ALA A 92 -8.21 -22.00 -11.97
N ALA A 93 -7.53 -22.33 -10.87
CA ALA A 93 -7.72 -23.63 -10.22
C ALA A 93 -9.10 -23.74 -9.59
N LEU A 94 -9.59 -22.64 -8.99
CA LEU A 94 -10.91 -22.62 -8.38
C LEU A 94 -12.00 -22.75 -9.43
N GLU A 95 -11.76 -22.25 -10.65
CA GLU A 95 -12.77 -22.33 -11.69
C GLU A 95 -12.61 -23.60 -12.54
N GLY A 96 -11.50 -24.32 -12.36
CA GLY A 96 -11.20 -25.49 -13.16
C GLY A 96 -10.66 -25.13 -14.55
N GLY A 97 -10.11 -23.93 -14.74
CA GLY A 97 -9.55 -23.57 -16.03
C GLY A 97 -8.08 -23.92 -16.10
N ALA A 98 -7.46 -23.72 -17.26
CA ALA A 98 -6.05 -24.02 -17.45
C ALA A 98 -5.18 -22.80 -17.12
N ALA A 99 -5.71 -21.59 -17.33
CA ALA A 99 -4.89 -20.41 -17.08
C ALA A 99 -5.77 -19.17 -16.97
N ALA A 100 -5.23 -18.09 -16.43
CA ALA A 100 -6.02 -16.89 -16.29
C ALA A 100 -5.12 -15.66 -16.44
N LEU A 101 -5.78 -14.50 -16.51
CA LEU A 101 -5.15 -13.23 -16.64
C LEU A 101 -5.89 -12.18 -15.81
N ALA A 102 -5.15 -11.40 -15.02
CA ALA A 102 -5.69 -10.36 -14.17
C ALA A 102 -5.63 -9.03 -14.91
N VAL A 103 -6.66 -8.20 -14.78
CA VAL A 103 -6.71 -6.93 -15.50
C VAL A 103 -7.39 -5.95 -14.58
N SER A 104 -7.46 -4.68 -15.00
CA SER A 104 -7.69 -3.58 -14.10
C SER A 104 -9.13 -3.51 -13.58
N SER A 105 -10.09 -4.13 -14.26
CA SER A 105 -11.46 -4.10 -13.80
C SER A 105 -12.21 -5.26 -14.43
N GLY A 106 -13.41 -5.54 -13.90
CA GLY A 106 -14.38 -6.40 -14.55
C GLY A 106 -14.71 -5.93 -15.96
N GLN A 107 -14.97 -4.65 -16.13
CA GLN A 107 -15.26 -4.13 -17.46
C GLN A 107 -14.13 -4.47 -18.41
N ALA A 108 -12.88 -4.27 -17.99
CA ALA A 108 -11.75 -4.56 -18.86
C ALA A 108 -11.65 -6.06 -19.16
N ALA A 109 -12.03 -6.92 -18.20
CA ALA A 109 -11.97 -8.35 -18.40
C ALA A 109 -12.91 -8.74 -19.54
N GLN A 110 -14.08 -8.12 -19.54
CA GLN A 110 -15.09 -8.42 -20.53
C GLN A 110 -14.69 -7.87 -21.89
N THR A 111 -14.16 -6.66 -21.88
CA THR A 111 -13.67 -6.01 -23.10
C THR A 111 -12.59 -6.86 -23.72
N LEU A 112 -11.50 -7.16 -23.00
CA LEU A 112 -10.43 -7.95 -23.61
C LEU A 112 -10.89 -9.36 -23.98
N ALA A 113 -11.85 -9.91 -23.24
CA ALA A 113 -12.20 -11.30 -23.47
C ALA A 113 -12.86 -11.40 -24.85
N ILE A 114 -13.73 -10.44 -25.13
CA ILE A 114 -14.43 -10.35 -26.39
C ILE A 114 -13.48 -9.88 -27.49
N GLN A 115 -12.53 -9.00 -27.21
CA GLN A 115 -11.67 -8.46 -28.27
C GLN A 115 -10.62 -9.52 -28.66
N GLY A 116 -10.44 -10.55 -27.82
CA GLY A 116 -9.60 -11.66 -28.22
C GLY A 116 -10.32 -12.61 -29.18
N LEU A 117 -11.63 -12.41 -29.40
CA LEU A 117 -12.44 -13.34 -30.19
C LEU A 117 -12.93 -12.61 -31.44
N ALA A 118 -13.57 -11.44 -31.26
CA ALA A 118 -14.26 -10.72 -32.32
C ALA A 118 -13.48 -9.48 -32.76
N HIS A 119 -13.45 -9.25 -34.09
CA HIS A 119 -12.79 -8.12 -34.75
C HIS A 119 -13.87 -7.32 -35.47
N THR A 120 -13.51 -6.23 -36.14
CA THR A 120 -14.50 -5.36 -36.75
C THR A 120 -15.18 -6.08 -37.90
N GLY A 121 -16.52 -5.99 -37.94
CA GLY A 121 -17.32 -6.76 -38.88
C GLY A 121 -17.94 -8.00 -38.24
N ASP A 122 -17.44 -8.41 -37.06
CA ASP A 122 -17.89 -9.63 -36.42
C ASP A 122 -19.13 -9.34 -35.58
N ASN A 123 -19.70 -10.40 -35.03
CA ASN A 123 -20.84 -10.27 -34.16
C ASN A 123 -20.67 -11.19 -32.96
N ILE A 124 -21.42 -10.90 -31.91
CA ILE A 124 -21.47 -11.79 -30.77
C ILE A 124 -22.93 -11.93 -30.40
N VAL A 125 -23.20 -13.01 -29.67
CA VAL A 125 -24.56 -13.26 -29.24
C VAL A 125 -24.59 -13.47 -27.74
N SER A 126 -25.51 -12.73 -27.11
CA SER A 126 -25.54 -12.47 -25.68
C SER A 126 -26.97 -12.63 -25.19
N THR A 127 -27.15 -13.18 -23.98
CA THR A 127 -28.37 -12.94 -23.23
C THR A 127 -28.66 -11.43 -23.21
N SER A 128 -29.94 -11.03 -23.09
CA SER A 128 -30.29 -9.63 -22.85
C SER A 128 -30.40 -9.33 -21.34
N TYR A 129 -30.20 -10.36 -20.50
CA TYR A 129 -30.21 -10.27 -19.04
C TYR A 129 -28.81 -9.89 -18.57
N LEU A 130 -28.45 -8.63 -18.84
CA LEU A 130 -27.10 -8.16 -18.64
C LEU A 130 -27.07 -7.21 -17.45
N TYR A 131 -26.00 -7.36 -16.65
CA TYR A 131 -25.46 -6.27 -15.85
C TYR A 131 -25.51 -4.95 -16.62
N GLY A 132 -25.92 -3.86 -15.93
CA GLY A 132 -26.15 -2.59 -16.60
C GLY A 132 -24.97 -2.14 -17.47
N GLY A 133 -23.77 -2.21 -16.89
CA GLY A 133 -22.58 -1.72 -17.59
C GLY A 133 -22.19 -2.60 -18.77
N THR A 134 -22.56 -3.89 -18.74
CA THR A 134 -22.24 -4.80 -19.83
C THR A 134 -23.10 -4.45 -21.06
N TYR A 135 -24.34 -4.03 -20.79
CA TYR A 135 -25.27 -3.65 -21.84
C TYR A 135 -24.71 -2.49 -22.66
N ASN A 136 -24.48 -1.33 -22.04
CA ASN A 136 -23.92 -0.20 -22.77
C ASN A 136 -22.61 -0.56 -23.44
N GLN A 137 -21.79 -1.39 -22.77
CA GLN A 137 -20.48 -1.76 -23.28
C GLN A 137 -20.70 -2.46 -24.64
N PHE A 138 -21.60 -3.44 -24.61
CA PHE A 138 -21.97 -4.25 -25.76
C PHE A 138 -22.72 -3.44 -26.82
N LYS A 139 -23.77 -2.74 -26.40
CA LYS A 139 -24.65 -2.06 -27.33
C LYS A 139 -23.90 -0.90 -27.97
N ILE A 140 -23.23 -0.06 -27.16
CA ILE A 140 -22.68 1.21 -27.65
C ILE A 140 -21.19 1.10 -27.93
N SER A 141 -20.37 0.68 -26.93
CA SER A 141 -18.92 0.70 -27.08
C SER A 141 -18.41 -0.29 -28.12
N PHE A 142 -18.88 -1.53 -28.07
CA PHE A 142 -18.47 -2.54 -29.04
C PHE A 142 -18.89 -2.15 -30.46
N LYS A 143 -20.02 -1.46 -30.62
CA LYS A 143 -20.44 -0.99 -31.93
C LYS A 143 -19.39 -0.06 -32.54
N ARG A 144 -18.82 0.86 -31.77
CA ARG A 144 -17.75 1.71 -32.27
C ARG A 144 -16.55 0.87 -32.76
N PHE A 145 -16.36 -0.34 -32.22
CA PHE A 145 -15.27 -1.20 -32.67
C PHE A 145 -15.72 -2.07 -33.85
N GLY A 146 -16.96 -1.89 -34.32
CA GLY A 146 -17.44 -2.69 -35.45
C GLY A 146 -17.88 -4.10 -35.04
N ILE A 147 -18.09 -4.32 -33.75
CA ILE A 147 -18.58 -5.58 -33.24
C ILE A 147 -20.06 -5.43 -32.94
N GLU A 148 -20.87 -6.30 -33.55
CA GLU A 148 -22.31 -6.22 -33.40
C GLU A 148 -22.72 -7.16 -32.28
N ALA A 149 -23.43 -6.62 -31.30
CA ALA A 149 -23.96 -7.43 -30.22
C ALA A 149 -25.41 -7.78 -30.55
N ARG A 150 -25.70 -9.08 -30.66
CA ARG A 150 -27.05 -9.55 -30.96
C ARG A 150 -27.62 -10.13 -29.68
N PHE A 151 -28.69 -9.50 -29.21
CA PHE A 151 -29.31 -9.86 -27.94
C PHE A 151 -30.49 -10.79 -28.17
N VAL A 152 -30.62 -11.75 -27.28
CA VAL A 152 -31.50 -12.89 -27.43
C VAL A 152 -32.22 -13.07 -26.12
N GLU A 153 -33.52 -12.73 -26.12
CA GLU A 153 -34.37 -12.82 -24.95
C GLU A 153 -34.71 -14.28 -24.67
N GLY A 154 -34.85 -14.59 -23.38
CA GLY A 154 -35.11 -15.95 -22.93
C GLY A 154 -33.90 -16.85 -23.12
N ASP A 155 -33.98 -18.06 -22.55
CA ASP A 155 -32.92 -19.04 -22.63
C ASP A 155 -33.46 -20.27 -23.35
N ASN A 156 -34.27 -20.00 -24.39
CA ASN A 156 -34.47 -20.97 -25.45
C ASN A 156 -33.18 -21.03 -26.26
N PRO A 157 -32.53 -22.19 -26.44
CA PRO A 157 -31.39 -22.34 -27.35
C PRO A 157 -31.67 -22.12 -28.85
N GLU A 158 -32.93 -22.21 -29.29
CA GLU A 158 -33.27 -21.97 -30.68
C GLU A 158 -33.18 -20.48 -31.01
N GLU A 159 -33.50 -19.62 -30.04
CA GLU A 159 -33.31 -18.19 -30.16
C GLU A 159 -31.83 -17.81 -30.41
N PHE A 160 -30.88 -18.58 -29.86
CA PHE A 160 -29.45 -18.32 -30.06
C PHE A 160 -29.04 -18.66 -31.49
N GLU A 161 -29.40 -19.88 -31.91
CA GLU A 161 -29.07 -20.39 -33.23
C GLU A 161 -29.67 -19.51 -34.32
N LYS A 162 -30.90 -19.03 -34.08
CA LYS A 162 -31.54 -18.12 -35.02
C LYS A 162 -30.51 -17.13 -35.54
N VAL A 163 -29.72 -16.52 -34.64
CA VAL A 163 -29.01 -15.29 -35.00
C VAL A 163 -27.54 -15.56 -35.22
N PHE A 164 -27.12 -16.84 -35.29
CA PHE A 164 -25.74 -17.17 -35.65
C PHE A 164 -25.50 -16.99 -37.15
N ASP A 165 -24.32 -16.48 -37.52
CA ASP A 165 -23.76 -16.67 -38.84
C ASP A 165 -22.29 -17.07 -38.68
N GLU A 166 -21.48 -17.03 -39.74
CA GLU A 166 -20.14 -17.54 -39.60
C GLU A 166 -19.22 -16.40 -39.14
N ARG A 167 -19.77 -15.19 -38.95
CA ARG A 167 -19.02 -14.13 -38.30
C ARG A 167 -19.42 -13.95 -36.83
N THR A 168 -20.19 -14.89 -36.27
CA THR A 168 -20.40 -14.96 -34.83
C THR A 168 -19.17 -15.52 -34.12
N LYS A 169 -18.56 -14.71 -33.21
CA LYS A 169 -17.32 -15.11 -32.60
C LYS A 169 -17.46 -15.47 -31.12
N ALA A 170 -18.65 -15.27 -30.54
CA ALA A 170 -18.86 -15.71 -29.17
C ALA A 170 -20.33 -15.78 -28.80
N VAL A 171 -20.64 -16.64 -27.84
CA VAL A 171 -21.87 -16.51 -27.10
C VAL A 171 -21.51 -16.15 -25.66
N TYR A 172 -22.27 -15.21 -25.09
CA TYR A 172 -22.00 -14.59 -23.82
C TYR A 172 -23.17 -14.83 -22.87
N LEU A 173 -22.88 -15.36 -21.69
CA LEU A 173 -23.88 -15.57 -20.66
C LEU A 173 -23.40 -14.98 -19.32
N GLU A 174 -24.36 -14.79 -18.42
CA GLU A 174 -24.16 -14.52 -17.02
C GLU A 174 -24.62 -15.70 -16.17
N THR A 175 -23.80 -16.16 -15.21
CA THR A 175 -24.23 -17.25 -14.35
C THR A 175 -25.55 -16.95 -13.63
N ILE A 176 -25.69 -15.75 -13.10
CA ILE A 176 -26.96 -15.33 -12.51
C ILE A 176 -27.22 -13.96 -13.09
N GLY A 177 -28.21 -13.87 -13.99
CA GLY A 177 -28.43 -12.69 -14.81
C GLY A 177 -29.22 -11.60 -14.09
N ASN A 178 -29.11 -10.38 -14.59
CA ASN A 178 -29.74 -9.23 -13.96
C ASN A 178 -30.89 -8.79 -14.86
N PRO A 179 -31.97 -8.21 -14.31
CA PRO A 179 -32.13 -8.05 -12.86
C PRO A 179 -33.04 -9.09 -12.20
N LYS A 180 -33.26 -10.23 -12.86
CA LYS A 180 -34.24 -11.20 -12.42
C LYS A 180 -33.60 -12.51 -11.91
N TYR A 181 -32.27 -12.60 -11.91
CA TYR A 181 -31.54 -13.69 -11.26
C TYR A 181 -31.83 -15.03 -11.93
N ASN A 182 -31.91 -15.00 -13.26
CA ASN A 182 -32.08 -16.19 -14.06
C ASN A 182 -30.72 -16.86 -14.32
N VAL A 183 -30.68 -18.15 -14.10
CA VAL A 183 -29.49 -18.94 -14.35
C VAL A 183 -29.72 -19.60 -15.69
N PRO A 184 -28.79 -19.54 -16.66
CA PRO A 184 -29.02 -20.12 -17.98
C PRO A 184 -28.86 -21.63 -17.97
N ASP A 185 -29.35 -22.25 -19.05
CA ASP A 185 -29.23 -23.68 -19.25
C ASP A 185 -27.88 -23.92 -19.92
N PHE A 186 -26.85 -23.97 -19.10
CA PHE A 186 -25.49 -24.08 -19.61
C PHE A 186 -25.42 -25.21 -20.64
N GLU A 187 -25.94 -26.39 -20.29
CA GLU A 187 -25.73 -27.59 -21.09
C GLU A 187 -26.29 -27.42 -22.50
N LYS A 188 -27.46 -26.80 -22.63
CA LYS A 188 -28.13 -26.70 -23.91
C LYS A 188 -27.49 -25.61 -24.76
N ILE A 189 -27.22 -24.46 -24.15
CA ILE A 189 -26.65 -23.33 -24.87
C ILE A 189 -25.23 -23.67 -25.33
N VAL A 190 -24.44 -24.32 -24.49
CA VAL A 190 -23.11 -24.74 -24.89
C VAL A 190 -23.20 -25.69 -26.07
N ALA A 191 -24.11 -26.65 -25.99
CA ALA A 191 -24.19 -27.71 -26.98
C ALA A 191 -24.36 -27.06 -28.35
N ILE A 192 -25.32 -26.12 -28.41
CA ILE A 192 -25.74 -25.53 -29.66
C ILE A 192 -24.65 -24.57 -30.20
N ALA A 193 -23.96 -23.84 -29.31
CA ALA A 193 -22.90 -22.95 -29.76
C ALA A 193 -21.68 -23.73 -30.24
N HIS A 194 -21.30 -24.79 -29.54
CA HIS A 194 -20.19 -25.62 -29.95
C HIS A 194 -20.49 -26.33 -31.27
N LYS A 195 -21.76 -26.67 -31.53
CA LYS A 195 -22.11 -27.30 -32.79
C LYS A 195 -21.67 -26.41 -33.96
N HIS A 196 -21.88 -25.10 -33.82
CA HIS A 196 -21.56 -24.13 -34.85
C HIS A 196 -20.13 -23.59 -34.71
N GLY A 197 -19.27 -24.28 -33.93
CA GLY A 197 -17.92 -23.80 -33.69
C GLY A 197 -17.82 -22.40 -33.08
N ILE A 198 -18.64 -22.08 -32.06
CA ILE A 198 -18.62 -20.77 -31.40
C ILE A 198 -18.31 -20.94 -29.91
N PRO A 199 -17.28 -20.25 -29.37
CA PRO A 199 -16.93 -20.39 -27.96
C PRO A 199 -17.91 -19.64 -27.04
N VAL A 200 -18.08 -20.16 -25.83
CA VAL A 200 -19.01 -19.60 -24.87
C VAL A 200 -18.21 -18.91 -23.77
N VAL A 201 -18.55 -17.63 -23.54
CA VAL A 201 -17.95 -16.76 -22.56
C VAL A 201 -18.99 -16.55 -21.47
N VAL A 202 -18.61 -16.77 -20.21
CA VAL A 202 -19.55 -16.62 -19.11
C VAL A 202 -18.96 -15.68 -18.06
N ASP A 203 -19.71 -14.61 -17.79
CA ASP A 203 -19.49 -13.74 -16.66
C ASP A 203 -19.93 -14.48 -15.42
N ASN A 204 -18.97 -14.99 -14.66
CA ASN A 204 -19.26 -15.78 -13.47
C ASN A 204 -19.11 -14.92 -12.23
N THR A 205 -19.29 -13.60 -12.35
CA THR A 205 -19.09 -12.74 -11.21
C THR A 205 -19.99 -13.19 -10.06
N PHE A 206 -21.27 -13.46 -10.33
CA PHE A 206 -22.21 -13.82 -9.27
C PHE A 206 -22.03 -15.26 -8.80
N GLY A 207 -21.17 -16.05 -9.46
CA GLY A 207 -20.77 -17.37 -8.96
C GLY A 207 -19.65 -17.37 -7.90
N ALA A 208 -19.18 -16.16 -7.52
CA ALA A 208 -18.22 -15.92 -6.46
C ALA A 208 -16.98 -16.79 -6.64
N GLY A 209 -16.18 -16.48 -7.66
CA GLY A 209 -14.89 -17.08 -7.88
C GLY A 209 -14.95 -18.61 -8.02
N GLY A 210 -16.07 -19.13 -8.49
CA GLY A 210 -16.20 -20.56 -8.61
C GLY A 210 -16.94 -21.21 -7.45
N TYR A 211 -17.25 -20.47 -6.40
CA TYR A 211 -17.83 -21.15 -5.25
C TYR A 211 -19.27 -21.64 -5.50
N PHE A 212 -20.14 -20.82 -6.10
CA PHE A 212 -21.55 -21.13 -6.34
C PHE A 212 -21.75 -21.79 -7.70
N CYS A 213 -20.77 -21.67 -8.60
CA CYS A 213 -20.86 -22.29 -9.90
C CYS A 213 -19.52 -22.25 -10.62
N GLN A 214 -19.19 -23.34 -11.31
CA GLN A 214 -18.00 -23.42 -12.13
C GLN A 214 -18.39 -23.69 -13.58
N PRO A 215 -18.77 -22.65 -14.32
CA PRO A 215 -19.32 -22.84 -15.66
C PRO A 215 -18.46 -23.69 -16.59
N ILE A 216 -17.15 -23.78 -16.35
CA ILE A 216 -16.29 -24.60 -17.20
C ILE A 216 -16.71 -26.08 -17.12
N LYS A 217 -17.10 -26.53 -15.93
CA LYS A 217 -17.64 -27.86 -15.69
C LYS A 217 -18.81 -28.18 -16.64
N TYR A 218 -19.61 -27.17 -16.99
CA TYR A 218 -20.73 -27.36 -17.91
C TYR A 218 -20.38 -27.00 -19.33
N GLY A 219 -19.08 -26.88 -19.67
CA GLY A 219 -18.63 -26.69 -21.05
C GLY A 219 -18.29 -25.24 -21.47
N ALA A 220 -18.41 -24.26 -20.56
CA ALA A 220 -17.97 -22.91 -20.90
C ALA A 220 -16.50 -22.91 -21.29
N ASP A 221 -16.13 -22.04 -22.24
CA ASP A 221 -14.76 -21.94 -22.72
C ASP A 221 -13.96 -20.89 -21.95
N ILE A 222 -14.60 -19.74 -21.70
CA ILE A 222 -13.97 -18.55 -21.17
C ILE A 222 -14.85 -18.05 -20.03
N VAL A 223 -14.23 -17.74 -18.87
CA VAL A 223 -14.95 -17.19 -17.74
C VAL A 223 -14.31 -15.85 -17.36
N THR A 224 -15.16 -14.86 -17.10
CA THR A 224 -14.72 -13.55 -16.69
C THR A 224 -15.34 -13.24 -15.33
N HIS A 225 -14.59 -12.48 -14.52
CA HIS A 225 -15.05 -12.05 -13.21
C HIS A 225 -14.75 -10.57 -13.01
N SER A 226 -15.74 -9.89 -12.40
CA SER A 226 -15.45 -8.69 -11.65
C SER A 226 -14.92 -9.14 -10.29
N ALA A 227 -13.59 -9.04 -10.11
CA ALA A 227 -13.03 -9.49 -8.86
C ALA A 227 -13.29 -8.44 -7.78
N THR A 228 -13.63 -7.23 -8.21
CA THR A 228 -14.19 -6.20 -7.37
C THR A 228 -15.25 -6.72 -6.39
N LYS A 229 -16.06 -7.71 -6.79
CA LYS A 229 -17.20 -8.09 -5.97
C LYS A 229 -16.75 -9.13 -4.94
N TRP A 230 -17.25 -10.37 -5.00
CA TRP A 230 -17.12 -11.33 -3.91
C TRP A 230 -15.67 -11.79 -3.79
N ILE A 231 -14.91 -11.85 -4.88
CA ILE A 231 -13.55 -12.37 -4.79
C ILE A 231 -12.74 -11.49 -3.85
N GLY A 232 -12.76 -10.18 -4.07
CA GLY A 232 -12.13 -9.22 -3.18
C GLY A 232 -12.82 -9.21 -1.81
N GLY A 233 -14.13 -8.98 -1.82
CA GLY A 233 -14.97 -9.24 -0.66
C GLY A 233 -15.16 -8.06 0.28
N HIS A 234 -14.42 -6.95 0.11
CA HIS A 234 -14.37 -5.89 1.11
C HIS A 234 -14.69 -4.49 0.55
N GLY A 235 -15.07 -4.38 -0.74
CA GLY A 235 -15.30 -3.09 -1.36
C GLY A 235 -14.04 -2.22 -1.45
N THR A 236 -12.83 -2.79 -1.41
CA THR A 236 -11.65 -1.95 -1.39
C THR A 236 -11.01 -1.83 -2.77
N THR A 237 -11.16 -2.86 -3.62
CA THR A 237 -10.28 -3.07 -4.74
C THR A 237 -11.08 -3.45 -5.98
N ILE A 238 -10.82 -2.74 -7.07
CA ILE A 238 -11.31 -3.00 -8.40
C ILE A 238 -10.32 -3.91 -9.13
N GLY A 239 -10.85 -4.88 -9.87
CA GLY A 239 -10.02 -5.82 -10.61
C GLY A 239 -10.89 -6.76 -11.42
N GLY A 240 -10.31 -7.29 -12.50
CA GLY A 240 -10.98 -8.25 -13.37
C GLY A 240 -10.12 -9.49 -13.60
N ILE A 241 -10.76 -10.59 -13.97
CA ILE A 241 -9.99 -11.78 -14.31
C ILE A 241 -10.61 -12.42 -15.53
N ILE A 242 -9.76 -12.97 -16.39
CA ILE A 242 -10.19 -13.81 -17.48
C ILE A 242 -9.59 -15.18 -17.29
N VAL A 243 -10.43 -16.21 -17.40
CA VAL A 243 -10.05 -17.59 -17.22
C VAL A 243 -10.34 -18.36 -18.51
N ASP A 244 -9.30 -19.02 -19.04
CA ASP A 244 -9.37 -19.86 -20.22
C ASP A 244 -9.45 -21.32 -19.78
N SER A 245 -10.48 -22.04 -20.22
CA SER A 245 -10.62 -23.47 -19.99
C SER A 245 -9.54 -24.25 -20.75
N GLY A 246 -9.18 -23.73 -21.92
CA GLY A 246 -8.23 -24.37 -22.81
C GLY A 246 -8.82 -25.60 -23.52
N LYS A 247 -10.14 -25.64 -23.66
CA LYS A 247 -10.81 -26.79 -24.25
C LYS A 247 -11.50 -26.40 -25.56
N PHE A 248 -11.34 -25.16 -26.01
CA PHE A 248 -11.99 -24.78 -27.26
C PHE A 248 -10.97 -25.02 -28.34
N PRO A 249 -11.33 -25.74 -29.43
CA PRO A 249 -10.37 -26.24 -30.41
C PRO A 249 -10.25 -25.23 -31.55
N TRP A 250 -9.34 -24.26 -31.34
CA TRP A 250 -9.07 -23.14 -32.22
C TRP A 250 -8.62 -23.63 -33.61
N LYS A 251 -7.82 -24.71 -33.63
CA LYS A 251 -7.25 -25.33 -34.83
C LYS A 251 -8.32 -25.73 -35.84
N ASP A 252 -9.47 -26.17 -35.35
CA ASP A 252 -10.57 -26.60 -36.22
C ASP A 252 -11.32 -25.42 -36.82
N TYR A 253 -11.01 -24.18 -36.41
CA TYR A 253 -11.63 -23.01 -37.04
C TYR A 253 -10.59 -21.96 -37.39
N PRO A 254 -9.66 -22.30 -38.31
CA PRO A 254 -8.58 -21.41 -38.71
C PRO A 254 -9.00 -20.08 -39.34
N GLU A 255 -10.21 -19.99 -39.90
CA GLU A 255 -10.61 -18.78 -40.61
C GLU A 255 -11.62 -17.96 -39.81
N LYS A 256 -12.29 -18.59 -38.85
CA LYS A 256 -13.19 -17.86 -37.98
C LYS A 256 -12.38 -17.12 -36.92
N PHE A 257 -11.21 -17.70 -36.59
CA PHE A 257 -10.32 -17.22 -35.55
C PHE A 257 -8.90 -17.17 -36.14
N PRO A 258 -8.69 -16.25 -37.11
CA PRO A 258 -7.35 -16.04 -37.71
C PRO A 258 -6.25 -15.57 -36.76
N GLN A 259 -6.62 -14.89 -35.67
CA GLN A 259 -5.64 -14.40 -34.72
C GLN A 259 -4.89 -15.59 -34.09
N PHE A 260 -5.45 -16.81 -34.12
CA PHE A 260 -4.73 -17.96 -33.56
C PHE A 260 -4.03 -18.80 -34.64
N SER A 261 -4.43 -18.65 -35.92
CA SER A 261 -4.03 -19.59 -36.97
C SER A 261 -3.05 -18.97 -37.96
N GLN A 262 -3.03 -17.62 -38.04
CA GLN A 262 -2.19 -16.89 -38.98
C GLN A 262 -1.01 -16.26 -38.26
N PRO A 263 0.14 -16.05 -38.94
CA PRO A 263 1.30 -15.45 -38.29
C PRO A 263 0.96 -14.09 -37.70
N ALA A 264 1.32 -13.91 -36.43
CA ALA A 264 1.01 -12.72 -35.67
C ALA A 264 2.07 -11.68 -35.98
N GLU A 265 1.65 -10.67 -36.72
CA GLU A 265 2.55 -9.65 -37.19
C GLU A 265 3.02 -8.85 -35.96
N GLY A 266 2.16 -8.71 -34.95
CA GLY A 266 2.50 -7.98 -33.75
C GLY A 266 3.19 -8.82 -32.69
N TYR A 267 3.52 -10.08 -33.01
CA TYR A 267 4.25 -10.95 -32.08
C TYR A 267 5.18 -11.93 -32.80
N HIS A 268 6.14 -11.37 -33.58
CA HIS A 268 7.33 -12.09 -34.04
C HIS A 268 6.96 -13.19 -35.04
N GLY A 269 5.82 -13.08 -35.72
CA GLY A 269 5.38 -14.10 -36.67
C GLY A 269 4.81 -15.37 -36.05
N THR A 270 4.73 -15.46 -34.71
CA THR A 270 4.21 -16.63 -34.02
C THR A 270 2.84 -17.02 -34.57
N ILE A 271 2.59 -18.34 -34.70
CA ILE A 271 1.26 -18.87 -34.87
C ILE A 271 0.81 -19.47 -33.55
N TYR A 272 -0.18 -18.82 -32.90
CA TYR A 272 -0.46 -19.07 -31.49
C TYR A 272 -0.88 -20.53 -31.30
N ASN A 273 -1.65 -21.06 -32.25
CA ASN A 273 -2.08 -22.46 -32.21
C ASN A 273 -0.90 -23.43 -32.23
N GLU A 274 0.17 -23.06 -32.94
CA GLU A 274 1.34 -23.94 -33.05
C GLU A 274 2.23 -23.80 -31.82
N ALA A 275 2.52 -22.56 -31.39
CA ALA A 275 3.44 -22.30 -30.28
C ALA A 275 2.81 -22.58 -28.91
N TYR A 276 1.50 -22.39 -28.72
CA TYR A 276 0.94 -22.46 -27.36
C TYR A 276 -0.24 -23.42 -27.31
N GLY A 277 -0.58 -24.04 -28.44
CA GLY A 277 -1.54 -25.12 -28.41
C GLY A 277 -2.84 -24.71 -27.74
N ASN A 278 -3.19 -25.37 -26.65
CA ASN A 278 -4.52 -25.22 -26.08
C ASN A 278 -4.65 -23.91 -25.28
N LEU A 279 -3.52 -23.19 -25.08
CA LEU A 279 -3.51 -21.92 -24.36
C LEU A 279 -3.42 -20.74 -25.33
N ALA A 280 -3.74 -20.95 -26.62
CA ALA A 280 -3.57 -19.91 -27.61
C ALA A 280 -4.40 -18.64 -27.29
N TYR A 281 -5.65 -18.81 -26.88
CA TYR A 281 -6.52 -17.68 -26.56
C TYR A 281 -5.85 -16.81 -25.50
N ILE A 282 -5.49 -17.44 -24.36
CA ILE A 282 -5.13 -16.65 -23.20
C ILE A 282 -3.77 -16.01 -23.47
N VAL A 283 -2.89 -16.72 -24.16
CA VAL A 283 -1.57 -16.17 -24.45
C VAL A 283 -1.70 -14.98 -25.40
N HIS A 284 -2.58 -15.11 -26.41
CA HIS A 284 -2.82 -14.01 -27.33
C HIS A 284 -3.36 -12.79 -26.56
N VAL A 285 -4.31 -13.02 -25.65
CA VAL A 285 -4.95 -11.93 -24.96
C VAL A 285 -3.87 -11.21 -24.20
N ARG A 286 -2.90 -11.98 -23.67
CA ARG A 286 -1.88 -11.43 -22.82
C ARG A 286 -0.85 -10.70 -23.66
N THR A 287 -0.27 -11.38 -24.65
CA THR A 287 0.94 -10.86 -25.28
C THR A 287 0.59 -9.82 -26.34
N GLU A 288 -0.63 -9.85 -26.87
CA GLU A 288 -1.05 -8.84 -27.82
C GLU A 288 -1.96 -7.78 -27.21
N LEU A 289 -3.10 -8.16 -26.62
CA LEU A 289 -4.14 -7.18 -26.31
C LEU A 289 -3.82 -6.40 -25.04
N LEU A 290 -3.51 -7.13 -23.95
CA LEU A 290 -3.10 -6.55 -22.69
C LEU A 290 -1.92 -5.61 -22.91
N ARG A 291 -0.88 -6.09 -23.60
CA ARG A 291 0.31 -5.28 -23.93
C ARG A 291 -0.06 -4.01 -24.72
N ASP A 292 -0.89 -4.10 -25.77
CA ASP A 292 -1.14 -2.93 -26.64
C ASP A 292 -2.18 -1.98 -26.02
N LEU A 293 -3.20 -2.52 -25.35
CA LEU A 293 -4.32 -1.73 -24.88
C LEU A 293 -4.16 -1.35 -23.41
N GLY A 294 -3.44 -2.17 -22.62
CA GLY A 294 -2.86 -1.67 -21.40
C GLY A 294 -3.73 -1.69 -20.15
N PRO A 295 -4.85 -2.43 -20.02
CA PRO A 295 -5.57 -2.47 -18.73
C PRO A 295 -4.99 -3.42 -17.66
N LEU A 296 -3.77 -3.08 -17.22
CA LEU A 296 -2.98 -3.84 -16.27
C LEU A 296 -3.55 -3.67 -14.86
N MET A 297 -3.58 -4.78 -14.12
CA MET A 297 -3.82 -4.76 -12.69
C MET A 297 -2.54 -4.34 -11.96
N ASN A 298 -2.67 -3.36 -11.06
CA ASN A 298 -1.60 -2.94 -10.18
C ASN A 298 -1.30 -4.06 -9.15
N PRO A 299 -0.03 -4.25 -8.73
CA PRO A 299 0.32 -5.31 -7.77
C PRO A 299 -0.29 -5.14 -6.38
N PHE A 300 -0.61 -3.90 -5.99
CA PHE A 300 -1.31 -3.64 -4.73
C PHE A 300 -2.74 -4.19 -4.83
N ALA A 301 -3.36 -4.05 -6.01
CA ALA A 301 -4.66 -4.67 -6.23
C ALA A 301 -4.53 -6.19 -6.18
N SER A 302 -3.52 -6.76 -6.87
CA SER A 302 -3.35 -8.22 -6.90
C SER A 302 -3.28 -8.73 -5.47
N PHE A 303 -2.46 -8.02 -4.69
CA PHE A 303 -2.21 -8.37 -3.31
C PHE A 303 -3.50 -8.36 -2.47
N LEU A 304 -4.27 -7.27 -2.49
CA LEU A 304 -5.51 -7.24 -1.72
C LEU A 304 -6.52 -8.30 -2.18
N LEU A 305 -6.58 -8.58 -3.49
CA LEU A 305 -7.55 -9.53 -3.99
C LEU A 305 -7.15 -10.93 -3.55
N LEU A 306 -5.85 -11.21 -3.53
CA LEU A 306 -5.35 -12.47 -3.03
C LEU A 306 -5.78 -12.67 -1.59
N GLN A 307 -5.77 -11.60 -0.77
CA GLN A 307 -6.16 -11.69 0.63
C GLN A 307 -7.64 -12.09 0.75
N GLY A 308 -8.50 -11.47 -0.07
CA GLY A 308 -9.89 -11.86 -0.15
C GLY A 308 -10.14 -13.32 -0.57
N VAL A 309 -9.49 -13.78 -1.65
CA VAL A 309 -9.64 -15.15 -2.10
C VAL A 309 -9.43 -16.15 -0.96
N GLU A 310 -8.52 -15.88 -0.06
CA GLU A 310 -8.18 -16.82 0.98
C GLU A 310 -9.39 -17.09 1.90
N THR A 311 -10.40 -16.22 1.95
CA THR A 311 -11.60 -16.49 2.72
C THR A 311 -12.85 -16.62 1.86
N LEU A 312 -12.71 -16.78 0.55
CA LEU A 312 -13.88 -16.74 -0.33
C LEU A 312 -14.97 -17.75 0.06
N SER A 313 -14.60 -19.02 0.26
CA SER A 313 -15.60 -20.04 0.54
C SER A 313 -16.30 -19.74 1.86
N LEU A 314 -15.58 -19.29 2.87
CA LEU A 314 -16.21 -18.91 4.12
C LEU A 314 -17.21 -17.77 3.92
N ARG A 315 -16.84 -16.76 3.13
CA ARG A 315 -17.66 -15.58 3.01
C ARG A 315 -18.90 -15.88 2.17
N ALA A 316 -18.67 -16.49 1.01
CA ALA A 316 -19.72 -16.76 0.04
C ALA A 316 -20.78 -17.70 0.61
N GLU A 317 -20.36 -18.73 1.33
CA GLU A 317 -21.33 -19.57 2.02
C GLU A 317 -22.22 -18.71 2.92
N ARG A 318 -21.65 -17.76 3.65
CA ARG A 318 -22.45 -17.01 4.61
C ARG A 318 -23.35 -16.03 3.87
N HIS A 319 -22.85 -15.49 2.74
CA HIS A 319 -23.64 -14.65 1.89
C HIS A 319 -24.84 -15.40 1.34
N GLY A 320 -24.61 -16.67 0.96
CA GLY A 320 -25.66 -17.48 0.36
C GLY A 320 -26.77 -17.75 1.38
N GLU A 321 -26.35 -18.30 2.52
CA GLU A 321 -27.25 -18.68 3.61
C GLU A 321 -27.98 -17.45 4.15
N ASN A 322 -27.32 -16.30 4.25
CA ASN A 322 -28.01 -15.10 4.71
C ASN A 322 -29.01 -14.64 3.66
N ALA A 323 -28.66 -14.71 2.36
CA ALA A 323 -29.54 -14.24 1.31
C ALA A 323 -30.85 -15.05 1.28
N LEU A 324 -30.71 -16.36 1.44
CA LEU A 324 -31.84 -17.26 1.38
C LEU A 324 -32.73 -16.98 2.56
N LYS A 325 -32.15 -16.76 3.74
CA LYS A 325 -32.98 -16.56 4.93
C LYS A 325 -33.65 -15.19 4.89
N LEU A 326 -32.97 -14.19 4.32
CA LEU A 326 -33.61 -12.90 4.10
C LEU A 326 -34.74 -13.10 3.09
N ALA A 327 -34.49 -13.81 1.99
CA ALA A 327 -35.52 -14.01 0.99
C ALA A 327 -36.77 -14.66 1.61
N LYS A 328 -36.60 -15.75 2.34
CA LYS A 328 -37.72 -16.45 2.95
C LYS A 328 -38.50 -15.54 3.87
N TRP A 329 -37.80 -14.77 4.69
CA TRP A 329 -38.45 -13.83 5.59
C TRP A 329 -39.23 -12.77 4.82
N LEU A 330 -38.67 -12.22 3.75
CA LEU A 330 -39.38 -11.15 3.02
C LEU A 330 -40.67 -11.73 2.45
N GLU A 331 -40.57 -12.99 2.02
CA GLU A 331 -41.69 -13.74 1.48
C GLU A 331 -42.83 -13.96 2.50
N GLN A 332 -42.65 -13.68 3.80
CA GLN A 332 -43.68 -13.82 4.82
C GLN A 332 -44.07 -12.43 5.34
N SER A 333 -43.54 -11.35 4.76
CA SER A 333 -43.70 -10.06 5.40
C SER A 333 -44.93 -9.35 4.85
N PRO A 334 -45.77 -8.77 5.74
CA PRO A 334 -46.94 -8.02 5.30
C PRO A 334 -46.61 -6.77 4.48
N TYR A 335 -45.34 -6.34 4.49
CA TYR A 335 -44.92 -5.09 3.87
C TYR A 335 -44.36 -5.32 2.46
N VAL A 336 -44.34 -6.58 2.02
CA VAL A 336 -43.66 -6.96 0.79
C VAL A 336 -44.71 -7.39 -0.24
N SER A 337 -44.51 -7.05 -1.52
CA SER A 337 -45.40 -7.55 -2.56
C SER A 337 -44.77 -8.70 -3.32
N TRP A 338 -43.46 -8.73 -3.51
CA TRP A 338 -42.85 -9.86 -4.17
C TRP A 338 -41.37 -9.91 -3.80
N VAL A 339 -40.76 -11.06 -4.09
CA VAL A 339 -39.36 -11.29 -3.78
C VAL A 339 -38.76 -12.07 -4.91
N SER A 340 -37.56 -11.70 -5.34
CA SER A 340 -36.92 -12.45 -6.41
C SER A 340 -35.57 -12.97 -5.91
N TYR A 341 -35.38 -14.28 -5.93
CA TYR A 341 -34.13 -14.90 -5.49
C TYR A 341 -34.15 -16.32 -6.01
N PRO A 342 -33.08 -16.73 -6.73
CA PRO A 342 -33.01 -18.05 -7.36
C PRO A 342 -33.21 -19.27 -6.48
N GLY A 343 -32.92 -19.16 -5.17
CA GLY A 343 -33.07 -20.27 -4.25
C GLY A 343 -34.50 -20.39 -3.69
N LEU A 344 -35.41 -19.47 -4.06
CA LEU A 344 -36.81 -19.65 -3.70
C LEU A 344 -37.49 -20.59 -4.71
N ALA A 345 -38.33 -21.51 -4.18
CA ALA A 345 -39.07 -22.44 -5.03
C ALA A 345 -40.04 -21.75 -5.99
N SER A 346 -40.48 -20.53 -5.69
CA SER A 346 -41.39 -19.76 -6.54
C SER A 346 -40.70 -19.08 -7.71
N HIS A 347 -39.37 -19.14 -7.79
CA HIS A 347 -38.66 -18.42 -8.84
C HIS A 347 -38.80 -19.19 -10.15
N SER A 348 -38.98 -18.47 -11.26
CA SER A 348 -39.23 -19.10 -12.54
C SER A 348 -38.05 -19.96 -13.01
N HIS A 349 -36.83 -19.71 -12.51
CA HIS A 349 -35.68 -20.44 -13.03
C HIS A 349 -35.09 -21.34 -11.95
N HIS A 350 -35.90 -21.65 -10.93
CA HIS A 350 -35.46 -22.42 -9.79
C HIS A 350 -34.84 -23.75 -10.23
N GLU A 351 -35.28 -24.31 -11.36
CA GLU A 351 -34.79 -25.63 -11.77
C GLU A 351 -33.35 -25.59 -12.27
N ASN A 352 -33.07 -24.66 -13.19
CA ASN A 352 -31.72 -24.41 -13.67
C ASN A 352 -30.79 -24.06 -12.53
N ALA A 353 -31.31 -23.22 -11.62
CA ALA A 353 -30.56 -22.79 -10.46
C ALA A 353 -30.10 -24.02 -9.67
N LYS A 354 -31.02 -24.93 -9.38
CA LYS A 354 -30.73 -26.14 -8.62
C LYS A 354 -29.69 -26.99 -9.36
N LYS A 355 -29.75 -27.01 -10.68
CA LYS A 355 -28.92 -27.94 -11.41
C LYS A 355 -27.49 -27.39 -11.59
N TYR A 356 -27.32 -26.08 -11.80
CA TYR A 356 -26.01 -25.52 -12.13
C TYR A 356 -25.30 -24.83 -10.96
N LEU A 357 -26.03 -24.35 -9.95
CA LEU A 357 -25.40 -23.77 -8.78
C LEU A 357 -25.25 -24.84 -7.71
N SER A 358 -24.33 -24.57 -6.78
CA SER A 358 -24.17 -25.39 -5.59
C SER A 358 -23.69 -24.50 -4.46
N ASN A 359 -23.72 -25.07 -3.25
CA ASN A 359 -23.41 -24.36 -2.04
C ASN A 359 -24.28 -23.12 -1.81
N GLY A 360 -25.43 -23.01 -2.48
CA GLY A 360 -26.30 -21.85 -2.32
C GLY A 360 -26.61 -21.20 -3.66
N PHE A 361 -27.19 -19.99 -3.59
CA PHE A 361 -27.88 -19.42 -4.72
C PHE A 361 -27.46 -17.97 -4.95
N GLY A 362 -26.25 -17.60 -4.45
CA GLY A 362 -25.71 -16.27 -4.62
C GLY A 362 -26.14 -15.29 -3.52
N GLY A 363 -25.51 -14.10 -3.54
CA GLY A 363 -25.67 -13.15 -2.46
C GLY A 363 -26.67 -12.04 -2.73
N VAL A 364 -27.34 -12.04 -3.89
CA VAL A 364 -28.18 -10.93 -4.26
C VAL A 364 -29.62 -11.39 -4.45
N LEU A 365 -30.55 -10.60 -3.91
CA LEU A 365 -31.97 -10.73 -4.13
C LEU A 365 -32.56 -9.34 -4.37
N SER A 366 -33.77 -9.31 -4.94
CA SER A 366 -34.59 -8.13 -5.10
C SER A 366 -35.94 -8.42 -4.48
N PHE A 367 -36.59 -7.36 -4.01
CA PHE A 367 -37.97 -7.45 -3.58
C PHE A 367 -38.67 -6.11 -3.82
N GLY A 368 -39.99 -6.19 -3.82
CA GLY A 368 -40.85 -5.05 -3.99
C GLY A 368 -41.57 -4.84 -2.67
N VAL A 369 -41.63 -3.58 -2.28
CA VAL A 369 -42.26 -3.20 -1.04
C VAL A 369 -43.71 -2.79 -1.34
N LYS A 370 -44.60 -3.10 -0.42
CA LYS A 370 -46.00 -2.72 -0.57
C LYS A 370 -46.08 -1.24 -0.90
N ASP A 371 -46.99 -0.84 -1.81
CA ASP A 371 -47.28 0.58 -2.03
C ASP A 371 -47.83 1.23 -0.76
N LEU A 372 -47.49 2.51 -0.59
CA LEU A 372 -48.25 3.40 0.28
C LEU A 372 -49.51 3.84 -0.44
N PRO A 373 -50.61 4.12 0.29
CA PRO A 373 -51.71 4.96 -0.22
C PRO A 373 -51.33 6.15 -1.11
N ASN A 374 -51.98 6.20 -2.30
CA ASN A 374 -51.93 7.26 -3.29
C ASN A 374 -50.71 7.09 -4.19
N ALA A 375 -50.43 5.86 -4.64
CA ALA A 375 -49.11 5.52 -5.17
C ALA A 375 -48.89 6.08 -6.59
N ASP A 376 -49.92 5.98 -7.43
CA ASP A 376 -49.84 6.50 -8.79
C ASP A 376 -50.26 7.96 -8.78
N LYS A 377 -51.10 8.33 -7.79
CA LYS A 377 -51.44 9.73 -7.55
C LYS A 377 -50.17 10.47 -7.16
N GLU A 378 -49.37 9.86 -6.27
CA GLU A 378 -48.04 10.36 -5.96
C GLU A 378 -47.28 10.63 -7.25
N THR A 379 -46.80 11.88 -7.36
CA THR A 379 -46.06 12.39 -8.49
C THR A 379 -44.56 12.40 -8.16
N ASP A 380 -44.27 12.75 -6.89
CA ASP A 380 -42.92 12.83 -6.35
C ASP A 380 -42.37 11.42 -6.10
N PRO A 381 -41.23 11.03 -6.74
CA PRO A 381 -40.56 9.75 -6.45
C PRO A 381 -40.16 9.46 -5.00
N PHE A 382 -39.51 10.42 -4.33
CA PHE A 382 -38.90 10.15 -3.04
C PHE A 382 -39.92 9.73 -1.99
N LYS A 383 -41.23 9.98 -2.19
CA LYS A 383 -42.20 9.53 -1.20
C LYS A 383 -42.72 8.13 -1.53
N LEU A 384 -42.23 7.51 -2.61
CA LEU A 384 -42.62 6.12 -2.87
C LEU A 384 -41.97 5.22 -1.83
N SER A 385 -42.71 4.15 -1.46
CA SER A 385 -42.40 3.28 -0.35
C SER A 385 -40.99 2.68 -0.46
N GLY A 386 -40.54 2.30 -1.67
CA GLY A 386 -39.21 1.75 -1.85
C GLY A 386 -38.08 2.69 -1.43
N ALA A 387 -38.14 3.93 -1.91
CA ALA A 387 -37.14 4.94 -1.56
C ALA A 387 -37.12 5.19 -0.05
N GLN A 388 -38.31 5.25 0.55
CA GLN A 388 -38.51 5.50 1.98
C GLN A 388 -37.94 4.35 2.83
N VAL A 389 -38.19 3.08 2.46
CA VAL A 389 -37.60 1.94 3.15
C VAL A 389 -36.08 2.06 3.15
N VAL A 390 -35.49 2.32 1.97
CA VAL A 390 -34.05 2.36 1.84
C VAL A 390 -33.53 3.50 2.71
N ASP A 391 -34.21 4.63 2.69
CA ASP A 391 -33.80 5.77 3.51
C ASP A 391 -33.76 5.50 5.00
N ASN A 392 -34.62 4.65 5.52
CA ASN A 392 -34.71 4.42 6.96
C ASN A 392 -33.89 3.23 7.44
N LEU A 393 -33.15 2.57 6.52
CA LEU A 393 -32.26 1.48 6.91
C LEU A 393 -31.09 2.05 7.71
N LYS A 394 -30.62 1.31 8.73
CA LYS A 394 -29.52 1.74 9.57
C LYS A 394 -28.30 0.87 9.38
N LEU A 395 -28.46 -0.43 9.16
CA LEU A 395 -27.34 -1.33 9.06
C LEU A 395 -26.91 -1.41 7.59
N ALA A 396 -27.89 -1.56 6.71
CA ALA A 396 -27.57 -1.68 5.30
C ALA A 396 -27.09 -0.31 4.80
N SER A 397 -26.19 -0.32 3.81
CA SER A 397 -25.60 0.90 3.26
C SER A 397 -26.15 1.11 1.85
N ASN A 398 -26.53 2.35 1.57
CA ASN A 398 -27.13 2.69 0.28
C ASN A 398 -26.05 2.95 -0.75
N LEU A 399 -25.60 1.93 -1.48
CA LEU A 399 -24.72 2.14 -2.62
C LEU A 399 -24.75 0.96 -3.59
N ALA A 400 -24.17 1.22 -4.77
CA ALA A 400 -24.34 0.44 -5.99
C ALA A 400 -23.50 -0.83 -6.09
N ASN A 401 -22.44 -1.01 -5.30
CA ASN A 401 -21.64 -2.22 -5.42
C ASN A 401 -22.48 -3.43 -4.96
N VAL A 402 -22.02 -4.63 -5.33
CA VAL A 402 -22.45 -5.85 -4.71
C VAL A 402 -21.19 -6.60 -4.28
N GLY A 403 -21.34 -7.54 -3.36
CA GLY A 403 -20.25 -8.45 -3.05
C GLY A 403 -19.30 -7.93 -1.98
N ASP A 404 -19.74 -6.91 -1.23
CA ASP A 404 -19.03 -6.46 -0.05
C ASP A 404 -19.49 -7.34 1.11
N ALA A 405 -18.64 -7.52 2.12
CA ALA A 405 -19.01 -8.19 3.36
C ALA A 405 -20.14 -7.42 4.06
N LYS A 406 -20.24 -6.11 3.83
CA LYS A 406 -21.35 -5.36 4.41
C LYS A 406 -22.59 -5.56 3.54
N THR A 407 -23.77 -5.53 4.14
CA THR A 407 -24.96 -5.53 3.30
C THR A 407 -25.24 -4.14 2.72
N LEU A 408 -25.61 -4.17 1.44
CA LEU A 408 -25.80 -3.02 0.58
C LEU A 408 -27.17 -3.13 -0.11
N VAL A 409 -27.80 -1.97 -0.33
CA VAL A 409 -29.12 -1.85 -0.89
C VAL A 409 -29.10 -0.72 -1.89
N ILE A 410 -29.93 -0.86 -2.91
CA ILE A 410 -30.16 0.22 -3.85
C ILE A 410 -31.62 0.09 -4.30
N ALA A 411 -32.24 1.25 -4.48
CA ALA A 411 -33.59 1.37 -4.98
C ALA A 411 -33.50 1.92 -6.40
N PRO A 412 -33.08 1.13 -7.40
CA PRO A 412 -32.59 1.68 -8.67
C PRO A 412 -33.44 2.68 -9.44
N TYR A 413 -34.75 2.77 -9.18
CA TYR A 413 -35.56 3.78 -9.85
C TYR A 413 -35.35 5.16 -9.20
N PHE A 414 -34.86 5.18 -7.94
CA PHE A 414 -34.63 6.41 -7.18
C PHE A 414 -33.14 6.80 -7.10
N THR A 415 -32.30 6.18 -7.95
CA THR A 415 -30.93 6.62 -8.18
C THR A 415 -30.55 6.38 -9.65
N THR A 416 -30.28 5.12 -10.01
CA THR A 416 -29.83 4.72 -11.35
C THR A 416 -31.04 4.33 -12.21
N GLY A 429 -36.51 -4.32 -15.80
CA GLY A 429 -37.11 -4.53 -14.46
C GLY A 429 -36.56 -3.54 -13.43
N VAL A 430 -36.81 -2.24 -13.67
CA VAL A 430 -36.35 -1.15 -12.81
C VAL A 430 -37.58 -0.41 -12.29
N THR A 431 -38.54 -1.16 -11.73
CA THR A 431 -39.82 -0.60 -11.31
C THR A 431 -39.64 0.11 -9.95
N LYS A 432 -40.70 0.82 -9.54
CA LYS A 432 -40.64 1.83 -8.48
C LYS A 432 -40.54 1.18 -7.10
N ASP A 433 -41.12 -0.02 -6.96
CA ASP A 433 -41.21 -0.72 -5.70
C ASP A 433 -39.90 -1.44 -5.38
N LEU A 434 -38.93 -1.42 -6.32
CA LEU A 434 -37.85 -2.42 -6.35
C LEU A 434 -36.65 -2.01 -5.47
N ILE A 435 -36.35 -2.86 -4.48
CA ILE A 435 -35.12 -2.78 -3.72
C ILE A 435 -34.25 -3.97 -4.09
N ARG A 436 -33.01 -3.72 -4.51
CA ARG A 436 -32.03 -4.78 -4.69
C ARG A 436 -31.13 -4.82 -3.46
N VAL A 437 -30.86 -6.02 -2.93
CA VAL A 437 -30.05 -6.20 -1.75
C VAL A 437 -28.91 -7.17 -2.07
N SER A 438 -27.67 -6.71 -1.84
CA SER A 438 -26.50 -7.57 -1.79
C SER A 438 -26.34 -7.90 -0.33
N VAL A 439 -26.60 -9.15 0.03
CA VAL A 439 -26.76 -9.52 1.42
C VAL A 439 -25.38 -9.85 1.99
N GLY A 440 -25.06 -9.16 3.09
CA GLY A 440 -23.74 -9.24 3.67
C GLY A 440 -23.64 -10.40 4.67
N ILE A 441 -22.51 -10.50 5.38
CA ILE A 441 -22.28 -11.57 6.33
C ILE A 441 -22.47 -11.09 7.76
N GLU A 442 -23.18 -9.98 7.99
CA GLU A 442 -23.68 -9.69 9.32
C GLU A 442 -24.54 -10.86 9.81
N PHE A 443 -24.75 -10.95 11.12
CA PHE A 443 -25.77 -11.82 11.72
C PHE A 443 -27.14 -11.57 11.11
N ILE A 444 -27.79 -12.66 10.68
CA ILE A 444 -29.01 -12.60 9.90
C ILE A 444 -30.12 -11.86 10.66
N ASP A 445 -30.24 -12.08 11.96
CA ASP A 445 -31.25 -11.41 12.78
C ASP A 445 -31.07 -9.90 12.76
N ASP A 446 -29.81 -9.44 12.62
CA ASP A 446 -29.58 -8.00 12.60
C ASP A 446 -29.98 -7.43 11.25
N ILE A 447 -29.75 -8.18 10.18
CA ILE A 447 -30.16 -7.72 8.85
C ILE A 447 -31.68 -7.61 8.76
N ILE A 448 -32.37 -8.67 9.21
CA ILE A 448 -33.82 -8.72 9.20
C ILE A 448 -34.39 -7.61 10.09
N ALA A 449 -33.93 -7.52 11.33
CA ALA A 449 -34.38 -6.47 12.23
C ALA A 449 -34.24 -5.09 11.58
N ASP A 450 -33.25 -4.93 10.68
CA ASP A 450 -33.03 -3.62 10.10
C ASP A 450 -34.18 -3.30 9.14
N PHE A 451 -34.52 -4.25 8.26
CA PHE A 451 -35.63 -4.07 7.33
C PHE A 451 -36.93 -3.83 8.11
N GLN A 452 -37.12 -4.61 9.20
CA GLN A 452 -38.34 -4.56 9.98
C GLN A 452 -38.56 -3.15 10.54
N GLN A 453 -37.53 -2.58 11.20
CA GLN A 453 -37.67 -1.29 11.86
C GLN A 453 -37.94 -0.22 10.81
N SER A 454 -37.41 -0.38 9.60
CA SER A 454 -37.64 0.59 8.54
C SER A 454 -39.06 0.46 7.96
N PHE A 455 -39.52 -0.76 7.76
CA PHE A 455 -40.88 -0.96 7.29
C PHE A 455 -41.82 -0.30 8.29
N GLU A 456 -41.59 -0.55 9.58
CA GLU A 456 -42.43 -0.01 10.63
C GLU A 456 -42.50 1.51 10.59
N THR A 457 -41.33 2.15 10.44
CA THR A 457 -41.26 3.60 10.31
C THR A 457 -42.06 4.03 9.09
N VAL A 458 -41.75 3.46 7.92
CA VAL A 458 -42.30 3.95 6.66
C VAL A 458 -43.83 3.84 6.63
N PHE A 459 -44.36 2.73 7.16
CA PHE A 459 -45.76 2.37 7.03
C PHE A 459 -46.52 2.65 8.33
N ALA A 460 -46.00 3.54 9.18
CA ALA A 460 -46.64 3.84 10.47
C ALA A 460 -47.91 4.65 10.23
N GLY A 461 -48.91 4.44 11.08
CA GLY A 461 -50.20 5.11 10.96
C GLY A 461 -51.06 4.49 9.86
N GLN A 462 -51.05 3.14 9.80
CA GLN A 462 -51.74 2.36 8.79
C GLN A 462 -51.85 0.91 9.31
N LYS A 463 -52.04 -0.07 8.41
CA LYS A 463 -52.09 -1.48 8.78
C LYS A 463 -51.18 -2.28 7.84
N PRO A 464 -50.10 -2.92 8.38
CA PRO A 464 -48.94 -3.37 7.60
C PRO A 464 -49.08 -3.69 6.10
N MET B 21 28.32 21.42 -6.69
CA MET B 21 27.34 21.00 -5.66
C MET B 21 27.11 19.50 -5.81
N PRO B 22 26.74 18.97 -7.00
CA PRO B 22 26.52 17.53 -7.11
C PRO B 22 27.77 16.72 -6.76
N SER B 23 27.52 15.55 -6.17
CA SER B 23 28.55 14.76 -5.57
C SER B 23 28.09 13.31 -5.49
N HIS B 24 28.96 12.52 -4.88
CA HIS B 24 28.85 11.09 -4.79
C HIS B 24 27.64 10.70 -3.96
N PHE B 25 27.17 11.63 -3.13
CA PHE B 25 25.99 11.45 -2.30
C PHE B 25 24.79 11.11 -3.17
N ASP B 26 24.77 11.70 -4.36
CA ASP B 26 23.69 11.50 -5.32
C ASP B 26 23.63 10.04 -5.82
N THR B 27 24.77 9.37 -5.98
CA THR B 27 24.82 7.97 -6.37
C THR B 27 24.44 7.08 -5.20
N VAL B 28 24.99 7.40 -4.03
CA VAL B 28 24.82 6.54 -2.86
C VAL B 28 23.34 6.44 -2.48
N GLN B 29 22.63 7.58 -2.62
CA GLN B 29 21.25 7.71 -2.20
C GLN B 29 20.36 6.88 -3.11
N LEU B 30 20.88 6.53 -4.29
CA LEU B 30 20.16 5.69 -5.21
C LEU B 30 20.56 4.23 -5.11
N HIS B 31 21.81 3.93 -4.74
CA HIS B 31 22.33 2.58 -5.01
C HIS B 31 22.75 1.80 -3.77
N ALA B 32 23.20 2.46 -2.71
CA ALA B 32 23.71 1.72 -1.57
C ALA B 32 22.62 0.77 -1.06
N GLY B 33 22.98 -0.52 -0.97
CA GLY B 33 22.13 -1.55 -0.38
C GLY B 33 21.31 -2.34 -1.40
N GLN B 34 21.30 -1.90 -2.66
CA GLN B 34 20.63 -2.58 -3.75
C GLN B 34 21.76 -3.10 -4.62
N GLU B 35 22.22 -4.30 -4.27
CA GLU B 35 23.47 -4.85 -4.76
C GLU B 35 23.22 -5.39 -6.18
N ASN B 36 22.44 -6.47 -6.29
CA ASN B 36 22.05 -7.00 -7.60
C ASN B 36 20.71 -6.40 -8.01
N SER B 44 14.22 -8.03 -10.26
CA SER B 44 13.31 -6.88 -9.93
C SER B 44 14.13 -5.61 -9.66
N ARG B 45 13.92 -4.56 -10.47
CA ARG B 45 14.67 -3.31 -10.29
C ARG B 45 14.22 -2.57 -9.04
N ALA B 46 12.90 -2.38 -8.87
CA ALA B 46 12.40 -1.77 -7.64
C ALA B 46 12.39 -2.80 -6.50
N VAL B 47 12.46 -2.29 -5.27
CA VAL B 47 12.48 -3.11 -4.06
C VAL B 47 11.06 -3.63 -3.81
N PRO B 48 10.85 -4.97 -3.71
CA PRO B 48 9.52 -5.50 -3.43
C PRO B 48 9.08 -5.01 -2.05
N ILE B 49 7.77 -4.86 -1.81
CA ILE B 49 7.26 -4.67 -0.46
C ILE B 49 6.95 -6.06 0.14
N TYR B 50 7.84 -6.53 1.05
CA TYR B 50 7.66 -7.83 1.70
C TYR B 50 6.68 -7.75 2.86
N ALA B 51 5.39 -7.64 2.55
CA ALA B 51 4.37 -7.62 3.59
C ALA B 51 4.16 -9.04 4.09
N THR B 52 5.04 -9.47 5.02
CA THR B 52 5.05 -10.82 5.56
C THR B 52 5.51 -10.79 7.02
N THR B 53 4.89 -11.65 7.85
CA THR B 53 5.28 -11.85 9.23
C THR B 53 6.22 -13.05 9.38
N SER B 54 6.38 -13.86 8.31
CA SER B 54 7.10 -15.12 8.39
C SER B 54 7.95 -15.35 7.13
N TYR B 55 8.95 -16.24 7.25
CA TYR B 55 9.99 -16.42 6.26
C TYR B 55 10.33 -17.91 6.06
N ASN B 81 13.47 -7.88 7.64
CA ASN B 81 12.64 -7.40 6.51
C ASN B 81 13.53 -6.77 5.43
N PRO B 82 13.58 -7.31 4.17
CA PRO B 82 14.59 -6.87 3.19
C PRO B 82 14.43 -5.44 2.70
N THR B 83 13.20 -4.93 2.73
CA THR B 83 12.96 -3.53 2.37
C THR B 83 13.61 -2.62 3.42
N SER B 84 13.38 -2.92 4.71
CA SER B 84 14.01 -2.11 5.74
C SER B 84 15.53 -2.22 5.66
N ASN B 85 16.01 -3.40 5.23
CA ASN B 85 17.43 -3.67 5.22
C ASN B 85 18.12 -2.77 4.19
N VAL B 86 17.51 -2.60 3.02
CA VAL B 86 18.03 -1.67 2.02
C VAL B 86 18.04 -0.25 2.60
N LEU B 87 16.96 0.16 3.26
CA LEU B 87 16.89 1.52 3.79
C LEU B 87 17.95 1.76 4.87
N GLU B 88 18.15 0.75 5.74
CA GLU B 88 19.21 0.83 6.75
C GLU B 88 20.61 0.95 6.14
N GLU B 89 20.96 0.13 5.16
CA GLU B 89 22.30 0.19 4.62
C GLU B 89 22.48 1.57 3.97
N ARG B 90 21.41 2.09 3.39
CA ARG B 90 21.50 3.33 2.64
C ARG B 90 21.78 4.51 3.56
N ILE B 91 21.00 4.60 4.64
CA ILE B 91 21.16 5.71 5.57
C ILE B 91 22.50 5.60 6.28
N ALA B 92 22.94 4.41 6.67
CA ALA B 92 24.33 4.23 7.13
C ALA B 92 25.38 4.71 6.12
N ALA B 93 25.30 4.30 4.86
CA ALA B 93 26.25 4.79 3.87
C ALA B 93 26.15 6.33 3.73
N LEU B 94 24.97 6.90 3.80
CA LEU B 94 24.88 8.35 3.67
C LEU B 94 25.45 9.05 4.89
N GLU B 95 25.39 8.42 6.08
CA GLU B 95 25.92 9.05 7.28
C GLU B 95 27.40 8.72 7.55
N GLY B 96 28.01 7.76 6.82
CA GLY B 96 29.37 7.34 7.13
C GLY B 96 29.40 6.40 8.33
N GLY B 97 28.30 5.67 8.56
CA GLY B 97 28.20 4.73 9.66
C GLY B 97 28.43 3.30 9.18
N ALA B 98 28.45 2.36 10.13
CA ALA B 98 28.78 0.97 9.85
C ALA B 98 27.51 0.19 9.56
N ALA B 99 26.43 0.54 10.27
CA ALA B 99 25.17 -0.18 10.19
C ALA B 99 24.06 0.65 10.83
N ALA B 100 22.82 0.29 10.51
CA ALA B 100 21.71 1.03 11.05
C ALA B 100 20.52 0.12 11.29
N LEU B 101 19.56 0.69 12.00
CA LEU B 101 18.33 -0.01 12.31
C LEU B 101 17.12 0.91 12.11
N ALA B 102 16.09 0.39 11.46
CA ALA B 102 14.90 1.15 11.20
C ALA B 102 13.87 0.79 12.28
N VAL B 103 13.09 1.78 12.71
CA VAL B 103 12.11 1.58 13.77
C VAL B 103 10.90 2.43 13.45
N SER B 104 9.84 2.29 14.23
CA SER B 104 8.53 2.83 13.88
C SER B 104 8.47 4.36 13.81
N SER B 105 9.40 5.09 14.41
CA SER B 105 9.29 6.55 14.49
C SER B 105 10.59 7.12 15.03
N GLY B 106 10.74 8.44 14.88
CA GLY B 106 11.90 9.10 15.44
C GLY B 106 11.95 9.03 16.98
N GLN B 107 10.79 9.11 17.62
CA GLN B 107 10.70 9.02 19.06
C GLN B 107 11.21 7.63 19.48
N ALA B 108 10.84 6.61 18.72
CA ALA B 108 11.25 5.25 19.03
C ALA B 108 12.75 5.10 18.83
N ALA B 109 13.31 5.77 17.79
CA ALA B 109 14.73 5.67 17.54
C ALA B 109 15.50 6.27 18.71
N GLN B 110 15.06 7.43 19.20
CA GLN B 110 15.71 8.06 20.33
C GLN B 110 15.55 7.23 21.59
N THR B 111 14.39 6.61 21.79
CA THR B 111 14.13 5.78 22.95
C THR B 111 15.08 4.57 22.94
N LEU B 112 15.09 3.76 21.87
CA LEU B 112 15.90 2.54 21.86
C LEU B 112 17.39 2.85 21.88
N ALA B 113 17.76 3.96 21.24
CA ALA B 113 19.15 4.37 21.20
C ALA B 113 19.70 4.58 22.61
N ILE B 114 18.95 5.30 23.42
CA ILE B 114 19.30 5.54 24.79
C ILE B 114 19.13 4.28 25.65
N GLN B 115 18.05 3.51 25.45
CA GLN B 115 17.84 2.29 26.23
C GLN B 115 18.93 1.26 25.90
N GLY B 116 19.66 1.42 24.79
CA GLY B 116 20.74 0.50 24.52
C GLY B 116 22.07 0.92 25.16
N LEU B 117 22.05 2.06 25.84
CA LEU B 117 23.20 2.55 26.62
C LEU B 117 22.88 2.55 28.13
N ALA B 118 21.76 3.19 28.53
CA ALA B 118 21.44 3.47 29.93
C ALA B 118 20.31 2.57 30.43
N HIS B 119 20.51 2.09 31.67
CA HIS B 119 19.60 1.23 32.42
C HIS B 119 19.13 2.00 33.66
N THR B 120 18.25 1.44 34.51
CA THR B 120 17.76 2.10 35.73
C THR B 120 18.93 2.42 36.68
N GLY B 121 18.92 3.65 37.25
CA GLY B 121 20.00 4.18 38.09
C GLY B 121 21.07 4.96 37.31
N ASP B 122 21.02 4.92 35.96
CA ASP B 122 22.01 5.57 35.12
C ASP B 122 21.56 6.99 34.83
N ASN B 123 22.45 7.74 34.19
CA ASN B 123 22.08 9.06 33.75
C ASN B 123 22.59 9.25 32.34
N ILE B 124 22.07 10.27 31.68
CA ILE B 124 22.65 10.77 30.45
C ILE B 124 22.73 12.29 30.56
N VAL B 125 23.52 12.88 29.68
CA VAL B 125 23.73 14.31 29.71
C VAL B 125 23.41 14.85 28.34
N SER B 126 22.59 15.91 28.34
CA SER B 126 21.89 16.36 27.15
C SER B 126 21.91 17.86 27.10
N THR B 127 22.11 18.38 25.90
CA THR B 127 21.79 19.75 25.61
C THR B 127 20.35 20.06 26.07
N SER B 128 20.07 21.33 26.33
CA SER B 128 18.75 21.77 26.74
C SER B 128 17.96 22.25 25.53
N TYR B 129 18.66 22.41 24.40
CA TYR B 129 18.12 22.88 23.13
C TYR B 129 17.47 21.71 22.40
N LEU B 130 16.38 21.19 23.00
CA LEU B 130 15.73 19.97 22.54
C LEU B 130 14.45 20.27 21.77
N TYR B 131 14.30 19.58 20.62
CA TYR B 131 13.00 19.34 20.01
C TYR B 131 11.98 18.99 21.10
N GLY B 132 10.79 19.62 21.02
CA GLY B 132 9.80 19.60 22.09
C GLY B 132 9.56 18.20 22.65
N GLY B 133 9.31 17.26 21.73
CA GLY B 133 8.91 15.90 22.09
C GLY B 133 10.03 15.14 22.77
N THR B 134 11.28 15.51 22.47
CA THR B 134 12.43 14.86 23.07
C THR B 134 12.54 15.26 24.55
N TYR B 135 12.19 16.53 24.81
CA TYR B 135 12.35 17.06 26.17
C TYR B 135 11.44 16.31 27.13
N ASN B 136 10.17 16.11 26.77
CA ASN B 136 9.25 15.37 27.61
C ASN B 136 9.67 13.92 27.75
N GLN B 137 10.13 13.32 26.65
CA GLN B 137 10.65 11.97 26.68
C GLN B 137 11.76 11.85 27.73
N PHE B 138 12.72 12.77 27.66
CA PHE B 138 13.90 12.72 28.49
C PHE B 138 13.55 13.03 29.95
N LYS B 139 12.83 14.13 30.17
CA LYS B 139 12.54 14.61 31.52
C LYS B 139 11.53 13.68 32.19
N ILE B 140 10.56 13.14 31.45
CA ILE B 140 9.44 12.48 32.11
C ILE B 140 9.46 10.99 31.85
N SER B 141 9.45 10.57 30.59
CA SER B 141 9.22 9.16 30.41
C SER B 141 10.47 8.37 30.82
N PHE B 142 11.66 8.93 30.58
CA PHE B 142 12.90 8.27 30.96
C PHE B 142 13.03 8.19 32.49
N LYS B 143 12.50 9.19 33.20
CA LYS B 143 12.56 9.17 34.65
C LYS B 143 11.82 7.94 35.15
N ARG B 144 10.67 7.60 34.56
CA ARG B 144 9.94 6.41 34.97
C ARG B 144 10.75 5.12 34.76
N PHE B 145 11.83 5.22 33.95
CA PHE B 145 12.70 4.09 33.66
C PHE B 145 13.95 4.10 34.55
N GLY B 146 14.02 5.05 35.49
CA GLY B 146 15.18 5.24 36.33
C GLY B 146 16.38 5.87 35.60
N ILE B 147 16.16 6.49 34.45
CA ILE B 147 17.21 7.20 33.74
C ILE B 147 17.02 8.70 33.99
N GLU B 148 18.03 9.32 34.57
CA GLU B 148 18.01 10.73 34.91
C GLU B 148 18.64 11.50 33.76
N ALA B 149 17.87 12.45 33.20
CA ALA B 149 18.41 13.31 32.17
C ALA B 149 19.04 14.54 32.82
N ARG B 150 20.31 14.78 32.58
CA ARG B 150 20.93 15.97 33.14
C ARG B 150 21.13 16.95 32.00
N PHE B 151 20.47 18.11 32.13
CA PHE B 151 20.41 19.11 31.06
C PHE B 151 21.53 20.12 31.26
N VAL B 152 22.19 20.49 30.17
CA VAL B 152 23.32 21.40 30.20
C VAL B 152 23.04 22.52 29.21
N GLU B 153 22.63 23.68 29.75
CA GLU B 153 22.41 24.87 28.96
C GLU B 153 23.71 25.25 28.25
N GLY B 154 23.61 26.09 27.22
CA GLY B 154 24.79 26.56 26.52
C GLY B 154 25.53 25.41 25.85
N ASP B 155 26.75 25.72 25.39
CA ASP B 155 27.50 24.85 24.50
C ASP B 155 29.00 24.94 24.83
N ASN B 156 29.29 25.13 26.12
CA ASN B 156 30.66 25.11 26.62
C ASN B 156 30.98 23.67 27.04
N PRO B 157 32.00 23.03 26.45
CA PRO B 157 32.37 21.65 26.82
C PRO B 157 32.44 21.34 28.32
N GLU B 158 32.96 22.31 29.09
CA GLU B 158 33.32 22.12 30.48
C GLU B 158 32.07 21.97 31.34
N GLU B 159 30.97 22.64 30.95
CA GLU B 159 29.70 22.49 31.65
C GLU B 159 29.14 21.07 31.47
N PHE B 160 29.41 20.42 30.32
CA PHE B 160 29.10 19.01 30.13
C PHE B 160 29.85 18.17 31.17
N GLU B 161 31.16 18.42 31.32
CA GLU B 161 32.00 17.59 32.17
C GLU B 161 31.55 17.64 33.64
N LYS B 162 31.10 18.80 34.11
CA LYS B 162 30.81 18.96 35.53
C LYS B 162 29.66 18.08 35.99
N VAL B 163 28.84 17.52 35.05
CA VAL B 163 27.73 16.68 35.46
C VAL B 163 27.97 15.21 35.10
N PHE B 164 29.14 14.89 34.55
CA PHE B 164 29.53 13.51 34.30
C PHE B 164 29.82 12.76 35.60
N ASP B 165 29.38 11.50 35.72
CA ASP B 165 29.86 10.60 36.77
C ASP B 165 29.96 9.22 36.14
N GLU B 166 30.08 8.14 36.92
CA GLU B 166 30.48 6.86 36.33
C GLU B 166 29.26 6.08 35.83
N ARG B 167 28.08 6.66 36.03
CA ARG B 167 26.81 6.12 35.56
C ARG B 167 26.29 6.93 34.35
N THR B 168 27.05 7.93 33.88
CA THR B 168 26.74 8.62 32.64
C THR B 168 27.00 7.72 31.43
N LYS B 169 25.93 7.34 30.72
CA LYS B 169 25.99 6.36 29.66
C LYS B 169 25.89 6.99 28.29
N ALA B 170 25.49 8.28 28.22
CA ALA B 170 25.47 8.99 26.95
C ALA B 170 25.59 10.49 27.14
N VAL B 171 26.19 11.14 26.14
CA VAL B 171 25.97 12.55 25.84
C VAL B 171 25.09 12.67 24.58
N TYR B 172 24.00 13.46 24.68
CA TYR B 172 23.03 13.54 23.60
C TYR B 172 23.01 14.96 23.04
N LEU B 173 23.21 15.09 21.74
CA LEU B 173 23.16 16.38 21.08
C LEU B 173 22.19 16.38 19.88
N GLU B 174 21.85 17.60 19.41
CA GLU B 174 21.08 17.81 18.19
C GLU B 174 21.93 18.58 17.19
N THR B 175 21.88 18.22 15.91
CA THR B 175 22.68 18.91 14.91
C THR B 175 22.31 20.38 14.79
N ILE B 176 21.02 20.69 14.66
CA ILE B 176 20.54 22.05 14.70
C ILE B 176 19.52 22.09 15.81
N GLY B 177 19.83 22.78 16.91
CA GLY B 177 19.00 22.66 18.11
C GLY B 177 17.78 23.57 18.09
N ASN B 178 16.74 23.17 18.81
CA ASN B 178 15.49 23.93 18.86
C ASN B 178 15.49 24.70 20.18
N PRO B 179 14.85 25.89 20.25
CA PRO B 179 14.17 26.50 19.11
C PRO B 179 14.94 27.61 18.39
N LYS B 180 16.26 27.74 18.64
CA LYS B 180 17.04 28.85 18.12
C LYS B 180 18.13 28.43 17.12
N TYR B 181 18.19 27.15 16.74
CA TYR B 181 18.98 26.71 15.61
C TYR B 181 20.49 26.89 15.86
N ASN B 182 20.93 26.38 17.00
CA ASN B 182 22.33 26.38 17.38
C ASN B 182 22.93 25.03 17.00
N VAL B 183 24.11 25.10 16.37
CA VAL B 183 24.86 23.93 16.00
C VAL B 183 25.87 23.71 17.12
N PRO B 184 25.99 22.49 17.67
CA PRO B 184 26.90 22.25 18.78
C PRO B 184 28.34 22.25 18.29
N ASP B 185 29.27 22.36 19.24
CA ASP B 185 30.69 22.30 18.93
C ASP B 185 31.10 20.85 19.01
N PHE B 186 30.93 20.13 17.90
CA PHE B 186 31.01 18.69 17.92
C PHE B 186 32.38 18.24 18.42
N GLU B 187 33.44 18.73 17.78
CA GLU B 187 34.81 18.30 18.13
C GLU B 187 35.11 18.45 19.61
N LYS B 188 34.79 19.62 20.17
CA LYS B 188 35.06 19.88 21.57
C LYS B 188 34.24 18.98 22.48
N ILE B 189 32.98 18.71 22.12
CA ILE B 189 32.10 17.97 23.02
C ILE B 189 32.37 16.46 22.90
N VAL B 190 32.70 16.00 21.71
CA VAL B 190 33.08 14.62 21.54
C VAL B 190 34.37 14.34 22.32
N ALA B 191 35.34 15.27 22.30
CA ALA B 191 36.63 15.03 22.97
C ALA B 191 36.44 14.90 24.48
N ILE B 192 35.60 15.74 25.08
CA ILE B 192 35.41 15.66 26.52
C ILE B 192 34.57 14.44 26.90
N ALA B 193 33.63 14.05 26.05
CA ALA B 193 32.82 12.89 26.33
C ALA B 193 33.69 11.63 26.26
N HIS B 194 34.48 11.51 25.18
CA HIS B 194 35.30 10.34 24.94
C HIS B 194 36.46 10.21 25.94
N LYS B 195 36.97 11.34 26.44
CA LYS B 195 37.92 11.34 27.54
C LYS B 195 37.35 10.59 28.76
N HIS B 196 36.07 10.78 29.08
CA HIS B 196 35.48 10.09 30.21
C HIS B 196 34.84 8.76 29.81
N GLY B 197 35.18 8.20 28.65
CA GLY B 197 34.57 6.96 28.20
C GLY B 197 33.04 7.01 28.06
N ILE B 198 32.50 8.12 27.53
CA ILE B 198 31.07 8.25 27.27
C ILE B 198 30.80 8.38 25.76
N PRO B 199 29.86 7.58 25.19
CA PRO B 199 29.46 7.74 23.79
C PRO B 199 28.56 8.95 23.54
N VAL B 200 28.76 9.53 22.35
CA VAL B 200 28.01 10.68 21.89
C VAL B 200 26.87 10.25 20.95
N VAL B 201 25.63 10.63 21.32
CA VAL B 201 24.43 10.32 20.54
C VAL B 201 23.96 11.63 19.92
N VAL B 202 23.79 11.68 18.58
CA VAL B 202 23.33 12.89 17.90
C VAL B 202 22.05 12.63 17.10
N ASP B 203 21.00 13.42 17.43
CA ASP B 203 19.80 13.55 16.61
C ASP B 203 20.15 14.40 15.41
N ASN B 204 20.35 13.78 14.25
CA ASN B 204 20.75 14.48 13.03
C ASN B 204 19.56 14.68 12.09
N THR B 205 18.34 14.71 12.65
CA THR B 205 17.15 14.88 11.84
C THR B 205 17.35 16.11 10.96
N PHE B 206 17.76 17.25 11.53
CA PHE B 206 17.83 18.48 10.75
C PHE B 206 19.07 18.50 9.84
N GLY B 207 19.94 17.49 9.95
CA GLY B 207 21.03 17.32 8.97
C GLY B 207 20.58 16.69 7.64
N ALA B 208 19.29 16.29 7.57
CA ALA B 208 18.67 15.76 6.36
C ALA B 208 19.43 14.53 5.86
N GLY B 209 19.48 13.50 6.69
CA GLY B 209 19.95 12.20 6.25
C GLY B 209 21.43 12.22 5.91
N GLY B 210 22.16 13.17 6.50
CA GLY B 210 23.57 13.27 6.21
C GLY B 210 23.94 14.36 5.20
N TYR B 211 22.95 15.06 4.64
CA TYR B 211 23.26 15.96 3.53
C TYR B 211 23.87 17.26 4.04
N PHE B 212 23.34 17.80 5.15
CA PHE B 212 23.82 19.07 5.70
C PHE B 212 24.91 18.82 6.75
N CYS B 213 24.96 17.64 7.33
CA CYS B 213 25.96 17.35 8.34
C CYS B 213 26.07 15.84 8.45
N GLN B 214 27.29 15.32 8.64
CA GLN B 214 27.50 13.94 9.09
C GLN B 214 28.21 13.92 10.42
N PRO B 215 27.48 13.92 11.54
CA PRO B 215 28.11 13.98 12.85
C PRO B 215 29.17 12.90 13.11
N ILE B 216 29.05 11.72 12.49
CA ILE B 216 30.06 10.70 12.66
C ILE B 216 31.45 11.18 12.19
N LYS B 217 31.56 12.01 11.16
CA LYS B 217 32.87 12.54 10.78
C LYS B 217 33.49 13.47 11.82
N TYR B 218 32.73 13.86 12.85
CA TYR B 218 33.24 14.75 13.88
C TYR B 218 33.38 13.97 15.19
N GLY B 219 33.25 12.64 15.11
CA GLY B 219 33.44 11.77 16.24
C GLY B 219 32.16 11.27 16.90
N ALA B 220 30.96 11.58 16.39
CA ALA B 220 29.74 11.00 16.97
C ALA B 220 29.74 9.48 16.83
N ASP B 221 29.15 8.82 17.82
CA ASP B 221 29.18 7.38 17.94
C ASP B 221 27.91 6.77 17.37
N ILE B 222 26.77 7.35 17.82
CA ILE B 222 25.43 6.94 17.47
C ILE B 222 24.70 8.17 16.88
N VAL B 223 24.03 8.00 15.73
CA VAL B 223 23.19 9.04 15.13
C VAL B 223 21.75 8.54 14.94
N THR B 224 20.77 9.31 15.44
CA THR B 224 19.36 9.03 15.23
C THR B 224 18.73 10.07 14.29
N HIS B 225 17.75 9.58 13.52
CA HIS B 225 16.93 10.39 12.63
C HIS B 225 15.45 10.10 12.83
N SER B 226 14.64 11.18 12.84
CA SER B 226 13.25 11.12 12.45
C SER B 226 13.22 11.13 10.92
N ALA B 227 12.96 9.98 10.31
CA ALA B 227 12.88 9.87 8.86
C ALA B 227 11.55 10.36 8.34
N THR B 228 10.58 10.53 9.25
CA THR B 228 9.36 11.30 9.04
C THR B 228 9.56 12.64 8.32
N LYS B 229 10.70 13.29 8.56
CA LYS B 229 10.98 14.63 8.08
C LYS B 229 11.65 14.58 6.71
N TRP B 230 12.86 15.15 6.51
CA TRP B 230 13.38 15.29 5.14
C TRP B 230 13.70 13.95 4.48
N ILE B 231 14.07 12.91 5.22
CA ILE B 231 14.47 11.65 4.59
C ILE B 231 13.31 11.18 3.71
N GLY B 232 12.12 11.11 4.32
CA GLY B 232 10.88 10.74 3.67
C GLY B 232 10.41 11.80 2.66
N GLY B 233 10.34 13.03 3.16
CA GLY B 233 10.33 14.19 2.28
C GLY B 233 8.95 14.70 1.88
N HIS B 234 7.88 13.91 2.14
CA HIS B 234 6.55 14.22 1.62
C HIS B 234 5.44 14.24 2.68
N GLY B 235 5.78 14.15 3.96
CA GLY B 235 4.75 14.15 5.01
C GLY B 235 3.83 12.93 4.94
N THR B 236 4.29 11.82 4.35
CA THR B 236 3.42 10.66 4.20
C THR B 236 3.66 9.61 5.28
N THR B 237 4.87 9.53 5.82
CA THR B 237 5.30 8.31 6.45
C THR B 237 6.10 8.65 7.69
N ILE B 238 5.75 8.00 8.80
CA ILE B 238 6.49 8.08 10.04
C ILE B 238 7.55 6.99 10.13
N GLY B 239 8.73 7.36 10.62
CA GLY B 239 9.79 6.40 10.80
C GLY B 239 11.02 7.01 11.47
N GLY B 240 11.87 6.13 11.98
CA GLY B 240 13.12 6.50 12.60
C GLY B 240 14.26 5.58 12.16
N ILE B 241 15.49 6.10 12.32
CA ILE B 241 16.70 5.36 12.05
C ILE B 241 17.68 5.61 13.18
N ILE B 242 18.33 4.52 13.61
CA ILE B 242 19.51 4.55 14.45
C ILE B 242 20.74 4.10 13.67
N VAL B 243 21.79 4.94 13.68
CA VAL B 243 23.04 4.64 13.00
C VAL B 243 24.19 4.51 14.00
N ASP B 244 24.98 3.44 13.84
CA ASP B 244 26.14 3.10 14.65
C ASP B 244 27.38 3.27 13.80
N SER B 245 28.32 4.13 14.24
CA SER B 245 29.60 4.35 13.55
C SER B 245 30.52 3.14 13.66
N GLY B 246 30.32 2.32 14.71
CA GLY B 246 31.14 1.16 15.01
C GLY B 246 32.53 1.55 15.51
N LYS B 247 32.67 2.72 16.12
CA LYS B 247 33.97 3.19 16.57
C LYS B 247 34.09 3.22 18.10
N PHE B 248 32.98 3.28 18.85
CA PHE B 248 33.09 3.42 20.29
C PHE B 248 33.60 2.10 20.89
N PRO B 249 34.73 2.11 21.63
CA PRO B 249 35.38 0.87 22.06
C PRO B 249 34.70 0.36 23.32
N TRP B 250 33.64 -0.43 23.13
CA TRP B 250 32.86 -0.92 24.25
C TRP B 250 33.73 -1.81 25.15
N LYS B 251 34.69 -2.55 24.56
CA LYS B 251 35.52 -3.52 25.27
C LYS B 251 36.34 -2.87 26.38
N ASP B 252 36.60 -1.57 26.26
CA ASP B 252 37.34 -0.83 27.26
C ASP B 252 36.47 -0.35 28.41
N TYR B 253 35.15 -0.56 28.36
CA TYR B 253 34.30 -0.10 29.46
C TYR B 253 33.32 -1.20 29.80
N PRO B 254 33.85 -2.39 30.13
CA PRO B 254 33.03 -3.56 30.40
C PRO B 254 32.08 -3.43 31.59
N GLU B 255 32.33 -2.52 32.55
CA GLU B 255 31.44 -2.36 33.71
C GLU B 255 30.46 -1.19 33.60
N LYS B 256 30.85 -0.16 32.84
CA LYS B 256 29.98 0.94 32.45
C LYS B 256 28.92 0.38 31.49
N PHE B 257 29.32 -0.57 30.63
CA PHE B 257 28.43 -1.14 29.60
C PHE B 257 28.42 -2.68 29.69
N PRO B 258 27.76 -3.22 30.73
CA PRO B 258 27.71 -4.67 30.95
C PRO B 258 26.85 -5.38 29.93
N GLN B 259 25.96 -4.62 29.28
CA GLN B 259 25.11 -5.20 28.25
C GLN B 259 25.96 -5.74 27.09
N PHE B 260 27.18 -5.22 26.88
CA PHE B 260 28.02 -5.76 25.81
C PHE B 260 29.12 -6.72 26.29
N SER B 261 29.29 -6.85 27.60
CA SER B 261 30.44 -7.50 28.22
C SER B 261 30.09 -8.82 28.88
N GLN B 262 28.91 -8.83 29.51
CA GLN B 262 28.46 -9.93 30.34
C GLN B 262 27.61 -10.85 29.48
N PRO B 263 27.65 -12.19 29.66
CA PRO B 263 26.82 -13.09 28.85
C PRO B 263 25.38 -12.64 28.86
N ALA B 264 24.74 -12.64 27.68
CA ALA B 264 23.42 -12.05 27.51
C ALA B 264 22.40 -13.16 27.66
N GLU B 265 21.72 -13.12 28.80
CA GLU B 265 20.77 -14.13 29.21
C GLU B 265 19.57 -14.09 28.28
N GLY B 266 19.27 -12.90 27.72
CA GLY B 266 18.16 -12.73 26.79
C GLY B 266 18.52 -13.11 25.36
N TYR B 267 19.79 -13.51 25.12
CA TYR B 267 20.22 -13.90 23.79
C TYR B 267 21.32 -14.97 23.84
N HIS B 268 20.98 -16.18 24.33
CA HIS B 268 21.80 -17.38 24.27
C HIS B 268 23.15 -17.25 24.98
N GLY B 269 23.24 -16.54 26.09
CA GLY B 269 24.51 -16.37 26.78
C GLY B 269 25.57 -15.60 25.97
N THR B 270 25.20 -14.98 24.84
CA THR B 270 26.17 -14.31 23.98
C THR B 270 26.85 -13.15 24.70
N ILE B 271 28.11 -12.92 24.36
CA ILE B 271 28.80 -11.73 24.80
C ILE B 271 28.97 -10.87 23.56
N TYR B 272 28.16 -9.81 23.42
CA TYR B 272 28.10 -9.02 22.18
C TYR B 272 29.48 -8.56 21.76
N ASN B 273 30.31 -8.14 22.71
CA ASN B 273 31.64 -7.67 22.38
C ASN B 273 32.46 -8.76 21.71
N GLU B 274 32.28 -10.03 22.09
CA GLU B 274 33.04 -11.11 21.45
C GLU B 274 32.43 -11.52 20.11
N ALA B 275 31.12 -11.81 20.06
CA ALA B 275 30.53 -12.33 18.83
C ALA B 275 30.35 -11.25 17.76
N TYR B 276 30.29 -9.96 18.12
CA TYR B 276 29.96 -8.96 17.10
C TYR B 276 30.94 -7.81 17.10
N GLY B 277 31.92 -7.81 18.01
CA GLY B 277 33.01 -6.84 17.92
C GLY B 277 32.52 -5.40 17.89
N ASN B 278 32.92 -4.64 16.88
CA ASN B 278 32.71 -3.20 16.90
C ASN B 278 31.24 -2.85 16.59
N LEU B 279 30.43 -3.88 16.22
CA LEU B 279 29.01 -3.74 15.97
C LEU B 279 28.15 -4.22 17.16
N ALA B 280 28.73 -4.36 18.35
CA ALA B 280 28.02 -4.83 19.54
C ALA B 280 26.78 -3.97 19.90
N TYR B 281 26.86 -2.63 19.77
CA TYR B 281 25.73 -1.77 20.10
C TYR B 281 24.53 -2.08 19.21
N ILE B 282 24.74 -2.03 17.89
CA ILE B 282 23.63 -2.09 16.97
C ILE B 282 23.00 -3.47 16.95
N VAL B 283 23.80 -4.49 17.23
CA VAL B 283 23.26 -5.85 17.27
C VAL B 283 22.48 -6.06 18.56
N HIS B 284 22.93 -5.55 19.69
CA HIS B 284 22.16 -5.67 20.94
C HIS B 284 20.82 -4.89 20.81
N VAL B 285 20.85 -3.70 20.23
CA VAL B 285 19.64 -2.92 20.07
C VAL B 285 18.66 -3.67 19.18
N ARG B 286 19.16 -4.37 18.16
CA ARG B 286 18.27 -5.08 17.27
C ARG B 286 17.72 -6.32 17.97
N THR B 287 18.60 -7.21 18.47
CA THR B 287 18.21 -8.56 18.81
C THR B 287 17.61 -8.63 20.21
N GLU B 288 17.86 -7.64 21.06
CA GLU B 288 17.19 -7.65 22.34
C GLU B 288 16.10 -6.59 22.40
N LEU B 289 16.45 -5.31 22.19
CA LEU B 289 15.51 -4.24 22.47
C LEU B 289 14.36 -4.22 21.46
N LEU B 290 14.70 -4.19 20.17
CA LEU B 290 13.68 -4.13 19.16
C LEU B 290 12.77 -5.34 19.28
N ARG B 291 13.37 -6.53 19.45
CA ARG B 291 12.64 -7.78 19.58
C ARG B 291 11.71 -7.74 20.79
N ASP B 292 12.17 -7.34 21.97
CA ASP B 292 11.30 -7.39 23.16
C ASP B 292 10.31 -6.22 23.22
N LEU B 293 10.74 -5.01 22.80
CA LEU B 293 9.97 -3.81 23.02
C LEU B 293 9.08 -3.50 21.81
N GLY B 294 9.49 -3.94 20.61
CA GLY B 294 8.59 -4.07 19.47
C GLY B 294 8.32 -2.81 18.63
N PRO B 295 9.07 -1.69 18.65
CA PRO B 295 8.78 -0.60 17.70
C PRO B 295 9.28 -0.85 16.27
N LEU B 296 8.66 -1.84 15.60
CA LEU B 296 9.06 -2.28 14.27
C LEU B 296 8.63 -1.28 13.22
N MET B 297 9.44 -1.17 12.15
CA MET B 297 9.02 -0.42 11.00
C MET B 297 8.31 -1.37 10.05
N ASN B 298 7.11 -0.96 9.67
CA ASN B 298 6.31 -1.60 8.64
C ASN B 298 6.99 -1.47 7.27
N PRO B 299 6.97 -2.54 6.44
CA PRO B 299 7.60 -2.52 5.13
C PRO B 299 7.03 -1.53 4.13
N PHE B 300 5.75 -1.22 4.26
CA PHE B 300 5.15 -0.15 3.47
C PHE B 300 5.83 1.17 3.79
N ALA B 301 6.11 1.45 5.06
CA ALA B 301 6.83 2.68 5.42
C ALA B 301 8.27 2.60 4.89
N SER B 302 8.95 1.44 5.04
CA SER B 302 10.30 1.30 4.50
C SER B 302 10.31 1.72 3.04
N PHE B 303 9.39 1.15 2.28
CA PHE B 303 9.30 1.36 0.85
C PHE B 303 9.13 2.85 0.57
N LEU B 304 8.16 3.50 1.23
CA LEU B 304 7.89 4.91 0.96
C LEU B 304 9.10 5.75 1.32
N LEU B 305 9.78 5.42 2.43
CA LEU B 305 10.95 6.21 2.81
C LEU B 305 12.10 5.99 1.80
N LEU B 306 12.25 4.77 1.27
CA LEU B 306 13.29 4.53 0.30
C LEU B 306 13.09 5.41 -0.94
N GLN B 307 11.82 5.66 -1.29
CA GLN B 307 11.53 6.47 -2.46
C GLN B 307 11.95 7.91 -2.22
N GLY B 308 11.73 8.39 -1.00
CA GLY B 308 12.15 9.72 -0.61
C GLY B 308 13.66 9.88 -0.62
N VAL B 309 14.39 8.91 -0.11
CA VAL B 309 15.84 8.95 -0.04
C VAL B 309 16.45 9.11 -1.43
N GLU B 310 15.87 8.48 -2.44
CA GLU B 310 16.39 8.59 -3.78
C GLU B 310 16.43 10.03 -4.27
N THR B 311 15.66 10.98 -3.68
CA THR B 311 15.80 12.37 -4.10
C THR B 311 16.34 13.29 -3.00
N LEU B 312 16.86 12.74 -1.92
CA LEU B 312 17.26 13.51 -0.75
C LEU B 312 18.16 14.70 -1.10
N SER B 313 19.27 14.46 -1.80
CA SER B 313 20.21 15.55 -2.07
C SER B 313 19.55 16.69 -2.84
N LEU B 314 18.72 16.38 -3.83
CA LEU B 314 18.07 17.40 -4.65
C LEU B 314 17.07 18.19 -3.82
N ARG B 315 16.30 17.50 -2.99
CA ARG B 315 15.33 18.21 -2.15
C ARG B 315 16.06 19.08 -1.14
N ALA B 316 16.99 18.48 -0.41
CA ALA B 316 17.62 19.16 0.72
C ALA B 316 18.35 20.40 0.22
N GLU B 317 19.05 20.30 -0.90
CA GLU B 317 19.75 21.46 -1.42
C GLU B 317 18.75 22.60 -1.66
N ARG B 318 17.56 22.30 -2.18
CA ARG B 318 16.63 23.34 -2.56
C ARG B 318 15.98 23.89 -1.29
N HIS B 319 15.75 23.04 -0.28
CA HIS B 319 15.24 23.51 0.99
C HIS B 319 16.20 24.55 1.60
N GLY B 320 17.49 24.20 1.60
CA GLY B 320 18.53 25.03 2.19
C GLY B 320 18.64 26.36 1.44
N GLU B 321 18.67 26.30 0.12
CA GLU B 321 18.79 27.52 -0.65
C GLU B 321 17.51 28.38 -0.47
N ASN B 322 16.33 27.75 -0.39
CA ASN B 322 15.08 28.49 -0.24
C ASN B 322 15.00 29.11 1.15
N ALA B 323 15.55 28.45 2.16
CA ALA B 323 15.44 28.97 3.50
C ALA B 323 16.32 30.20 3.69
N LEU B 324 17.53 30.11 3.12
CA LEU B 324 18.50 31.19 3.21
C LEU B 324 17.91 32.44 2.57
N LYS B 325 17.34 32.32 1.38
CA LYS B 325 16.74 33.45 0.66
C LYS B 325 15.50 34.00 1.36
N LEU B 326 14.68 33.11 1.95
CA LEU B 326 13.53 33.59 2.69
C LEU B 326 14.03 34.30 3.94
N ALA B 327 15.05 33.74 4.58
CA ALA B 327 15.63 34.34 5.76
C ALA B 327 16.11 35.76 5.48
N LYS B 328 16.87 35.90 4.40
CA LYS B 328 17.40 37.18 4.03
C LYS B 328 16.29 38.19 3.71
N TRP B 329 15.27 37.75 2.94
CA TRP B 329 14.14 38.60 2.58
C TRP B 329 13.44 39.07 3.86
N LEU B 330 13.23 38.16 4.82
CA LEU B 330 12.51 38.49 6.03
C LEU B 330 13.30 39.58 6.72
N GLU B 331 14.62 39.53 6.51
CA GLU B 331 15.47 40.48 7.21
C GLU B 331 15.31 41.89 6.64
N GLN B 332 14.70 42.09 5.47
CA GLN B 332 14.45 43.41 4.92
C GLN B 332 12.99 43.84 5.06
N SER B 333 12.16 43.03 5.73
CA SER B 333 10.74 43.31 5.82
C SER B 333 10.46 44.28 6.95
N PRO B 334 9.67 45.35 6.68
CA PRO B 334 9.12 46.19 7.73
C PRO B 334 8.13 45.53 8.70
N TYR B 335 7.72 44.29 8.43
CA TYR B 335 6.74 43.62 9.28
C TYR B 335 7.41 42.67 10.25
N VAL B 336 8.73 42.57 10.17
CA VAL B 336 9.48 41.56 10.90
C VAL B 336 10.34 42.23 11.96
N SER B 337 10.34 41.68 13.17
CA SER B 337 11.13 42.22 14.25
C SER B 337 12.46 41.44 14.41
N TRP B 338 12.54 40.17 14.04
CA TRP B 338 13.78 39.43 14.17
C TRP B 338 13.65 38.16 13.35
N VAL B 339 14.80 37.61 13.00
CA VAL B 339 14.83 36.39 12.23
C VAL B 339 15.92 35.55 12.82
N SER B 340 15.65 34.26 12.91
CA SER B 340 16.65 33.33 13.41
C SER B 340 16.84 32.18 12.40
N TYR B 341 18.05 32.07 11.85
CA TYR B 341 18.41 31.02 10.90
C TYR B 341 19.92 30.87 10.93
N PRO B 342 20.48 29.64 11.00
CA PRO B 342 21.91 29.44 11.18
C PRO B 342 22.79 30.03 10.10
N GLY B 343 22.25 30.22 8.89
CA GLY B 343 23.04 30.66 7.75
C GLY B 343 23.18 32.17 7.67
N LEU B 344 22.52 32.92 8.56
CA LEU B 344 22.69 34.37 8.59
C LEU B 344 23.90 34.77 9.44
N ALA B 345 24.60 35.81 8.96
CA ALA B 345 25.81 36.33 9.58
C ALA B 345 25.55 36.80 10.99
N SER B 346 24.33 37.27 11.26
CA SER B 346 23.95 37.76 12.59
C SER B 346 23.62 36.66 13.59
N HIS B 347 23.63 35.37 13.21
CA HIS B 347 23.22 34.32 14.15
C HIS B 347 24.32 34.06 15.18
N SER B 348 23.94 33.86 16.45
CA SER B 348 24.92 33.70 17.52
C SER B 348 25.86 32.50 17.30
N HIS B 349 25.43 31.52 16.52
CA HIS B 349 26.17 30.27 16.47
C HIS B 349 26.73 30.13 15.07
N HIS B 350 26.84 31.26 14.37
CA HIS B 350 27.05 31.18 12.95
C HIS B 350 28.36 30.43 12.64
N GLU B 351 29.30 30.38 13.62
CA GLU B 351 30.64 29.89 13.37
C GLU B 351 30.68 28.37 13.40
N ASN B 352 30.05 27.79 14.43
CA ASN B 352 29.84 26.36 14.49
C ASN B 352 29.12 25.94 13.21
N ALA B 353 28.11 26.72 12.85
CA ALA B 353 27.28 26.35 11.72
C ALA B 353 28.13 26.22 10.47
N LYS B 354 29.01 27.20 10.23
CA LYS B 354 29.86 27.25 9.06
C LYS B 354 30.88 26.11 9.09
N LYS B 355 31.33 25.75 10.30
CA LYS B 355 32.30 24.70 10.45
C LYS B 355 31.68 23.32 10.24
N TYR B 356 30.49 23.06 10.81
CA TYR B 356 30.03 21.67 10.88
C TYR B 356 28.93 21.36 9.86
N LEU B 357 28.26 22.38 9.32
CA LEU B 357 27.28 22.12 8.27
C LEU B 357 27.97 22.29 6.92
N SER B 358 27.32 21.80 5.88
CA SER B 358 27.80 21.97 4.52
C SER B 358 26.58 21.91 3.62
N ASN B 359 26.72 22.49 2.42
CA ASN B 359 25.68 22.53 1.40
C ASN B 359 24.43 23.30 1.84
N GLY B 360 24.54 24.17 2.83
CA GLY B 360 23.42 24.91 3.35
C GLY B 360 23.27 24.77 4.86
N PHE B 361 22.20 25.35 5.38
CA PHE B 361 22.07 25.64 6.80
C PHE B 361 20.74 25.09 7.30
N GLY B 362 20.21 24.12 6.57
CA GLY B 362 18.99 23.43 7.00
C GLY B 362 17.75 24.17 6.51
N GLY B 363 16.62 23.48 6.67
CA GLY B 363 15.39 23.87 6.01
C GLY B 363 14.46 24.70 6.88
N VAL B 364 14.80 24.96 8.15
CA VAL B 364 13.89 25.61 9.08
C VAL B 364 14.47 26.95 9.56
N LEU B 365 13.58 27.93 9.71
CA LEU B 365 13.87 29.24 10.25
C LEU B 365 12.71 29.67 11.12
N SER B 366 12.93 30.66 11.98
CA SER B 366 11.85 31.28 12.74
C SER B 366 11.98 32.77 12.57
N PHE B 367 10.85 33.46 12.74
CA PHE B 367 10.93 34.91 12.81
C PHE B 367 9.80 35.38 13.68
N GLY B 368 9.82 36.67 13.99
CA GLY B 368 8.79 37.28 14.81
C GLY B 368 8.16 38.40 14.00
N VAL B 369 6.85 38.48 14.09
CA VAL B 369 6.14 39.50 13.33
C VAL B 369 5.83 40.64 14.28
N LYS B 370 5.81 41.87 13.76
CA LYS B 370 5.35 43.04 14.49
C LYS B 370 3.95 42.79 15.08
N ASP B 371 3.69 43.42 16.21
CA ASP B 371 2.34 43.48 16.77
C ASP B 371 1.45 44.43 15.97
N LEU B 372 0.19 44.02 15.89
CA LEU B 372 -0.90 44.92 15.62
C LEU B 372 -1.13 45.80 16.84
N PRO B 373 -1.83 46.94 16.68
CA PRO B 373 -2.11 47.81 17.83
C PRO B 373 -3.00 47.02 18.78
N ASN B 374 -2.93 47.35 20.08
CA ASN B 374 -3.81 46.74 21.07
C ASN B 374 -3.51 45.25 21.23
N ALA B 375 -2.23 44.91 21.41
CA ALA B 375 -1.83 43.53 21.72
C ALA B 375 -2.48 43.10 23.03
N ASP B 376 -2.40 43.98 24.04
CA ASP B 376 -2.59 43.59 25.42
C ASP B 376 -4.09 43.62 25.77
N LYS B 377 -4.87 44.45 25.06
CA LYS B 377 -6.31 44.49 25.25
C LYS B 377 -7.03 43.40 24.45
N GLU B 378 -6.30 42.74 23.54
CA GLU B 378 -6.86 41.67 22.75
C GLU B 378 -7.13 40.48 23.66
N THR B 379 -8.39 40.01 23.69
CA THR B 379 -8.79 38.87 24.51
C THR B 379 -9.14 37.67 23.62
N ASP B 380 -9.03 37.84 22.30
CA ASP B 380 -9.15 36.73 21.36
C ASP B 380 -7.79 36.56 20.69
N PRO B 381 -7.04 35.46 21.01
CA PRO B 381 -5.65 35.31 20.55
C PRO B 381 -5.55 35.05 19.05
N PHE B 382 -6.67 34.72 18.39
CA PHE B 382 -6.66 34.52 16.95
C PHE B 382 -6.66 35.88 16.25
N LYS B 383 -6.83 36.98 17.00
CA LYS B 383 -6.77 38.33 16.43
C LYS B 383 -5.37 38.95 16.61
N LEU B 384 -4.42 38.22 17.24
CA LEU B 384 -3.04 38.68 17.30
C LEU B 384 -2.36 38.48 15.93
N SER B 385 -1.25 39.18 15.71
CA SER B 385 -0.65 39.31 14.39
C SER B 385 -0.01 38.02 13.87
N GLY B 386 0.79 37.32 14.69
CA GLY B 386 1.36 36.03 14.31
C GLY B 386 0.29 35.04 13.84
N ALA B 387 -0.83 34.98 14.57
CA ALA B 387 -1.92 34.07 14.19
C ALA B 387 -2.56 34.50 12.88
N GLN B 388 -2.74 35.82 12.71
CA GLN B 388 -3.36 36.36 11.53
C GLN B 388 -2.46 36.18 10.30
N VAL B 389 -1.15 36.29 10.46
CA VAL B 389 -0.26 36.06 9.34
C VAL B 389 -0.37 34.63 8.87
N VAL B 390 -0.43 33.70 9.82
CA VAL B 390 -0.49 32.28 9.49
C VAL B 390 -1.79 31.99 8.77
N ASP B 391 -2.91 32.57 9.28
CA ASP B 391 -4.23 32.36 8.70
C ASP B 391 -4.33 32.89 7.27
N ASN B 392 -3.54 33.90 6.92
CA ASN B 392 -3.69 34.55 5.63
C ASN B 392 -2.70 33.99 4.62
N LEU B 393 -1.83 33.07 5.05
CA LEU B 393 -0.98 32.37 4.11
C LEU B 393 -1.82 31.46 3.23
N LYS B 394 -1.48 31.42 1.94
CA LYS B 394 -2.19 30.65 0.94
C LYS B 394 -1.37 29.45 0.48
N LEU B 395 -0.06 29.61 0.40
CA LEU B 395 0.80 28.58 -0.12
C LEU B 395 1.29 27.69 1.03
N ALA B 396 1.80 28.34 2.07
CA ALA B 396 2.24 27.64 3.27
C ALA B 396 1.06 26.98 3.97
N SER B 397 1.29 25.77 4.48
CA SER B 397 0.32 24.99 5.23
C SER B 397 0.58 25.11 6.73
N ASN B 398 -0.50 25.32 7.48
CA ASN B 398 -0.42 25.45 8.92
C ASN B 398 -0.47 24.08 9.59
N LEU B 399 0.69 23.47 9.83
CA LEU B 399 0.76 22.25 10.62
C LEU B 399 2.17 22.05 11.18
N ALA B 400 2.32 20.96 11.95
CA ALA B 400 3.39 20.81 12.93
C ALA B 400 4.63 20.09 12.38
N ASN B 401 4.49 19.31 11.32
CA ASN B 401 5.64 18.61 10.74
C ASN B 401 6.70 19.64 10.29
N VAL B 402 7.92 19.13 10.00
CA VAL B 402 8.92 19.82 9.21
C VAL B 402 9.44 18.83 8.19
N GLY B 403 10.10 19.34 7.15
CA GLY B 403 10.84 18.51 6.21
C GLY B 403 9.96 17.92 5.11
N ASP B 404 8.76 18.46 4.97
CA ASP B 404 7.88 18.18 3.85
C ASP B 404 8.38 19.01 2.67
N ALA B 405 8.13 18.57 1.43
CA ALA B 405 8.45 19.31 0.24
C ALA B 405 7.63 20.59 0.18
N LYS B 406 6.45 20.58 0.79
CA LYS B 406 5.62 21.76 0.93
C LYS B 406 6.14 22.61 2.08
N THR B 407 6.04 23.92 1.93
CA THR B 407 6.31 24.86 2.99
C THR B 407 5.25 24.75 4.07
N LEU B 408 5.72 24.59 5.32
CA LEU B 408 4.86 24.51 6.48
C LEU B 408 5.18 25.65 7.44
N VAL B 409 4.15 26.16 8.11
CA VAL B 409 4.34 27.16 9.14
C VAL B 409 3.59 26.73 10.39
N ILE B 410 4.09 27.18 11.54
CA ILE B 410 3.33 27.14 12.76
C ILE B 410 3.64 28.38 13.58
N ALA B 411 2.62 28.86 14.30
CA ALA B 411 2.79 29.92 15.29
C ALA B 411 2.48 29.31 16.65
N PRO B 412 3.47 28.72 17.35
CA PRO B 412 3.26 27.70 18.40
C PRO B 412 2.57 28.17 19.69
N TYR B 413 2.55 29.48 19.88
CA TYR B 413 1.83 30.07 20.99
C TYR B 413 0.33 29.78 20.83
N PHE B 414 -0.16 29.82 19.58
CA PHE B 414 -1.59 29.66 19.27
C PHE B 414 -2.01 28.20 19.12
N THR B 415 -1.04 27.25 19.14
CA THR B 415 -1.33 25.82 19.10
C THR B 415 -0.47 25.12 20.17
N THR B 416 0.67 24.56 19.76
CA THR B 416 1.60 23.87 20.66
C THR B 416 2.26 24.88 21.61
N GLY B 429 11.11 28.35 24.05
CA GLY B 429 10.81 29.79 23.97
C GLY B 429 9.65 30.05 23.01
N VAL B 430 8.44 30.19 23.58
CA VAL B 430 7.19 30.31 22.82
C VAL B 430 6.47 31.61 23.21
N THR B 431 6.54 32.57 22.29
CA THR B 431 5.98 33.90 22.48
C THR B 431 5.00 34.22 21.35
N LYS B 432 4.23 35.29 21.56
CA LYS B 432 3.09 35.63 20.73
C LYS B 432 3.50 35.79 19.26
N ASP B 433 4.70 36.32 19.05
CA ASP B 433 5.07 36.87 17.76
C ASP B 433 5.73 35.80 16.89
N LEU B 434 6.00 34.61 17.44
CA LEU B 434 6.88 33.64 16.80
C LEU B 434 6.16 32.85 15.69
N ILE B 435 6.73 32.86 14.48
CA ILE B 435 6.39 31.93 13.44
C ILE B 435 7.62 31.08 13.10
N ARG B 436 7.45 29.76 13.08
CA ARG B 436 8.45 28.81 12.62
C ARG B 436 8.03 28.34 11.24
N VAL B 437 9.00 28.21 10.31
CA VAL B 437 8.75 27.92 8.93
C VAL B 437 9.67 26.80 8.50
N SER B 438 9.08 25.67 8.09
CA SER B 438 9.81 24.65 7.39
C SER B 438 9.71 24.99 5.91
N VAL B 439 10.78 25.54 5.35
CA VAL B 439 10.74 26.11 4.01
C VAL B 439 10.84 24.97 2.99
N GLY B 440 9.85 24.96 2.08
N GLY B 440 9.85 24.96 2.08
CA GLY B 440 9.67 23.94 1.08
CA GLY B 440 9.67 23.94 1.08
C GLY B 440 10.46 24.24 -0.19
C GLY B 440 10.46 24.24 -0.19
N ILE B 441 10.22 23.43 -1.22
CA ILE B 441 10.99 23.50 -2.44
C ILE B 441 10.12 24.12 -3.51
N GLU B 442 9.02 24.83 -3.17
CA GLU B 442 8.35 25.66 -4.16
C GLU B 442 9.32 26.71 -4.71
N PHE B 443 8.90 27.40 -5.77
CA PHE B 443 9.67 28.51 -6.29
C PHE B 443 9.77 29.56 -5.19
N ILE B 444 10.99 30.01 -4.91
CA ILE B 444 11.21 30.94 -3.81
C ILE B 444 10.33 32.17 -3.99
N ASP B 445 10.09 32.63 -5.25
CA ASP B 445 9.41 33.90 -5.40
C ASP B 445 7.97 33.75 -4.93
N ASP B 446 7.41 32.52 -5.09
CA ASP B 446 6.05 32.26 -4.68
C ASP B 446 5.98 32.22 -3.19
N ILE B 447 7.04 31.67 -2.57
CA ILE B 447 7.10 31.57 -1.13
C ILE B 447 7.18 32.98 -0.54
N ILE B 448 8.04 33.85 -1.12
CA ILE B 448 8.19 35.20 -0.59
C ILE B 448 6.85 35.91 -0.81
N ALA B 449 6.31 35.78 -2.02
CA ALA B 449 5.09 36.51 -2.36
C ALA B 449 3.94 36.11 -1.42
N ASP B 450 3.93 34.86 -0.94
CA ASP B 450 2.92 34.42 -0.01
C ASP B 450 3.02 35.16 1.32
N PHE B 451 4.20 35.19 1.94
CA PHE B 451 4.36 35.96 3.16
C PHE B 451 4.03 37.43 2.91
N GLN B 452 4.45 38.03 1.78
CA GLN B 452 4.26 39.45 1.59
C GLN B 452 2.78 39.77 1.59
N GLN B 453 2.00 39.05 0.77
CA GLN B 453 0.58 39.30 0.62
C GLN B 453 -0.13 39.05 1.95
N SER B 454 0.37 38.09 2.72
CA SER B 454 -0.12 37.91 4.08
C SER B 454 0.16 39.13 4.95
N PHE B 455 1.40 39.61 4.97
CA PHE B 455 1.66 40.82 5.75
C PHE B 455 0.79 41.99 5.27
N GLU B 456 0.63 42.13 3.95
CA GLU B 456 -0.09 43.26 3.36
C GLU B 456 -1.54 43.28 3.86
N THR B 457 -2.11 42.08 4.03
CA THR B 457 -3.47 41.88 4.47
C THR B 457 -3.58 42.19 5.98
N VAL B 458 -2.68 41.60 6.79
CA VAL B 458 -2.81 41.67 8.22
C VAL B 458 -2.62 43.12 8.70
N PHE B 459 -1.74 43.87 8.04
CA PHE B 459 -1.35 45.23 8.44
C PHE B 459 -1.88 46.28 7.45
N ALA B 460 -2.90 45.90 6.65
CA ALA B 460 -3.61 46.79 5.75
C ALA B 460 -4.04 48.08 6.46
N GLY B 461 -3.77 49.23 5.82
CA GLY B 461 -4.25 50.52 6.29
C GLY B 461 -3.52 50.96 7.57
N GLN B 462 -2.27 51.40 7.37
CA GLN B 462 -1.30 51.61 8.44
C GLN B 462 0.03 52.08 7.85
N LYS B 463 0.95 52.49 8.73
CA LYS B 463 2.35 52.62 8.39
C LYS B 463 2.97 51.22 8.31
N PRO B 464 4.05 51.00 7.53
CA PRO B 464 4.75 49.71 7.52
C PRO B 464 5.60 49.46 8.79
N MET C 21 16.58 28.94 -13.37
CA MET C 21 16.02 27.62 -13.77
C MET C 21 14.85 27.27 -12.84
N PRO C 22 14.90 27.50 -11.50
CA PRO C 22 13.69 27.41 -10.69
C PRO C 22 12.61 28.33 -11.26
N SER C 23 11.37 27.84 -11.27
CA SER C 23 10.26 28.56 -11.84
C SER C 23 9.00 28.12 -11.12
N HIS C 24 7.86 28.70 -11.55
CA HIS C 24 6.56 28.52 -10.93
C HIS C 24 6.10 27.05 -10.99
N PHE C 25 6.62 26.32 -11.99
CA PHE C 25 6.41 24.88 -12.15
C PHE C 25 6.68 24.17 -10.82
N ASP C 26 7.72 24.59 -10.12
CA ASP C 26 8.06 24.00 -8.83
C ASP C 26 6.91 24.12 -7.83
N THR C 27 6.18 25.25 -7.87
CA THR C 27 5.05 25.44 -6.99
C THR C 27 3.89 24.53 -7.43
N VAL C 28 3.62 24.53 -8.74
CA VAL C 28 2.45 23.90 -9.31
C VAL C 28 2.50 22.39 -9.02
N GLN C 29 3.69 21.78 -9.19
CA GLN C 29 3.86 20.36 -9.02
C GLN C 29 3.65 19.95 -7.57
N LEU C 30 3.66 20.90 -6.61
CA LEU C 30 3.37 20.57 -5.22
C LEU C 30 1.96 20.98 -4.79
N HIS C 31 1.30 21.94 -5.46
CA HIS C 31 0.06 22.51 -4.92
C HIS C 31 -1.18 22.35 -5.79
N ALA C 32 -1.06 22.21 -7.12
CA ALA C 32 -2.24 22.16 -7.96
C ALA C 32 -3.09 20.96 -7.55
N GLY C 33 -4.39 21.22 -7.36
CA GLY C 33 -5.33 20.19 -6.95
C GLY C 33 -5.39 19.95 -5.45
N GLN C 34 -4.44 20.42 -4.65
CA GLN C 34 -4.59 20.32 -3.21
C GLN C 34 -5.08 21.68 -2.72
N GLU C 35 -6.32 21.70 -2.22
CA GLU C 35 -7.09 22.91 -2.03
C GLU C 35 -7.05 23.28 -0.54
N ASN C 36 -7.45 22.33 0.32
CA ASN C 36 -7.18 22.37 1.75
C ASN C 36 -6.08 21.36 2.09
N SER C 44 -6.13 17.15 6.45
CA SER C 44 -5.08 16.14 6.13
C SER C 44 -4.18 16.61 4.99
N ARG C 45 -2.89 16.82 5.29
CA ARG C 45 -1.94 17.45 4.37
C ARG C 45 -1.65 16.55 3.16
N ALA C 46 -1.23 15.30 3.44
CA ALA C 46 -1.06 14.30 2.40
C ALA C 46 -2.45 13.85 1.92
N VAL C 47 -2.51 13.36 0.68
CA VAL C 47 -3.79 12.92 0.13
C VAL C 47 -3.99 11.44 0.45
N PRO C 48 -5.16 11.10 1.07
CA PRO C 48 -5.45 9.72 1.46
C PRO C 48 -5.59 8.77 0.26
N ILE C 49 -5.14 7.51 0.43
CA ILE C 49 -5.47 6.42 -0.49
C ILE C 49 -6.91 5.99 -0.21
N TYR C 50 -7.85 6.53 -1.02
CA TYR C 50 -9.24 6.11 -0.96
C TYR C 50 -9.35 4.75 -1.64
N ALA C 51 -8.67 3.74 -1.07
CA ALA C 51 -8.85 2.36 -1.48
C ALA C 51 -10.29 1.97 -1.14
N THR C 52 -11.16 2.23 -2.12
CA THR C 52 -12.59 1.99 -2.03
C THR C 52 -13.14 1.78 -3.44
N THR C 53 -14.16 0.91 -3.53
CA THR C 53 -14.93 0.74 -4.76
C THR C 53 -16.13 1.70 -4.72
N SER C 54 -16.68 2.00 -3.52
CA SER C 54 -18.00 2.62 -3.39
C SER C 54 -18.02 3.92 -2.56
N TYR C 55 -19.02 4.77 -2.84
CA TYR C 55 -19.34 5.97 -2.05
C TYR C 55 -20.88 6.12 -1.95
N ASN C 81 -12.77 9.03 -7.32
CA ASN C 81 -11.56 8.70 -6.52
C ASN C 81 -10.73 9.97 -6.28
N PRO C 82 -10.76 10.58 -5.07
CA PRO C 82 -10.02 11.82 -4.82
C PRO C 82 -8.53 11.80 -5.11
N THR C 83 -7.89 10.64 -5.00
CA THR C 83 -6.45 10.57 -5.16
C THR C 83 -6.04 10.83 -6.62
N SER C 84 -6.69 10.08 -7.52
CA SER C 84 -6.53 10.25 -8.96
C SER C 84 -6.92 11.65 -9.44
N ASN C 85 -7.90 12.30 -8.79
CA ASN C 85 -8.37 13.62 -9.20
C ASN C 85 -7.29 14.66 -8.96
N VAL C 86 -6.65 14.62 -7.79
CA VAL C 86 -5.50 15.49 -7.57
C VAL C 86 -4.44 15.27 -8.66
N LEU C 87 -4.05 14.02 -8.92
CA LEU C 87 -3.04 13.75 -9.93
C LEU C 87 -3.43 14.36 -11.26
N GLU C 88 -4.67 14.07 -11.65
CA GLU C 88 -5.21 14.57 -12.91
C GLU C 88 -5.07 16.10 -12.97
N GLU C 89 -5.51 16.81 -11.93
CA GLU C 89 -5.50 18.27 -12.04
C GLU C 89 -4.05 18.78 -12.09
N ARG C 90 -3.17 18.09 -11.39
CA ARG C 90 -1.80 18.56 -11.29
C ARG C 90 -1.11 18.45 -12.64
N ILE C 91 -1.31 17.31 -13.32
CA ILE C 91 -0.69 17.14 -14.62
C ILE C 91 -1.37 18.06 -15.65
N ALA C 92 -2.68 18.24 -15.55
CA ALA C 92 -3.35 19.26 -16.35
C ALA C 92 -2.66 20.62 -16.18
N ALA C 93 -2.48 21.06 -14.93
CA ALA C 93 -1.90 22.35 -14.63
C ALA C 93 -0.48 22.46 -15.17
N LEU C 94 0.32 21.39 -15.05
CA LEU C 94 1.70 21.41 -15.52
C LEU C 94 1.78 21.45 -17.04
N GLU C 95 0.78 20.87 -17.73
CA GLU C 95 0.82 20.81 -19.18
C GLU C 95 0.19 22.04 -19.83
N GLY C 96 -0.50 22.88 -19.04
CA GLY C 96 -1.28 23.98 -19.56
C GLY C 96 -2.57 23.52 -20.24
N GLY C 97 -3.14 22.40 -19.76
CA GLY C 97 -4.40 21.85 -20.20
C GLY C 97 -5.56 22.27 -19.30
N ALA C 98 -6.79 21.92 -19.70
CA ALA C 98 -7.98 22.28 -18.92
C ALA C 98 -8.39 21.15 -17.99
N ALA C 99 -8.10 19.89 -18.36
CA ALA C 99 -8.47 18.75 -17.54
C ALA C 99 -7.75 17.51 -18.04
N ALA C 100 -7.73 16.49 -17.19
CA ALA C 100 -6.97 15.28 -17.45
C ALA C 100 -7.69 14.09 -16.87
N LEU C 101 -7.22 12.92 -17.29
CA LEU C 101 -7.83 11.68 -16.86
C LEU C 101 -6.74 10.64 -16.66
N ALA C 102 -6.77 9.94 -15.53
CA ALA C 102 -5.77 8.95 -15.18
C ALA C 102 -6.27 7.57 -15.58
N VAL C 103 -5.35 6.81 -16.16
CA VAL C 103 -5.66 5.44 -16.58
C VAL C 103 -4.49 4.52 -16.22
N SER C 104 -4.67 3.23 -16.44
CA SER C 104 -3.84 2.24 -15.79
C SER C 104 -2.45 2.17 -16.40
N SER C 105 -2.22 2.67 -17.61
CA SER C 105 -0.89 2.64 -18.21
C SER C 105 -0.79 3.64 -19.34
N GLY C 106 0.45 3.95 -19.76
CA GLY C 106 0.68 4.67 -21.01
C GLY C 106 -0.08 4.09 -22.22
N GLN C 107 -0.02 2.79 -22.37
CA GLN C 107 -0.65 2.13 -23.52
C GLN C 107 -2.14 2.35 -23.42
N ALA C 108 -2.70 2.34 -22.20
CA ALA C 108 -4.13 2.60 -22.07
C ALA C 108 -4.43 4.06 -22.38
N ALA C 109 -3.57 4.99 -21.98
CA ALA C 109 -3.83 6.39 -22.24
C ALA C 109 -3.85 6.68 -23.74
N GLN C 110 -2.94 6.07 -24.49
CA GLN C 110 -2.93 6.18 -25.95
C GLN C 110 -4.16 5.52 -26.59
N THR C 111 -4.53 4.35 -26.07
CA THR C 111 -5.67 3.63 -26.59
C THR C 111 -6.92 4.47 -26.42
N LEU C 112 -7.27 4.85 -25.18
CA LEU C 112 -8.48 5.62 -24.98
C LEU C 112 -8.44 6.94 -25.73
N ALA C 113 -7.29 7.60 -25.73
CA ALA C 113 -7.17 8.89 -26.39
C ALA C 113 -7.68 8.84 -27.85
N ILE C 114 -7.24 7.82 -28.59
CA ILE C 114 -7.55 7.63 -30.01
C ILE C 114 -8.98 7.08 -30.17
N GLN C 115 -9.37 6.12 -29.34
CA GLN C 115 -10.75 5.63 -29.39
C GLN C 115 -11.77 6.71 -29.02
N GLY C 116 -11.37 7.80 -28.37
CA GLY C 116 -12.29 8.89 -28.10
C GLY C 116 -12.43 9.80 -29.32
N LEU C 117 -11.56 9.57 -30.33
CA LEU C 117 -11.61 10.34 -31.56
C LEU C 117 -12.15 9.55 -32.74
N ALA C 118 -11.64 8.32 -32.93
CA ALA C 118 -11.76 7.55 -34.15
C ALA C 118 -12.54 6.25 -33.91
N HIS C 119 -13.43 5.87 -34.84
CA HIS C 119 -14.25 4.66 -34.72
C HIS C 119 -13.97 3.78 -35.93
N THR C 120 -14.66 2.65 -36.05
CA THR C 120 -14.43 1.76 -37.18
C THR C 120 -14.67 2.49 -38.50
N GLY C 121 -13.75 2.34 -39.46
CA GLY C 121 -13.89 2.99 -40.76
C GLY C 121 -13.10 4.30 -40.83
N ASP C 122 -12.49 4.70 -39.69
CA ASP C 122 -11.79 5.97 -39.61
C ASP C 122 -10.30 5.71 -39.79
N ASN C 123 -9.55 6.81 -39.89
CA ASN C 123 -8.11 6.69 -39.95
C ASN C 123 -7.44 7.75 -39.10
N ILE C 124 -6.18 7.46 -38.74
CA ILE C 124 -5.35 8.44 -38.06
C ILE C 124 -4.03 8.54 -38.79
N VAL C 125 -3.40 9.69 -38.68
CA VAL C 125 -2.14 9.93 -39.34
C VAL C 125 -1.06 10.13 -38.29
N SER C 126 0.01 9.34 -38.42
CA SER C 126 1.01 9.30 -37.37
C SER C 126 2.38 9.44 -38.00
N THR C 127 3.29 10.03 -37.25
CA THR C 127 4.70 9.82 -37.54
C THR C 127 5.04 8.33 -37.54
N SER C 128 6.08 7.93 -38.31
CA SER C 128 6.58 6.57 -38.28
C SER C 128 7.62 6.38 -37.17
N TYR C 129 8.03 7.46 -36.49
CA TYR C 129 9.08 7.42 -35.47
C TYR C 129 8.46 7.06 -34.12
N LEU C 130 7.94 5.82 -34.04
CA LEU C 130 7.07 5.46 -32.92
C LEU C 130 7.84 4.67 -31.86
N TYR C 131 7.72 5.11 -30.60
CA TYR C 131 7.90 4.19 -29.47
C TYR C 131 7.34 2.84 -29.87
N GLY C 132 8.19 1.80 -29.89
CA GLY C 132 7.88 0.54 -30.56
C GLY C 132 6.62 -0.12 -30.03
N GLY C 133 6.31 0.14 -28.75
CA GLY C 133 5.06 -0.32 -28.15
C GLY C 133 3.84 0.34 -28.79
N THR C 134 4.00 1.59 -29.28
CA THR C 134 2.89 2.29 -29.88
C THR C 134 2.67 1.82 -31.32
N TYR C 135 3.77 1.43 -32.01
CA TYR C 135 3.71 1.04 -33.41
C TYR C 135 2.83 -0.21 -33.60
N ASN C 136 3.00 -1.24 -32.77
CA ASN C 136 2.20 -2.44 -32.88
C ASN C 136 0.75 -2.15 -32.51
N GLN C 137 0.58 -1.32 -31.47
CA GLN C 137 -0.75 -0.95 -31.04
C GLN C 137 -1.50 -0.33 -32.22
N PHE C 138 -0.80 0.55 -32.93
CA PHE C 138 -1.38 1.31 -34.03
C PHE C 138 -1.66 0.42 -35.24
N LYS C 139 -0.62 -0.26 -35.72
CA LYS C 139 -0.71 -0.95 -36.98
C LYS C 139 -1.56 -2.21 -36.83
N ILE C 140 -1.52 -2.85 -35.68
CA ILE C 140 -2.14 -4.15 -35.53
C ILE C 140 -3.40 -4.03 -34.68
N SER C 141 -3.29 -3.59 -33.42
CA SER C 141 -4.47 -3.67 -32.57
C SER C 141 -5.56 -2.73 -33.06
N PHE C 142 -5.18 -1.52 -33.49
CA PHE C 142 -6.14 -0.53 -33.95
C PHE C 142 -6.83 -1.04 -35.22
N LYS C 143 -6.06 -1.72 -36.09
CA LYS C 143 -6.64 -2.31 -37.28
C LYS C 143 -7.78 -3.27 -36.95
N ARG C 144 -7.67 -4.05 -35.87
CA ARG C 144 -8.77 -4.95 -35.54
C ARG C 144 -10.00 -4.16 -35.11
N PHE C 145 -9.82 -2.89 -34.72
CA PHE C 145 -10.95 -2.03 -34.39
C PHE C 145 -11.48 -1.25 -35.62
N GLY C 146 -10.95 -1.52 -36.82
CA GLY C 146 -11.34 -0.80 -38.03
C GLY C 146 -10.75 0.61 -38.09
N ILE C 147 -9.71 0.86 -37.31
CA ILE C 147 -9.00 2.12 -37.34
C ILE C 147 -7.68 1.88 -38.06
N GLU C 148 -7.52 2.61 -39.16
CA GLU C 148 -6.35 2.51 -40.02
C GLU C 148 -5.33 3.57 -39.63
N ALA C 149 -4.13 3.11 -39.28
CA ALA C 149 -3.00 4.00 -39.07
C ALA C 149 -2.28 4.28 -40.38
N ARG C 150 -2.09 5.55 -40.72
CA ARG C 150 -1.28 5.91 -41.87
C ARG C 150 0.01 6.60 -41.40
N PHE C 151 1.15 6.12 -41.89
CA PHE C 151 2.45 6.55 -41.41
C PHE C 151 3.05 7.53 -42.41
N VAL C 152 3.47 8.69 -41.92
CA VAL C 152 4.24 9.65 -42.68
C VAL C 152 5.68 9.64 -42.18
N GLU C 153 6.58 9.01 -42.96
CA GLU C 153 8.02 9.14 -42.81
C GLU C 153 8.37 10.62 -42.96
N GLY C 154 9.54 11.04 -42.46
CA GLY C 154 9.86 12.46 -42.44
C GLY C 154 8.64 13.27 -42.01
N ASP C 155 8.78 14.59 -41.86
CA ASP C 155 7.67 15.36 -41.34
C ASP C 155 7.62 16.72 -42.06
N ASN C 156 7.83 16.65 -43.38
CA ASN C 156 7.32 17.65 -44.31
C ASN C 156 5.84 17.85 -44.00
N PRO C 157 5.34 19.09 -43.82
CA PRO C 157 3.90 19.33 -43.65
C PRO C 157 2.94 18.83 -44.75
N GLU C 158 3.31 18.93 -46.04
CA GLU C 158 2.46 18.55 -47.16
C GLU C 158 2.31 17.03 -47.31
N GLU C 159 3.25 16.25 -46.73
CA GLU C 159 3.15 14.80 -46.73
C GLU C 159 1.97 14.31 -45.87
N PHE C 160 1.73 15.00 -44.73
CA PHE C 160 0.60 14.76 -43.85
C PHE C 160 -0.71 14.98 -44.61
N GLU C 161 -0.81 16.15 -45.25
CA GLU C 161 -2.01 16.54 -45.95
C GLU C 161 -2.40 15.57 -47.08
N LYS C 162 -1.43 14.92 -47.72
CA LYS C 162 -1.72 14.02 -48.83
C LYS C 162 -2.40 12.73 -48.39
N VAL C 163 -2.44 12.40 -47.09
CA VAL C 163 -3.12 11.18 -46.67
C VAL C 163 -4.39 11.54 -45.88
N PHE C 164 -4.65 12.85 -45.77
CA PHE C 164 -5.84 13.36 -45.11
C PHE C 164 -7.08 13.06 -45.97
N ASP C 165 -8.13 12.56 -45.34
CA ASP C 165 -9.44 12.65 -45.90
C ASP C 165 -10.39 12.98 -44.76
N GLU C 166 -11.69 12.87 -45.01
CA GLU C 166 -12.73 13.37 -44.12
C GLU C 166 -12.86 12.40 -42.95
N ARG C 167 -12.26 11.21 -43.11
CA ARG C 167 -12.33 10.14 -42.14
C ARG C 167 -11.08 10.11 -41.25
N THR C 168 -10.17 11.06 -41.46
CA THR C 168 -9.01 11.28 -40.62
C THR C 168 -9.42 11.95 -39.31
N LYS C 169 -9.26 11.25 -38.18
CA LYS C 169 -9.82 11.75 -36.94
C LYS C 169 -8.75 12.24 -35.98
N ALA C 170 -7.47 12.06 -36.31
CA ALA C 170 -6.39 12.54 -35.47
C ALA C 170 -5.09 12.52 -36.24
N VAL C 171 -4.20 13.44 -35.86
CA VAL C 171 -2.79 13.37 -36.17
C VAL C 171 -2.05 13.09 -34.85
N TYR C 172 -1.13 12.12 -34.88
CA TYR C 172 -0.44 11.67 -33.70
C TYR C 172 1.05 11.86 -33.82
N LEU C 173 1.61 12.57 -32.82
CA LEU C 173 3.03 12.89 -32.72
C LEU C 173 3.61 12.42 -31.37
N GLU C 174 4.93 12.29 -31.33
CA GLU C 174 5.73 12.15 -30.12
C GLU C 174 6.65 13.37 -29.97
N THR C 175 6.74 13.91 -28.75
CA THR C 175 7.63 15.05 -28.49
C THR C 175 9.08 14.73 -28.84
N ILE C 176 9.59 13.57 -28.44
CA ILE C 176 10.93 13.14 -28.82
C ILE C 176 10.77 11.74 -29.36
N GLY C 177 11.05 11.57 -30.67
CA GLY C 177 10.69 10.34 -31.37
C GLY C 177 11.70 9.22 -31.15
N ASN C 178 11.21 8.01 -30.86
CA ASN C 178 12.10 6.87 -30.79
C ASN C 178 12.25 6.40 -32.24
N PRO C 179 13.46 6.05 -32.72
CA PRO C 179 14.72 6.25 -32.02
C PRO C 179 15.75 7.06 -32.81
N LYS C 180 15.33 8.20 -33.36
CA LYS C 180 16.23 9.21 -33.90
C LYS C 180 16.23 10.46 -33.00
N TYR C 181 15.44 10.41 -31.91
CA TYR C 181 15.23 11.54 -31.01
C TYR C 181 14.96 12.84 -31.77
N ASN C 182 14.14 12.77 -32.83
CA ASN C 182 13.69 13.97 -33.50
C ASN C 182 12.48 14.56 -32.76
N VAL C 183 12.51 15.88 -32.65
CA VAL C 183 11.39 16.66 -32.17
C VAL C 183 10.60 17.15 -33.38
N PRO C 184 9.26 16.97 -33.39
CA PRO C 184 8.47 17.37 -34.54
C PRO C 184 8.38 18.89 -34.66
N ASP C 185 7.99 19.34 -35.85
CA ASP C 185 7.75 20.77 -36.06
C ASP C 185 6.30 21.08 -35.68
N PHE C 186 6.06 21.33 -34.39
CA PHE C 186 4.71 21.35 -33.90
C PHE C 186 3.88 22.38 -34.65
N GLU C 187 4.45 23.56 -34.90
CA GLU C 187 3.65 24.65 -35.44
C GLU C 187 3.15 24.31 -36.86
N LYS C 188 4.02 23.78 -37.70
CA LYS C 188 3.60 23.50 -39.06
C LYS C 188 2.59 22.37 -39.07
N ILE C 189 2.80 21.33 -38.26
CA ILE C 189 1.92 20.18 -38.31
C ILE C 189 0.58 20.54 -37.68
N VAL C 190 0.59 21.34 -36.65
CA VAL C 190 -0.67 21.76 -36.07
C VAL C 190 -1.46 22.63 -37.05
N ALA C 191 -0.81 23.57 -37.76
CA ALA C 191 -1.50 24.47 -38.68
C ALA C 191 -2.22 23.66 -39.75
N ILE C 192 -1.57 22.61 -40.22
CA ILE C 192 -2.08 21.87 -41.36
C ILE C 192 -3.13 20.86 -40.89
N ALA C 193 -2.99 20.29 -39.69
CA ALA C 193 -4.04 19.45 -39.16
C ALA C 193 -5.30 20.29 -38.87
N HIS C 194 -5.11 21.44 -38.23
CA HIS C 194 -6.25 22.30 -37.84
C HIS C 194 -7.00 22.86 -39.04
N LYS C 195 -6.27 23.15 -40.14
CA LYS C 195 -6.83 23.55 -41.42
C LYS C 195 -7.90 22.57 -41.90
N HIS C 196 -7.68 21.27 -41.69
CA HIS C 196 -8.62 20.24 -42.12
C HIS C 196 -9.54 19.77 -40.99
N GLY C 197 -9.55 20.49 -39.87
CA GLY C 197 -10.40 20.12 -38.74
C GLY C 197 -10.03 18.77 -38.14
N ILE C 198 -8.73 18.50 -38.00
CA ILE C 198 -8.22 17.29 -37.38
C ILE C 198 -7.48 17.67 -36.10
N PRO C 199 -7.85 17.09 -34.96
CA PRO C 199 -7.14 17.36 -33.71
C PRO C 199 -5.77 16.69 -33.72
N VAL C 200 -4.83 17.28 -32.97
CA VAL C 200 -3.46 16.79 -32.83
C VAL C 200 -3.29 16.19 -31.42
N VAL C 201 -2.89 14.91 -31.39
CA VAL C 201 -2.59 14.15 -30.18
C VAL C 201 -1.07 13.99 -30.09
N VAL C 202 -0.49 14.33 -28.93
CA VAL C 202 0.94 14.22 -28.72
C VAL C 202 1.26 13.38 -27.49
N ASP C 203 2.04 12.33 -27.70
CA ASP C 203 2.67 11.60 -26.62
C ASP C 203 3.81 12.46 -26.09
N ASN C 204 3.65 13.00 -24.87
CA ASN C 204 4.65 13.89 -24.31
C ASN C 204 5.44 13.21 -23.16
N THR C 205 5.45 11.89 -23.13
CA THR C 205 6.19 11.14 -22.12
C THR C 205 7.59 11.69 -21.99
N PHE C 206 8.30 11.84 -23.12
CA PHE C 206 9.68 12.28 -23.06
C PHE C 206 9.78 13.75 -22.70
N GLY C 207 8.68 14.49 -22.69
CA GLY C 207 8.70 15.88 -22.22
C GLY C 207 8.63 15.99 -20.69
N ALA C 208 8.66 14.84 -20.01
CA ALA C 208 8.68 14.75 -18.56
C ALA C 208 7.59 15.62 -17.92
N GLY C 209 6.34 15.17 -18.07
CA GLY C 209 5.19 15.82 -17.47
C GLY C 209 5.13 17.33 -17.71
N GLY C 210 5.71 17.82 -18.82
CA GLY C 210 5.62 19.24 -19.12
C GLY C 210 6.91 20.03 -18.86
N TYR C 211 7.91 19.40 -18.26
CA TYR C 211 9.10 20.15 -17.86
C TYR C 211 9.92 20.55 -19.09
N PHE C 212 10.14 19.60 -20.01
CA PHE C 212 10.97 19.84 -21.19
C PHE C 212 10.14 20.36 -22.35
N CYS C 213 8.84 20.06 -22.33
CA CYS C 213 7.98 20.53 -23.41
C CYS C 213 6.53 20.54 -22.96
N GLN C 214 5.82 21.60 -23.31
CA GLN C 214 4.37 21.62 -23.16
C GLN C 214 3.71 21.77 -24.53
N PRO C 215 3.41 20.70 -25.27
CA PRO C 215 2.95 20.82 -26.65
C PRO C 215 1.64 21.58 -26.86
N ILE C 216 0.81 21.64 -25.82
CA ILE C 216 -0.36 22.50 -25.82
C ILE C 216 0.05 23.96 -26.08
N LYS C 217 1.24 24.40 -25.66
CA LYS C 217 1.68 25.74 -25.98
C LYS C 217 1.79 25.96 -27.49
N TYR C 218 2.14 24.93 -28.26
CA TYR C 218 2.29 25.03 -29.70
C TYR C 218 1.04 24.61 -30.50
N GLY C 219 -0.10 24.47 -29.81
CA GLY C 219 -1.37 24.13 -30.46
C GLY C 219 -1.87 22.68 -30.31
N ALA C 220 -1.13 21.78 -29.62
CA ALA C 220 -1.64 20.40 -29.49
C ALA C 220 -2.94 20.45 -28.69
N ASP C 221 -3.87 19.55 -29.04
CA ASP C 221 -5.21 19.47 -28.52
C ASP C 221 -5.28 18.47 -27.37
N ILE C 222 -4.60 17.34 -27.53
CA ILE C 222 -4.67 16.23 -26.58
C ILE C 222 -3.24 15.81 -26.27
N VAL C 223 -2.89 15.61 -25.00
CA VAL C 223 -1.55 15.12 -24.68
C VAL C 223 -1.67 13.88 -23.82
N THR C 224 -0.84 12.87 -24.13
CA THR C 224 -0.81 11.62 -23.42
C THR C 224 0.56 11.40 -22.79
N HIS C 225 0.57 10.70 -21.64
CA HIS C 225 1.79 10.44 -20.91
C HIS C 225 1.78 9.02 -20.45
N SER C 226 2.93 8.34 -20.64
CA SER C 226 3.27 7.24 -19.75
C SER C 226 3.80 7.82 -18.44
N ALA C 227 2.97 7.86 -17.39
CA ALA C 227 3.39 8.38 -16.09
C ALA C 227 4.32 7.35 -15.40
N THR C 228 4.35 6.13 -15.92
CA THR C 228 5.32 5.13 -15.53
C THR C 228 6.76 5.65 -15.58
N LYS C 229 7.03 6.59 -16.48
CA LYS C 229 8.40 7.05 -16.71
C LYS C 229 8.75 8.18 -15.73
N TRP C 230 9.16 9.34 -16.25
CA TRP C 230 9.69 10.41 -15.43
C TRP C 230 8.67 10.96 -14.44
N ILE C 231 7.35 10.93 -14.73
CA ILE C 231 6.38 11.56 -13.82
C ILE C 231 6.45 10.86 -12.45
N GLY C 232 6.34 9.52 -12.49
CA GLY C 232 6.57 8.68 -11.31
C GLY C 232 8.02 8.71 -10.85
N GLY C 233 8.97 8.44 -11.76
CA GLY C 233 10.36 8.74 -11.51
C GLY C 233 11.17 7.65 -10.76
N HIS C 234 10.57 6.56 -10.30
CA HIS C 234 11.26 5.61 -9.43
C HIS C 234 11.12 4.17 -9.90
N GLY C 235 10.50 3.98 -11.08
CA GLY C 235 10.30 2.66 -11.64
C GLY C 235 9.47 1.74 -10.73
N THR C 236 8.45 2.30 -10.03
CA THR C 236 7.66 1.49 -9.12
C THR C 236 6.24 1.25 -9.60
N THR C 237 5.74 2.08 -10.53
CA THR C 237 4.29 2.20 -10.70
C THR C 237 3.96 2.46 -12.18
N ILE C 238 3.03 1.70 -12.72
CA ILE C 238 2.58 1.92 -14.08
C ILE C 238 1.37 2.85 -14.06
N GLY C 239 1.28 3.77 -15.03
CA GLY C 239 0.17 4.69 -15.09
C GLY C 239 0.17 5.48 -16.39
N GLY C 240 -1.03 5.97 -16.79
CA GLY C 240 -1.14 6.90 -17.88
C GLY C 240 -2.06 8.05 -17.58
N ILE C 241 -1.89 9.09 -18.39
CA ILE C 241 -2.60 10.33 -18.24
C ILE C 241 -3.02 10.76 -19.63
N ILE C 242 -4.26 11.22 -19.73
CA ILE C 242 -4.74 11.93 -20.90
C ILE C 242 -5.14 13.33 -20.50
N VAL C 243 -4.57 14.29 -21.21
CA VAL C 243 -4.77 15.71 -20.96
C VAL C 243 -5.48 16.34 -22.15
N ASP C 244 -6.57 17.04 -21.84
CA ASP C 244 -7.31 17.78 -22.86
C ASP C 244 -7.02 19.26 -22.68
N SER C 245 -6.63 19.90 -23.79
CA SER C 245 -6.39 21.34 -23.86
C SER C 245 -7.68 22.13 -23.68
N GLY C 246 -8.80 21.53 -24.11
CA GLY C 246 -10.07 22.21 -24.05
C GLY C 246 -10.22 23.29 -25.12
N LYS C 247 -9.42 23.23 -26.19
CA LYS C 247 -9.36 24.31 -27.18
C LYS C 247 -9.80 23.87 -28.57
N PHE C 248 -9.89 22.56 -28.84
CA PHE C 248 -10.33 22.07 -30.13
C PHE C 248 -11.83 22.29 -30.28
N PRO C 249 -12.28 22.92 -31.38
CA PRO C 249 -13.70 23.28 -31.52
C PRO C 249 -14.54 22.14 -32.09
N TRP C 250 -14.93 21.19 -31.24
CA TRP C 250 -15.71 20.05 -31.71
C TRP C 250 -16.99 20.46 -32.44
N LYS C 251 -17.64 21.54 -31.96
CA LYS C 251 -18.87 22.07 -32.53
C LYS C 251 -18.75 22.42 -34.01
N ASP C 252 -17.56 22.79 -34.47
CA ASP C 252 -17.38 23.14 -35.86
C ASP C 252 -17.43 21.88 -36.74
N TYR C 253 -17.27 20.69 -36.14
CA TYR C 253 -17.13 19.47 -36.92
C TYR C 253 -18.07 18.40 -36.40
N PRO C 254 -19.39 18.67 -36.35
CA PRO C 254 -20.35 17.71 -35.81
C PRO C 254 -20.41 16.40 -36.58
N GLU C 255 -20.11 16.44 -37.88
CA GLU C 255 -20.18 15.27 -38.75
C GLU C 255 -18.92 14.40 -38.61
N LYS C 256 -17.75 15.04 -38.46
CA LYS C 256 -16.50 14.32 -38.22
C LYS C 256 -16.47 13.65 -36.83
N PHE C 257 -17.07 14.32 -35.84
CA PHE C 257 -17.06 13.92 -34.45
C PHE C 257 -18.51 13.86 -33.95
N PRO C 258 -19.29 12.87 -34.43
CA PRO C 258 -20.68 12.71 -34.00
C PRO C 258 -20.78 12.34 -32.53
N GLN C 259 -19.71 11.77 -31.96
CA GLN C 259 -19.73 11.33 -30.57
C GLN C 259 -19.94 12.51 -29.63
N PHE C 260 -19.64 13.75 -30.06
CA PHE C 260 -19.84 14.95 -29.25
C PHE C 260 -21.09 15.75 -29.68
N SER C 261 -21.70 15.35 -30.80
CA SER C 261 -22.72 16.12 -31.54
C SER C 261 -24.12 15.52 -31.44
N GLN C 262 -24.18 14.20 -31.46
CA GLN C 262 -25.39 13.40 -31.46
C GLN C 262 -25.71 12.93 -30.05
N PRO C 263 -26.99 12.82 -29.66
CA PRO C 263 -27.32 12.27 -28.34
C PRO C 263 -26.55 10.97 -28.06
N ALA C 264 -25.91 10.88 -26.90
CA ALA C 264 -25.20 9.67 -26.56
C ALA C 264 -26.16 8.69 -25.90
N GLU C 265 -26.49 7.65 -26.64
CA GLU C 265 -27.33 6.57 -26.17
C GLU C 265 -26.76 5.96 -24.89
N GLY C 266 -25.43 5.88 -24.80
CA GLY C 266 -24.75 5.29 -23.64
C GLY C 266 -24.62 6.24 -22.44
N TYR C 267 -25.12 7.48 -22.56
CA TYR C 267 -25.04 8.42 -21.46
C TYR C 267 -26.26 9.34 -21.45
N HIS C 268 -27.43 8.73 -21.25
CA HIS C 268 -28.67 9.45 -21.00
C HIS C 268 -29.01 10.42 -22.12
N GLY C 269 -28.58 10.14 -23.36
CA GLY C 269 -28.88 11.02 -24.50
C GLY C 269 -28.25 12.41 -24.43
N THR C 270 -27.23 12.56 -23.58
CA THR C 270 -26.44 13.79 -23.55
C THR C 270 -25.80 14.11 -24.91
N ILE C 271 -25.92 15.37 -25.34
CA ILE C 271 -25.04 15.88 -26.38
C ILE C 271 -23.86 16.54 -25.69
N TYR C 272 -22.68 15.91 -25.77
CA TYR C 272 -21.50 16.34 -25.03
C TYR C 272 -21.14 17.79 -25.33
N ASN C 273 -21.19 18.24 -26.60
CA ASN C 273 -20.91 19.63 -26.92
C ASN C 273 -21.86 20.60 -26.19
N GLU C 274 -23.13 20.25 -25.99
CA GLU C 274 -24.09 21.14 -25.35
C GLU C 274 -23.84 21.14 -23.84
N ALA C 275 -23.72 19.95 -23.25
CA ALA C 275 -23.66 19.83 -21.80
C ALA C 275 -22.31 20.22 -21.21
N TYR C 276 -21.17 20.02 -21.92
CA TYR C 276 -19.85 20.21 -21.31
C TYR C 276 -18.99 21.18 -22.09
N GLY C 277 -19.52 21.79 -23.14
CA GLY C 277 -18.82 22.85 -23.82
C GLY C 277 -17.45 22.36 -24.26
N ASN C 278 -16.39 23.06 -23.86
CA ASN C 278 -15.06 22.83 -24.39
C ASN C 278 -14.40 21.56 -23.81
N LEU C 279 -14.97 20.96 -22.76
CA LEU C 279 -14.50 19.71 -22.19
C LEU C 279 -15.19 18.49 -22.77
N ALA C 280 -15.88 18.66 -23.89
CA ALA C 280 -16.63 17.53 -24.41
C ALA C 280 -15.76 16.27 -24.57
N TYR C 281 -14.54 16.41 -25.07
CA TYR C 281 -13.73 15.23 -25.36
C TYR C 281 -13.42 14.42 -24.09
N ILE C 282 -12.82 15.10 -23.12
CA ILE C 282 -12.37 14.43 -21.92
C ILE C 282 -13.53 13.90 -21.09
N VAL C 283 -14.70 14.56 -21.17
CA VAL C 283 -15.84 14.08 -20.41
C VAL C 283 -16.35 12.81 -21.08
N HIS C 284 -16.37 12.80 -22.40
CA HIS C 284 -16.81 11.61 -23.11
C HIS C 284 -15.85 10.44 -22.84
N VAL C 285 -14.54 10.72 -22.78
CA VAL C 285 -13.59 9.65 -22.55
C VAL C 285 -13.78 9.07 -21.15
N ARG C 286 -14.08 9.92 -20.18
CA ARG C 286 -14.30 9.47 -18.81
C ARG C 286 -15.61 8.68 -18.71
N THR C 287 -16.72 9.28 -19.16
CA THR C 287 -18.03 8.77 -18.80
C THR C 287 -18.45 7.61 -19.71
N GLU C 288 -17.89 7.54 -20.91
CA GLU C 288 -18.23 6.39 -21.73
C GLU C 288 -17.07 5.40 -21.85
N LEU C 289 -15.91 5.83 -22.35
CA LEU C 289 -14.84 4.89 -22.69
C LEU C 289 -14.21 4.26 -21.45
N LEU C 290 -13.85 5.06 -20.45
CA LEU C 290 -13.27 4.53 -19.22
C LEU C 290 -14.28 3.64 -18.52
N ARG C 291 -15.50 4.14 -18.33
CA ARG C 291 -16.58 3.34 -17.76
C ARG C 291 -16.74 1.99 -18.50
N ASP C 292 -16.85 1.99 -19.83
CA ASP C 292 -17.26 0.76 -20.52
C ASP C 292 -16.07 -0.18 -20.65
N LEU C 293 -14.84 0.36 -20.82
CA LEU C 293 -13.67 -0.43 -21.20
C LEU C 293 -12.75 -0.71 -20.01
N GLY C 294 -12.79 0.18 -19.00
CA GLY C 294 -12.36 -0.16 -17.65
C GLY C 294 -10.84 -0.15 -17.36
N PRO C 295 -9.95 0.57 -18.08
CA PRO C 295 -8.55 0.67 -17.65
C PRO C 295 -8.36 1.71 -16.55
N LEU C 296 -8.87 1.43 -15.36
CA LEU C 296 -8.73 2.45 -14.36
C LEU C 296 -7.47 2.24 -13.54
N MET C 297 -6.94 3.40 -13.12
CA MET C 297 -5.79 3.53 -12.25
C MET C 297 -6.23 3.28 -10.80
N ASN C 298 -5.48 2.41 -10.16
CA ASN C 298 -5.67 2.06 -8.77
C ASN C 298 -5.23 3.23 -7.90
N PRO C 299 -5.96 3.56 -6.80
CA PRO C 299 -5.58 4.68 -5.95
C PRO C 299 -4.17 4.62 -5.37
N PHE C 300 -3.64 3.43 -5.09
CA PHE C 300 -2.26 3.24 -4.69
C PHE C 300 -1.27 3.71 -5.76
N ALA C 301 -1.52 3.42 -7.04
CA ALA C 301 -0.69 3.97 -8.11
C ALA C 301 -0.84 5.49 -8.17
N SER C 302 -2.09 5.99 -7.99
CA SER C 302 -2.31 7.43 -8.06
C SER C 302 -1.43 8.10 -7.00
N PHE C 303 -1.48 7.52 -5.79
CA PHE C 303 -0.71 8.00 -4.64
C PHE C 303 0.79 8.03 -4.95
N LEU C 304 1.37 6.91 -5.43
CA LEU C 304 2.81 6.84 -5.69
C LEU C 304 3.24 7.85 -6.74
N LEU C 305 2.44 8.03 -7.79
CA LEU C 305 2.80 8.95 -8.86
C LEU C 305 2.69 10.39 -8.38
N LEU C 306 1.71 10.72 -7.53
CA LEU C 306 1.68 12.03 -6.92
C LEU C 306 2.96 12.32 -6.14
N GLN C 307 3.52 11.30 -5.47
CA GLN C 307 4.73 11.44 -4.71
C GLN C 307 5.86 11.83 -5.65
N GLY C 308 5.91 11.19 -6.83
CA GLY C 308 6.96 11.52 -7.78
C GLY C 308 6.85 12.93 -8.37
N VAL C 309 5.62 13.32 -8.67
CA VAL C 309 5.33 14.59 -9.32
C VAL C 309 5.91 15.73 -8.48
N GLU C 310 5.94 15.52 -7.15
CA GLU C 310 6.33 16.57 -6.21
C GLU C 310 7.78 16.96 -6.41
N THR C 311 8.60 16.09 -7.03
CA THR C 311 9.99 16.37 -7.31
C THR C 311 10.30 16.37 -8.79
N LEU C 312 9.26 16.39 -9.62
CA LEU C 312 9.47 16.31 -11.06
C LEU C 312 10.49 17.32 -11.60
N SER C 313 10.37 18.63 -11.32
CA SER C 313 11.29 19.57 -11.97
C SER C 313 12.72 19.31 -11.51
N LEU C 314 12.89 18.92 -10.25
CA LEU C 314 14.22 18.71 -9.74
C LEU C 314 14.82 17.49 -10.42
N ARG C 315 14.06 16.40 -10.54
CA ARG C 315 14.60 15.21 -11.12
C ARG C 315 14.86 15.45 -12.60
N ALA C 316 13.85 15.93 -13.31
CA ALA C 316 13.97 16.16 -14.75
C ALA C 316 15.14 17.08 -15.12
N GLU C 317 15.25 18.24 -14.44
CA GLU C 317 16.40 19.12 -14.65
C GLU C 317 17.68 18.29 -14.57
N ARG C 318 17.83 17.48 -13.51
CA ARG C 318 19.08 16.77 -13.32
C ARG C 318 19.27 15.70 -14.40
N HIS C 319 18.19 15.03 -14.81
CA HIS C 319 18.21 14.06 -15.88
C HIS C 319 18.75 14.71 -17.16
N GLY C 320 18.31 15.94 -17.43
CA GLY C 320 18.69 16.62 -18.65
C GLY C 320 20.14 17.09 -18.65
N GLU C 321 20.56 17.70 -17.55
CA GLU C 321 21.94 18.15 -17.41
C GLU C 321 22.88 16.93 -17.48
N ASN C 322 22.55 15.83 -16.79
CA ASN C 322 23.36 14.62 -16.81
C ASN C 322 23.37 14.03 -18.21
N ALA C 323 22.24 14.07 -18.91
CA ALA C 323 22.22 13.43 -20.22
C ALA C 323 23.06 14.22 -21.24
N LEU C 324 23.01 15.54 -21.17
CA LEU C 324 23.76 16.40 -22.08
C LEU C 324 25.24 16.21 -21.81
N LYS C 325 25.60 16.17 -20.52
CA LYS C 325 27.01 15.94 -20.19
C LYS C 325 27.45 14.55 -20.64
N LEU C 326 26.62 13.51 -20.43
CA LEU C 326 27.07 12.19 -20.80
C LEU C 326 27.20 12.11 -22.31
N ALA C 327 26.27 12.75 -23.04
CA ALA C 327 26.27 12.70 -24.49
C ALA C 327 27.51 13.39 -25.04
N LYS C 328 27.89 14.53 -24.43
CA LYS C 328 29.07 15.26 -24.88
C LYS C 328 30.30 14.42 -24.61
N TRP C 329 30.36 13.77 -23.43
CA TRP C 329 31.50 12.95 -23.08
C TRP C 329 31.61 11.76 -24.02
N LEU C 330 30.51 11.07 -24.29
CA LEU C 330 30.56 9.92 -25.20
C LEU C 330 31.11 10.37 -26.57
N GLU C 331 30.72 11.56 -27.02
CA GLU C 331 30.92 11.98 -28.39
C GLU C 331 32.41 12.15 -28.65
N GLN C 332 33.12 12.67 -27.64
CA GLN C 332 34.58 12.80 -27.65
C GLN C 332 35.30 11.51 -27.23
N SER C 333 34.61 10.41 -26.88
CA SER C 333 35.31 9.23 -26.39
C SER C 333 35.83 8.45 -27.59
N PRO C 334 37.10 7.97 -27.61
CA PRO C 334 37.60 7.15 -28.71
C PRO C 334 36.96 5.76 -28.82
N TYR C 335 36.08 5.39 -27.87
CA TYR C 335 35.39 4.11 -27.95
C TYR C 335 34.06 4.22 -28.73
N VAL C 336 33.67 5.42 -29.17
CA VAL C 336 32.30 5.64 -29.60
C VAL C 336 32.31 6.15 -31.04
N SER C 337 31.51 5.54 -31.93
CA SER C 337 31.43 5.98 -33.32
C SER C 337 30.52 7.20 -33.47
N TRP C 338 29.34 7.16 -32.82
CA TRP C 338 28.37 8.23 -32.87
C TRP C 338 27.52 8.24 -31.60
N VAL C 339 26.96 9.42 -31.36
CA VAL C 339 26.02 9.64 -30.30
C VAL C 339 24.81 10.35 -30.91
N SER C 340 23.62 9.93 -30.46
CA SER C 340 22.39 10.63 -30.80
C SER C 340 21.74 11.21 -29.54
N TYR C 341 21.66 12.53 -29.48
CA TYR C 341 20.94 13.21 -28.43
C TYR C 341 20.45 14.56 -28.94
N PRO C 342 19.21 15.02 -28.62
CA PRO C 342 18.69 16.24 -29.21
C PRO C 342 19.44 17.50 -28.84
N GLY C 343 20.14 17.50 -27.70
CA GLY C 343 20.90 18.68 -27.26
C GLY C 343 22.31 18.81 -27.84
N LEU C 344 22.85 17.80 -28.54
CA LEU C 344 24.09 17.90 -29.30
C LEU C 344 23.90 18.74 -30.59
N ALA C 345 24.87 19.61 -30.91
CA ALA C 345 24.88 20.37 -32.17
C ALA C 345 24.78 19.46 -33.40
N SER C 346 25.40 18.28 -33.32
CA SER C 346 25.46 17.30 -34.40
C SER C 346 24.11 16.62 -34.68
N HIS C 347 23.07 17.00 -33.96
CA HIS C 347 21.77 16.37 -34.16
C HIS C 347 21.06 17.06 -35.34
N SER C 348 20.56 16.26 -36.29
CA SER C 348 19.88 16.78 -37.46
C SER C 348 18.67 17.64 -37.06
N HIS C 349 17.76 17.07 -36.26
CA HIS C 349 16.53 17.73 -35.84
C HIS C 349 16.78 18.53 -34.56
N HIS C 350 17.90 19.29 -34.57
CA HIS C 350 18.32 20.08 -33.44
C HIS C 350 17.58 21.42 -33.50
N GLU C 351 17.22 21.85 -34.72
CA GLU C 351 16.56 23.15 -34.88
C GLU C 351 15.21 23.17 -34.14
N ASN C 352 14.40 22.15 -34.40
CA ASN C 352 13.15 21.90 -33.70
C ASN C 352 13.38 21.72 -32.20
N ALA C 353 14.38 20.90 -31.84
CA ALA C 353 14.67 20.68 -30.44
C ALA C 353 14.86 22.02 -29.75
N LYS C 354 15.68 22.88 -30.36
CA LYS C 354 16.01 24.15 -29.74
C LYS C 354 14.75 25.01 -29.60
N LYS C 355 13.83 24.89 -30.56
CA LYS C 355 12.67 25.76 -30.60
C LYS C 355 11.58 25.34 -29.62
N TYR C 356 11.35 24.01 -29.49
CA TYR C 356 10.18 23.48 -28.80
C TYR C 356 10.50 22.91 -27.40
N LEU C 357 11.71 22.44 -27.16
CA LEU C 357 12.10 21.98 -25.83
C LEU C 357 12.52 23.16 -24.96
N SER C 358 12.42 22.98 -23.66
CA SER C 358 13.12 23.89 -22.80
C SER C 358 13.62 23.17 -21.55
N ASN C 359 14.52 23.88 -20.87
CA ASN C 359 15.20 23.43 -19.69
C ASN C 359 16.01 22.18 -19.98
N GLY C 360 16.41 21.91 -21.22
CA GLY C 360 17.14 20.70 -21.52
C GLY C 360 16.51 19.90 -22.64
N PHE C 361 17.04 18.69 -22.87
CA PHE C 361 16.82 17.97 -24.10
C PHE C 361 16.42 16.53 -23.84
N GLY C 362 15.87 16.29 -22.64
CA GLY C 362 15.31 14.98 -22.36
C GLY C 362 16.33 14.07 -21.68
N GLY C 363 15.85 12.96 -21.19
CA GLY C 363 16.65 12.11 -20.33
C GLY C 363 17.36 11.00 -21.10
N VAL C 364 17.09 10.83 -22.39
CA VAL C 364 17.50 9.62 -23.07
C VAL C 364 18.45 9.95 -24.20
N LEU C 365 19.43 9.04 -24.42
CA LEU C 365 20.36 9.15 -25.52
C LEU C 365 20.63 7.76 -26.06
N SER C 366 21.13 7.72 -27.31
CA SER C 366 21.67 6.52 -27.92
C SER C 366 23.10 6.78 -28.39
N PHE C 367 23.90 5.73 -28.42
CA PHE C 367 25.23 5.81 -28.98
C PHE C 367 25.59 4.44 -29.54
N GLY C 368 26.56 4.47 -30.44
CA GLY C 368 27.13 3.23 -30.95
C GLY C 368 28.57 3.04 -30.49
N VAL C 369 28.84 1.86 -29.97
CA VAL C 369 30.22 1.53 -29.63
C VAL C 369 30.96 0.96 -30.85
N LYS C 370 32.18 1.45 -31.10
CA LYS C 370 33.11 0.82 -32.03
C LYS C 370 33.26 -0.70 -31.85
N ASP C 371 33.64 -1.34 -32.94
CA ASP C 371 33.62 -2.78 -33.03
C ASP C 371 34.87 -3.31 -32.34
N LEU C 372 34.77 -4.51 -31.76
CA LEU C 372 35.95 -5.31 -31.51
C LEU C 372 36.57 -5.66 -32.87
N PRO C 373 37.92 -5.56 -33.06
CA PRO C 373 38.57 -6.13 -34.24
C PRO C 373 38.10 -7.56 -34.57
N ASN C 374 37.81 -7.80 -35.85
CA ASN C 374 37.15 -9.00 -36.35
C ASN C 374 35.65 -8.93 -36.06
N ALA C 375 35.04 -7.80 -36.47
CA ALA C 375 33.69 -7.43 -36.08
C ALA C 375 32.68 -8.43 -36.61
N ASP C 376 32.65 -8.56 -37.95
CA ASP C 376 31.61 -9.30 -38.66
C ASP C 376 31.99 -10.77 -38.82
N LYS C 377 33.25 -11.12 -38.47
CA LYS C 377 33.74 -12.48 -38.57
C LYS C 377 33.19 -13.30 -37.40
N GLU C 378 33.05 -12.63 -36.24
CA GLU C 378 32.53 -13.24 -35.02
C GLU C 378 31.11 -13.76 -35.24
N THR C 379 30.95 -15.08 -35.10
CA THR C 379 29.68 -15.76 -35.32
C THR C 379 28.71 -15.51 -34.15
N ASP C 380 29.24 -15.31 -32.93
CA ASP C 380 28.40 -15.14 -31.74
C ASP C 380 28.01 -13.66 -31.57
N PRO C 381 26.69 -13.35 -31.39
CA PRO C 381 26.24 -12.01 -30.97
C PRO C 381 26.88 -11.47 -29.69
N PHE C 382 26.52 -12.08 -28.55
CA PHE C 382 26.84 -11.56 -27.22
C PHE C 382 28.28 -11.05 -27.14
N LYS C 383 29.18 -11.54 -28.01
CA LYS C 383 30.59 -11.19 -27.97
C LYS C 383 30.89 -9.89 -28.71
N LEU C 384 29.86 -9.10 -29.08
CA LEU C 384 30.08 -7.86 -29.79
C LEU C 384 30.10 -6.69 -28.80
N SER C 385 30.81 -5.62 -29.20
CA SER C 385 31.25 -4.60 -28.25
C SER C 385 30.05 -3.96 -27.53
N GLY C 386 28.94 -3.77 -28.22
CA GLY C 386 27.71 -3.30 -27.61
C GLY C 386 27.23 -4.15 -26.43
N ALA C 387 27.08 -5.47 -26.61
CA ALA C 387 26.46 -6.26 -25.55
C ALA C 387 27.42 -6.33 -24.37
N GLN C 388 28.71 -6.37 -24.72
CA GLN C 388 29.81 -6.52 -23.78
C GLN C 388 29.83 -5.29 -22.85
N VAL C 389 29.86 -4.10 -23.47
CA VAL C 389 29.78 -2.84 -22.75
C VAL C 389 28.59 -2.85 -21.77
N VAL C 390 27.44 -3.37 -22.18
CA VAL C 390 26.29 -3.33 -21.27
C VAL C 390 26.50 -4.31 -20.12
N ASP C 391 27.08 -5.47 -20.43
CA ASP C 391 27.24 -6.53 -19.43
C ASP C 391 28.30 -6.16 -18.39
N ASN C 392 29.18 -5.19 -18.70
CA ASN C 392 30.27 -4.79 -17.83
C ASN C 392 30.02 -3.51 -17.04
N LEU C 393 28.85 -2.90 -17.18
CA LEU C 393 28.49 -1.73 -16.40
C LEU C 393 28.13 -2.18 -14.99
N LYS C 394 28.45 -1.35 -13.99
CA LYS C 394 28.23 -1.71 -12.61
C LYS C 394 27.22 -0.78 -11.96
N LEU C 395 27.01 0.37 -12.57
CA LEU C 395 26.17 1.37 -11.95
C LEU C 395 24.83 1.38 -12.68
N ALA C 396 24.92 1.57 -14.00
CA ALA C 396 23.77 1.43 -14.90
C ALA C 396 23.15 0.04 -14.77
N SER C 397 21.82 0.00 -14.78
CA SER C 397 21.07 -1.25 -14.77
C SER C 397 20.56 -1.61 -16.19
N ASN C 398 20.81 -2.86 -16.60
CA ASN C 398 20.36 -3.41 -17.87
C ASN C 398 18.88 -3.79 -17.80
N LEU C 399 17.99 -2.89 -18.25
CA LEU C 399 16.58 -3.22 -18.40
C LEU C 399 15.85 -2.14 -19.20
N ALA C 400 14.57 -2.42 -19.54
CA ALA C 400 13.86 -1.84 -20.67
C ALA C 400 13.16 -0.49 -20.40
N ASN C 401 12.85 -0.13 -19.14
CA ASN C 401 12.22 1.14 -18.82
C ASN C 401 13.09 2.34 -19.23
N VAL C 402 12.48 3.53 -19.14
CA VAL C 402 13.15 4.82 -19.14
C VAL C 402 12.48 5.64 -18.06
N GLY C 403 13.17 6.65 -17.55
CA GLY C 403 12.54 7.61 -16.67
C GLY C 403 12.65 7.24 -15.19
N ASP C 404 13.45 6.21 -14.89
CA ASP C 404 13.84 5.94 -13.52
C ASP C 404 14.89 6.98 -13.12
N ALA C 405 14.98 7.27 -11.81
CA ALA C 405 16.07 8.02 -11.22
C ALA C 405 17.42 7.33 -11.41
N LYS C 406 17.41 5.99 -11.37
CA LYS C 406 18.58 5.20 -11.70
C LYS C 406 18.84 5.26 -13.21
N THR C 407 20.11 5.23 -13.56
CA THR C 407 20.52 5.14 -14.96
C THR C 407 20.24 3.75 -15.48
N LEU C 408 19.59 3.67 -16.66
CA LEU C 408 19.20 2.42 -17.29
C LEU C 408 19.74 2.35 -18.72
N VAL C 409 20.17 1.17 -19.11
CA VAL C 409 20.74 0.96 -20.42
C VAL C 409 20.09 -0.27 -21.05
N ILE C 410 20.13 -0.30 -22.37
CA ILE C 410 19.79 -1.51 -23.07
C ILE C 410 20.56 -1.52 -24.39
N ALA C 411 20.97 -2.72 -24.81
CA ALA C 411 21.50 -2.94 -26.15
C ALA C 411 20.45 -3.71 -26.94
N PRO C 412 19.57 -3.02 -27.71
CA PRO C 412 18.41 -3.63 -28.36
C PRO C 412 18.62 -4.91 -29.21
N TYR C 413 19.66 -4.89 -30.06
CA TYR C 413 19.91 -5.98 -30.97
C TYR C 413 19.99 -7.33 -30.24
N PHE C 414 20.17 -7.32 -28.90
CA PHE C 414 20.55 -8.50 -28.12
C PHE C 414 19.43 -9.05 -27.23
N THR C 415 18.36 -8.28 -26.99
CA THR C 415 17.13 -8.81 -26.39
C THR C 415 15.93 -8.22 -27.12
N THR C 416 15.43 -7.06 -26.66
CA THR C 416 14.30 -6.39 -27.27
C THR C 416 14.77 -5.57 -28.48
N GLY C 429 15.55 0.56 -36.85
CA GLY C 429 16.98 0.94 -36.90
C GLY C 429 17.73 0.49 -35.64
N VAL C 430 17.88 -0.83 -35.50
CA VAL C 430 18.59 -1.44 -34.39
C VAL C 430 19.84 -2.11 -34.95
N THR C 431 21.00 -1.51 -34.69
CA THR C 431 22.26 -2.09 -35.08
C THR C 431 22.90 -2.74 -33.85
N LYS C 432 23.93 -3.56 -34.10
CA LYS C 432 24.55 -4.37 -33.06
C LYS C 432 25.35 -3.51 -32.11
N ASP C 433 25.88 -2.40 -32.64
CA ASP C 433 26.71 -1.47 -31.90
C ASP C 433 25.89 -0.55 -31.00
N LEU C 434 24.55 -0.66 -30.95
CA LEU C 434 23.74 0.44 -30.41
C LEU C 434 23.36 0.20 -28.95
N ILE C 435 23.65 1.23 -28.15
CA ILE C 435 23.21 1.26 -26.76
C ILE C 435 22.31 2.49 -26.55
N ARG C 436 21.17 2.23 -25.93
CA ARG C 436 20.26 3.28 -25.48
C ARG C 436 20.48 3.47 -23.99
N VAL C 437 20.52 4.73 -23.53
CA VAL C 437 20.70 5.06 -22.13
C VAL C 437 19.61 6.03 -21.68
N SER C 438 18.82 5.61 -20.69
CA SER C 438 18.05 6.55 -19.89
C SER C 438 18.95 6.99 -18.77
N VAL C 439 19.34 8.26 -18.79
CA VAL C 439 20.36 8.77 -17.92
C VAL C 439 19.69 9.20 -16.62
N GLY C 440 20.21 8.66 -15.52
CA GLY C 440 19.68 8.85 -14.18
C GLY C 440 20.22 10.12 -13.53
N ILE C 441 20.00 10.23 -12.22
CA ILE C 441 20.35 11.44 -11.50
C ILE C 441 21.51 11.16 -10.55
N GLU C 442 22.22 10.03 -10.73
CA GLU C 442 23.47 9.79 -10.01
C GLU C 442 24.44 10.93 -10.34
N PHE C 443 25.50 11.10 -9.55
CA PHE C 443 26.63 11.97 -9.87
C PHE C 443 27.19 11.67 -11.26
N ILE C 444 27.16 12.67 -12.12
CA ILE C 444 27.61 12.54 -13.49
C ILE C 444 29.00 11.90 -13.56
N ASP C 445 29.94 12.22 -12.65
CA ASP C 445 31.28 11.65 -12.72
C ASP C 445 31.25 10.14 -12.49
N ASP C 446 30.32 9.63 -11.66
CA ASP C 446 30.22 8.19 -11.47
C ASP C 446 29.57 7.53 -12.68
N ILE C 447 28.65 8.23 -13.34
CA ILE C 447 28.03 7.68 -14.54
C ILE C 447 29.10 7.51 -15.63
N ILE C 448 29.84 8.57 -15.89
CA ILE C 448 30.89 8.53 -16.90
C ILE C 448 31.94 7.47 -16.55
N ALA C 449 32.38 7.47 -15.30
CA ALA C 449 33.40 6.55 -14.82
C ALA C 449 32.94 5.11 -15.02
N ASP C 450 31.62 4.86 -14.89
CA ASP C 450 31.09 3.54 -15.13
C ASP C 450 31.22 3.14 -16.61
N PHE C 451 30.86 4.04 -17.54
CA PHE C 451 31.02 3.70 -18.95
C PHE C 451 32.50 3.48 -19.29
N GLN C 452 33.37 4.32 -18.76
CA GLN C 452 34.79 4.30 -19.06
C GLN C 452 35.37 2.95 -18.65
N GLN C 453 35.09 2.47 -17.44
CA GLN C 453 35.60 1.21 -16.96
C GLN C 453 35.01 0.05 -17.74
N SER C 454 33.81 0.23 -18.29
CA SER C 454 33.23 -0.83 -19.10
C SER C 454 33.94 -0.89 -20.45
N PHE C 455 34.10 0.25 -21.09
CA PHE C 455 34.93 0.33 -22.28
C PHE C 455 36.29 -0.33 -22.02
N GLU C 456 36.91 0.03 -20.88
CA GLU C 456 38.27 -0.40 -20.59
C GLU C 456 38.31 -1.93 -20.47
N THR C 457 37.34 -2.49 -19.77
CA THR C 457 37.24 -3.92 -19.56
C THR C 457 36.99 -4.67 -20.88
N VAL C 458 36.26 -4.03 -21.83
CA VAL C 458 35.81 -4.71 -23.04
C VAL C 458 36.91 -4.68 -24.11
N PHE C 459 37.58 -3.53 -24.23
CA PHE C 459 38.70 -3.36 -25.12
C PHE C 459 39.99 -3.69 -24.37
N ALA C 460 39.90 -4.56 -23.34
CA ALA C 460 40.98 -4.80 -22.39
C ALA C 460 42.29 -4.99 -23.14
N GLY C 461 43.27 -4.11 -22.89
CA GLY C 461 44.62 -4.25 -23.43
C GLY C 461 44.63 -4.28 -24.96
N GLN C 462 44.49 -3.09 -25.56
CA GLN C 462 44.10 -2.92 -26.95
C GLN C 462 43.49 -1.53 -27.09
N LYS C 463 44.30 -0.60 -27.62
CA LYS C 463 43.91 0.78 -27.80
C LYS C 463 42.48 0.85 -28.35
N PRO C 464 41.79 2.00 -28.19
CA PRO C 464 40.34 2.07 -28.46
C PRO C 464 39.93 1.94 -29.94
N MET D 21 -24.99 -20.48 16.13
CA MET D 21 -23.54 -20.26 15.92
C MET D 21 -23.32 -18.81 15.49
N PRO D 22 -23.78 -18.34 14.31
CA PRO D 22 -23.70 -16.91 14.01
C PRO D 22 -24.25 -16.08 15.16
N SER D 23 -23.68 -14.87 15.41
CA SER D 23 -24.16 -13.98 16.45
C SER D 23 -23.84 -12.52 16.11
N HIS D 24 -24.20 -11.63 17.03
CA HIS D 24 -24.06 -10.19 16.88
C HIS D 24 -22.60 -9.79 16.61
N PHE D 25 -21.67 -10.62 17.09
CA PHE D 25 -20.25 -10.50 16.84
C PHE D 25 -19.97 -10.29 15.35
N ASP D 26 -20.77 -10.94 14.49
CA ASP D 26 -20.53 -10.88 13.05
C ASP D 26 -20.93 -9.51 12.54
N THR D 27 -21.94 -8.89 13.16
CA THR D 27 -22.30 -7.54 12.79
C THR D 27 -21.25 -6.52 13.25
N VAL D 28 -20.78 -6.72 14.49
CA VAL D 28 -19.86 -5.81 15.17
C VAL D 28 -18.53 -5.72 14.43
N GLN D 29 -18.01 -6.87 13.95
CA GLN D 29 -16.72 -6.91 13.32
C GLN D 29 -16.72 -6.24 11.94
N LEU D 30 -17.91 -5.88 11.44
CA LEU D 30 -18.04 -5.16 10.17
C LEU D 30 -18.45 -3.70 10.31
N HIS D 31 -19.06 -3.30 11.45
CA HIS D 31 -19.76 -2.03 11.58
C HIS D 31 -19.17 -1.14 12.69
N ALA D 32 -18.64 -1.72 13.78
CA ALA D 32 -18.20 -0.88 14.89
C ALA D 32 -17.12 0.10 14.43
N GLY D 33 -17.33 1.37 14.79
CA GLY D 33 -16.41 2.44 14.40
C GLY D 33 -16.60 2.97 12.98
N GLN D 34 -17.29 2.24 12.09
CA GLN D 34 -17.66 2.80 10.80
C GLN D 34 -19.02 3.48 11.00
N GLU D 35 -18.95 4.79 11.19
CA GLU D 35 -20.04 5.51 11.81
C GLU D 35 -21.11 5.75 10.74
N ASN D 36 -20.81 6.60 9.75
CA ASN D 36 -21.78 7.12 8.79
C ASN D 36 -21.58 6.44 7.42
N SER D 44 -17.88 7.40 1.34
CA SER D 44 -16.87 6.35 1.02
C SER D 44 -17.11 5.08 1.85
N ARG D 45 -17.28 3.92 1.17
CA ARG D 45 -17.70 2.70 1.86
C ARG D 45 -16.52 2.10 2.63
N ALA D 46 -15.37 1.95 1.95
CA ALA D 46 -14.17 1.46 2.61
C ALA D 46 -13.55 2.62 3.39
N VAL D 47 -12.74 2.26 4.40
CA VAL D 47 -12.02 3.26 5.19
C VAL D 47 -10.72 3.63 4.46
N PRO D 48 -10.48 4.94 4.20
CA PRO D 48 -9.24 5.38 3.56
C PRO D 48 -7.97 5.01 4.36
N ILE D 49 -6.85 4.83 3.63
CA ILE D 49 -5.50 4.83 4.19
C ILE D 49 -5.05 6.30 4.26
N TYR D 50 -5.05 6.90 5.46
CA TYR D 50 -4.56 8.26 5.61
C TYR D 50 -3.05 8.25 5.84
N ALA D 51 -2.29 7.84 4.80
CA ALA D 51 -0.84 7.87 4.86
C ALA D 51 -0.40 9.33 4.95
N THR D 52 -0.42 9.85 6.20
CA THR D 52 -0.15 11.24 6.50
C THR D 52 0.47 11.31 7.91
N THR D 53 1.46 12.22 8.06
CA THR D 53 2.03 12.57 9.34
C THR D 53 1.16 13.66 9.99
N SER D 54 0.45 14.49 9.19
CA SER D 54 -0.04 15.81 9.64
C SER D 54 -1.47 16.15 9.21
N TYR D 55 -2.12 17.06 10.00
CA TYR D 55 -3.53 17.47 9.83
C TYR D 55 -3.75 18.94 10.19
N ASN D 81 -4.71 8.76 13.99
CA ASN D 81 -4.98 8.27 12.61
C ASN D 81 -6.41 7.70 12.51
N PRO D 82 -7.25 8.20 11.57
CA PRO D 82 -8.57 7.61 11.29
C PRO D 82 -8.74 6.13 10.97
N THR D 83 -7.89 5.55 10.13
CA THR D 83 -7.88 4.12 9.93
C THR D 83 -7.66 3.38 11.25
N SER D 84 -6.59 3.77 11.97
CA SER D 84 -6.24 3.22 13.27
C SER D 84 -7.40 3.28 14.27
N ASN D 85 -8.13 4.39 14.28
CA ASN D 85 -9.20 4.63 15.21
C ASN D 85 -10.37 3.67 14.95
N VAL D 86 -10.69 3.44 13.68
CA VAL D 86 -11.67 2.42 13.37
C VAL D 86 -11.20 1.09 13.96
N LEU D 87 -9.98 0.62 13.65
CA LEU D 87 -9.49 -0.64 14.21
C LEU D 87 -9.62 -0.67 15.72
N GLU D 88 -9.27 0.43 16.35
CA GLU D 88 -9.26 0.46 17.79
C GLU D 88 -10.67 0.27 18.29
N GLU D 89 -11.61 1.07 17.78
CA GLU D 89 -12.97 1.05 18.30
C GLU D 89 -13.60 -0.30 18.02
N ARG D 90 -13.15 -0.94 16.96
CA ARG D 90 -13.78 -2.20 16.57
C ARG D 90 -13.32 -3.31 17.49
N ILE D 91 -12.01 -3.35 17.81
CA ILE D 91 -11.50 -4.39 18.69
C ILE D 91 -12.03 -4.14 20.12
N ALA D 92 -12.19 -2.85 20.49
CA ALA D 92 -12.73 -2.55 21.81
C ALA D 92 -14.15 -3.12 21.95
N ALA D 93 -14.94 -2.94 20.91
CA ALA D 93 -16.33 -3.41 20.90
C ALA D 93 -16.36 -4.93 20.91
N LEU D 94 -15.49 -5.56 20.13
CA LEU D 94 -15.43 -7.00 20.12
C LEU D 94 -14.99 -7.51 21.46
N GLU D 95 -14.17 -6.77 22.22
CA GLU D 95 -13.71 -7.31 23.49
C GLU D 95 -14.57 -6.89 24.69
N GLY D 96 -15.61 -6.07 24.48
CA GLY D 96 -16.39 -5.52 25.56
C GLY D 96 -15.59 -4.51 26.38
N GLY D 97 -14.65 -3.82 25.73
CA GLY D 97 -13.89 -2.77 26.38
C GLY D 97 -14.48 -1.39 26.11
N ALA D 98 -13.98 -0.39 26.83
CA ALA D 98 -14.41 0.99 26.64
C ALA D 98 -13.62 1.69 25.53
N ALA D 99 -12.34 1.34 25.36
CA ALA D 99 -11.51 1.96 24.36
C ALA D 99 -10.22 1.16 24.17
N ALA D 100 -9.51 1.49 23.09
CA ALA D 100 -8.33 0.74 22.74
C ALA D 100 -7.32 1.61 22.00
N LEU D 101 -6.12 1.03 21.90
CA LEU D 101 -5.01 1.68 21.25
C LEU D 101 -4.21 0.70 20.38
N ALA D 102 -3.89 1.13 19.18
CA ALA D 102 -3.14 0.36 18.21
C ALA D 102 -1.66 0.76 18.23
N VAL D 103 -0.77 -0.24 18.15
CA VAL D 103 0.67 -0.02 18.28
C VAL D 103 1.36 -0.97 17.31
N SER D 104 2.67 -0.78 17.14
CA SER D 104 3.38 -1.40 16.01
C SER D 104 3.48 -2.92 16.14
N SER D 105 3.37 -3.52 17.34
CA SER D 105 3.50 -4.97 17.43
C SER D 105 2.83 -5.51 18.70
N GLY D 106 2.59 -6.83 18.77
CA GLY D 106 2.16 -7.45 20.01
C GLY D 106 3.13 -7.16 21.17
N GLN D 107 4.43 -7.27 20.90
CA GLN D 107 5.46 -6.95 21.88
C GLN D 107 5.36 -5.49 22.35
N ALA D 108 5.06 -4.58 21.43
CA ALA D 108 4.89 -3.19 21.83
C ALA D 108 3.63 -3.04 22.68
N ALA D 109 2.57 -3.78 22.34
CA ALA D 109 1.33 -3.67 23.09
C ALA D 109 1.55 -4.13 24.53
N GLN D 110 2.29 -5.22 24.70
CA GLN D 110 2.61 -5.73 26.03
C GLN D 110 3.50 -4.76 26.81
N THR D 111 4.50 -4.19 26.14
CA THR D 111 5.45 -3.28 26.75
C THR D 111 4.73 -2.03 27.28
N LEU D 112 4.01 -1.34 26.40
CA LEU D 112 3.32 -0.12 26.80
C LEU D 112 2.27 -0.49 27.84
N ALA D 113 1.58 -1.63 27.70
CA ALA D 113 0.50 -1.88 28.62
C ALA D 113 1.08 -1.90 30.03
N ILE D 114 2.21 -2.58 30.20
CA ILE D 114 2.89 -2.72 31.47
C ILE D 114 3.50 -1.40 31.91
N GLN D 115 4.19 -0.70 30.99
CA GLN D 115 4.79 0.58 31.33
C GLN D 115 3.73 1.63 31.63
N GLY D 116 2.46 1.36 31.29
CA GLY D 116 1.36 2.22 31.69
C GLY D 116 1.01 2.04 33.16
N LEU D 117 1.49 0.94 33.75
CA LEU D 117 1.18 0.62 35.15
C LEU D 117 2.40 0.76 36.07
N ALA D 118 3.55 0.21 35.66
CA ALA D 118 4.66 -0.05 36.56
C ALA D 118 5.87 0.79 36.15
N HIS D 119 6.53 1.36 37.16
CA HIS D 119 7.67 2.23 37.05
C HIS D 119 8.86 1.51 37.71
N THR D 120 10.03 2.16 37.70
CA THR D 120 11.20 1.64 38.37
C THR D 120 10.93 1.50 39.88
N GLY D 121 11.32 0.35 40.45
CA GLY D 121 11.02 0.00 41.83
C GLY D 121 9.79 -0.91 41.95
N ASP D 122 9.03 -1.06 40.86
CA ASP D 122 7.74 -1.73 40.96
C ASP D 122 7.96 -3.18 40.57
N ASN D 123 6.94 -4.01 40.81
CA ASN D 123 6.96 -5.38 40.32
C ASN D 123 5.61 -5.69 39.68
N ILE D 124 5.60 -6.75 38.88
CA ILE D 124 4.39 -7.33 38.36
C ILE D 124 4.47 -8.82 38.59
N VAL D 125 3.31 -9.46 38.58
CA VAL D 125 3.22 -10.87 38.91
C VAL D 125 2.61 -11.57 37.70
N SER D 126 3.28 -12.62 37.23
CA SER D 126 2.94 -13.22 35.97
C SER D 126 2.94 -14.72 36.17
N THR D 127 2.00 -15.40 35.52
CA THR D 127 2.18 -16.78 35.16
C THR D 127 3.56 -16.95 34.50
N SER D 128 4.12 -18.14 34.67
CA SER D 128 5.34 -18.55 33.98
C SER D 128 5.01 -19.26 32.66
N TYR D 129 3.71 -19.30 32.29
CA TYR D 129 3.26 -20.00 31.10
C TYR D 129 3.23 -19.01 29.93
N LEU D 130 4.42 -18.45 29.64
CA LEU D 130 4.52 -17.28 28.78
C LEU D 130 4.93 -17.70 27.37
N TYR D 131 4.23 -17.16 26.37
CA TYR D 131 4.76 -17.07 25.02
C TYR D 131 6.24 -16.68 25.13
N GLY D 132 7.11 -17.33 24.35
CA GLY D 132 8.56 -17.26 24.54
C GLY D 132 9.11 -15.83 24.60
N GLY D 133 8.68 -15.00 23.65
CA GLY D 133 9.12 -13.62 23.57
C GLY D 133 8.69 -12.79 24.78
N THR D 134 7.57 -13.12 25.42
CA THR D 134 7.11 -12.41 26.62
C THR D 134 8.05 -12.67 27.82
N TYR D 135 8.56 -13.90 27.93
CA TYR D 135 9.48 -14.25 29.00
C TYR D 135 10.74 -13.38 29.00
N ASN D 136 11.41 -13.30 27.87
CA ASN D 136 12.59 -12.46 27.77
C ASN D 136 12.22 -11.02 28.06
N GLN D 137 11.10 -10.55 27.51
CA GLN D 137 10.66 -9.17 27.69
C GLN D 137 10.63 -8.85 29.18
N PHE D 138 10.02 -9.79 29.93
CA PHE D 138 9.62 -9.61 31.31
C PHE D 138 10.84 -9.75 32.21
N LYS D 139 11.57 -10.84 32.01
CA LYS D 139 12.65 -11.20 32.91
C LYS D 139 13.86 -10.33 32.62
N ILE D 140 14.06 -9.93 31.36
CA ILE D 140 15.30 -9.28 30.98
C ILE D 140 15.06 -7.82 30.68
N SER D 141 14.21 -7.49 29.69
CA SER D 141 14.13 -6.10 29.28
C SER D 141 13.46 -5.25 30.35
N PHE D 142 12.46 -5.80 31.04
CA PHE D 142 11.74 -5.05 32.07
C PHE D 142 12.69 -4.75 33.23
N LYS D 143 13.61 -5.68 33.51
CA LYS D 143 14.54 -5.49 34.60
C LYS D 143 15.40 -4.26 34.39
N ARG D 144 15.85 -4.03 33.15
CA ARG D 144 16.62 -2.84 32.86
C ARG D 144 15.79 -1.58 33.14
N PHE D 145 14.47 -1.66 33.12
CA PHE D 145 13.63 -0.53 33.47
C PHE D 145 13.29 -0.48 34.96
N GLY D 146 13.82 -1.43 35.73
CA GLY D 146 13.61 -1.45 37.17
C GLY D 146 12.29 -2.09 37.55
N ILE D 147 11.67 -2.77 36.59
CA ILE D 147 10.46 -3.52 36.84
C ILE D 147 10.88 -4.97 37.01
N GLU D 148 10.51 -5.51 38.17
CA GLU D 148 10.79 -6.90 38.51
C GLU D 148 9.56 -7.74 38.24
N ALA D 149 9.74 -8.77 37.39
CA ALA D 149 8.66 -9.73 37.14
C ALA D 149 8.77 -10.88 38.13
N ARG D 150 7.67 -11.21 38.79
CA ARG D 150 7.62 -12.34 39.71
C ARG D 150 6.73 -13.43 39.10
N PHE D 151 7.33 -14.59 38.86
CA PHE D 151 6.66 -15.67 38.15
C PHE D 151 6.08 -16.63 39.18
N VAL D 152 4.75 -16.79 39.16
CA VAL D 152 4.00 -17.66 40.04
C VAL D 152 3.65 -18.89 39.23
N GLU D 153 3.46 -20.03 39.91
CA GLU D 153 3.30 -21.26 39.17
C GLU D 153 1.92 -21.84 39.48
N GLY D 154 1.37 -22.59 38.51
CA GLY D 154 0.06 -23.20 38.65
C GLY D 154 -1.05 -22.15 38.71
N ASP D 155 -2.28 -22.64 38.96
CA ASP D 155 -3.46 -21.81 38.88
C ASP D 155 -3.82 -21.28 40.27
N ASN D 156 -3.35 -21.96 41.32
CA ASN D 156 -3.76 -21.69 42.68
C ASN D 156 -3.63 -20.22 42.99
N PRO D 157 -4.73 -19.50 43.35
CA PRO D 157 -4.65 -18.10 43.78
C PRO D 157 -3.79 -17.69 44.98
N GLU D 158 -3.50 -18.60 45.92
CA GLU D 158 -2.80 -18.24 47.16
C GLU D 158 -1.35 -17.87 46.86
N GLU D 159 -0.75 -18.55 45.88
CA GLU D 159 0.61 -18.27 45.46
C GLU D 159 0.69 -16.85 44.90
N PHE D 160 -0.38 -16.38 44.23
CA PHE D 160 -0.43 -15.00 43.75
C PHE D 160 -0.27 -14.04 44.94
N GLU D 161 -1.03 -14.26 46.01
CA GLU D 161 -1.07 -13.34 47.15
C GLU D 161 0.29 -13.24 47.84
N LYS D 162 1.06 -14.33 47.82
CA LYS D 162 2.30 -14.41 48.56
C LYS D 162 3.37 -13.49 48.00
N VAL D 163 3.29 -13.14 46.70
CA VAL D 163 4.33 -12.33 46.10
C VAL D 163 3.84 -10.90 45.89
N PHE D 164 2.60 -10.62 46.30
CA PHE D 164 2.04 -9.28 46.25
C PHE D 164 2.54 -8.41 47.40
N ASP D 165 2.93 -7.20 47.04
CA ASP D 165 3.34 -6.15 47.95
C ASP D 165 2.73 -4.85 47.40
N GLU D 166 2.97 -3.72 48.06
CA GLU D 166 2.34 -2.46 47.71
C GLU D 166 2.90 -1.91 46.37
N ARG D 167 3.99 -2.50 45.88
CA ARG D 167 4.63 -2.08 44.66
C ARG D 167 4.28 -3.01 43.48
N THR D 168 3.46 -4.04 43.72
CA THR D 168 2.91 -4.85 42.65
C THR D 168 1.90 -4.01 41.86
N LYS D 169 2.22 -3.67 40.60
CA LYS D 169 1.31 -2.85 39.81
C LYS D 169 0.49 -3.63 38.78
N ALA D 170 0.70 -4.95 38.64
CA ALA D 170 -0.08 -5.72 37.70
C ALA D 170 0.01 -7.20 37.99
N VAL D 171 -1.03 -7.91 37.57
CA VAL D 171 -0.99 -9.35 37.42
C VAL D 171 -1.22 -9.64 35.94
N TYR D 172 -0.37 -10.49 35.35
CA TYR D 172 -0.38 -10.78 33.93
C TYR D 172 -0.73 -12.24 33.65
N LEU D 173 -1.77 -12.48 32.82
CA LEU D 173 -2.22 -13.80 32.41
C LEU D 173 -2.19 -13.92 30.89
N GLU D 174 -2.14 -15.16 30.39
CA GLU D 174 -2.44 -15.46 29.01
C GLU D 174 -3.70 -16.31 28.96
N THR D 175 -4.57 -16.07 27.97
CA THR D 175 -5.84 -16.78 27.83
C THR D 175 -5.64 -18.29 27.61
N ILE D 176 -4.74 -18.62 26.68
CA ILE D 176 -4.25 -19.97 26.47
C ILE D 176 -2.73 -19.89 26.53
N GLY D 177 -2.13 -20.48 27.58
CA GLY D 177 -0.73 -20.26 27.89
C GLY D 177 0.17 -21.23 27.15
N ASN D 178 1.41 -20.84 26.86
CA ASN D 178 2.34 -21.65 26.09
C ASN D 178 3.28 -22.39 27.04
N PRO D 179 3.60 -23.68 26.77
CA PRO D 179 3.04 -24.43 25.65
C PRO D 179 2.15 -25.60 26.06
N LYS D 180 1.45 -25.46 27.19
CA LYS D 180 0.56 -26.51 27.69
C LYS D 180 -0.90 -26.18 27.42
N TYR D 181 -1.18 -24.96 26.92
CA TYR D 181 -2.53 -24.57 26.52
C TYR D 181 -3.46 -24.63 27.73
N ASN D 182 -2.95 -24.17 28.86
CA ASN D 182 -3.77 -24.10 30.06
C ASN D 182 -4.47 -22.74 30.07
N VAL D 183 -5.77 -22.76 30.36
CA VAL D 183 -6.56 -21.56 30.52
C VAL D 183 -6.60 -21.19 32.00
N PRO D 184 -6.33 -19.91 32.34
CA PRO D 184 -6.37 -19.47 33.73
C PRO D 184 -7.79 -19.44 34.32
N ASP D 185 -7.83 -19.53 35.64
CA ASP D 185 -9.07 -19.45 36.38
C ASP D 185 -9.31 -17.97 36.64
N PHE D 186 -9.86 -17.33 35.61
CA PHE D 186 -9.97 -15.88 35.61
C PHE D 186 -10.66 -15.40 36.88
N GLU D 187 -11.72 -16.08 37.34
CA GLU D 187 -12.58 -15.50 38.37
C GLU D 187 -11.85 -15.44 39.69
N LYS D 188 -11.04 -16.47 39.98
CA LYS D 188 -10.30 -16.53 41.23
C LYS D 188 -9.10 -15.57 41.20
N ILE D 189 -8.39 -15.53 40.06
CA ILE D 189 -7.21 -14.68 39.99
C ILE D 189 -7.64 -13.21 40.00
N VAL D 190 -8.69 -12.87 39.26
CA VAL D 190 -9.19 -11.50 39.31
C VAL D 190 -9.65 -11.14 40.73
N ALA D 191 -10.37 -12.05 41.42
CA ALA D 191 -10.92 -11.74 42.73
C ALA D 191 -9.78 -11.42 43.69
N ILE D 192 -8.71 -12.21 43.61
CA ILE D 192 -7.60 -12.02 44.54
C ILE D 192 -6.71 -10.84 44.16
N ALA D 193 -6.58 -10.51 42.87
CA ALA D 193 -5.84 -9.31 42.48
C ALA D 193 -6.59 -8.06 42.90
N HIS D 194 -7.89 -8.03 42.67
CA HIS D 194 -8.71 -6.85 42.94
C HIS D 194 -8.84 -6.58 44.44
N LYS D 195 -8.83 -7.65 45.25
CA LYS D 195 -8.74 -7.54 46.70
C LYS D 195 -7.55 -6.69 47.12
N HIS D 196 -6.39 -6.83 46.45
CA HIS D 196 -5.19 -6.07 46.78
C HIS D 196 -5.02 -4.81 45.94
N GLY D 197 -6.05 -4.39 45.17
CA GLY D 197 -5.93 -3.20 44.34
C GLY D 197 -4.94 -3.34 43.17
N ILE D 198 -4.84 -4.56 42.62
CA ILE D 198 -3.93 -4.85 41.51
C ILE D 198 -4.75 -5.16 40.26
N PRO D 199 -4.59 -4.39 39.16
CA PRO D 199 -5.27 -4.72 37.90
C PRO D 199 -4.68 -5.96 37.22
N VAL D 200 -5.55 -6.58 36.40
CA VAL D 200 -5.30 -7.81 35.67
C VAL D 200 -5.16 -7.44 34.20
N VAL D 201 -4.00 -7.80 33.63
CA VAL D 201 -3.66 -7.60 32.24
C VAL D 201 -3.65 -9.00 31.62
N VAL D 202 -4.40 -9.19 30.51
CA VAL D 202 -4.51 -10.49 29.86
C VAL D 202 -4.13 -10.31 28.39
N ASP D 203 -3.11 -11.08 27.99
CA ASP D 203 -2.80 -11.34 26.60
C ASP D 203 -3.82 -12.31 26.02
N ASN D 204 -4.76 -11.75 25.24
CA ASN D 204 -5.86 -12.50 24.68
C ASN D 204 -5.61 -12.83 23.21
N THR D 205 -4.34 -12.92 22.84
CA THR D 205 -3.97 -13.20 21.45
C THR D 205 -4.67 -14.45 21.00
N PHE D 206 -4.59 -15.52 21.81
CA PHE D 206 -5.13 -16.81 21.43
C PHE D 206 -6.64 -16.79 21.57
N GLY D 207 -7.19 -15.73 22.19
CA GLY D 207 -8.63 -15.53 22.17
C GLY D 207 -9.20 -15.10 20.81
N ALA D 208 -8.36 -14.82 19.80
CA ALA D 208 -8.80 -14.40 18.45
C ALA D 208 -9.77 -13.22 18.50
N GLY D 209 -9.28 -12.12 19.06
CA GLY D 209 -9.95 -10.83 19.05
C GLY D 209 -11.30 -10.81 19.78
N GLY D 210 -11.49 -11.71 20.75
CA GLY D 210 -12.73 -11.76 21.50
C GLY D 210 -13.60 -12.94 21.09
N TYR D 211 -13.20 -13.64 20.03
CA TYR D 211 -14.11 -14.66 19.53
C TYR D 211 -14.17 -15.84 20.50
N PHE D 212 -13.04 -16.36 20.94
CA PHE D 212 -13.01 -17.53 21.79
C PHE D 212 -13.10 -17.16 23.28
N CYS D 213 -12.69 -15.95 23.65
CA CYS D 213 -12.72 -15.50 25.02
C CYS D 213 -12.75 -13.98 25.05
N GLN D 214 -13.63 -13.41 25.88
CA GLN D 214 -13.58 -11.99 26.24
C GLN D 214 -13.25 -11.86 27.72
N PRO D 215 -11.97 -11.75 28.08
CA PRO D 215 -11.57 -11.79 29.47
C PRO D 215 -12.11 -10.65 30.32
N ILE D 216 -12.33 -9.48 29.71
CA ILE D 216 -13.00 -8.38 30.38
C ILE D 216 -14.33 -8.85 30.98
N LYS D 217 -15.03 -9.76 30.34
CA LYS D 217 -16.29 -10.27 30.90
C LYS D 217 -16.06 -11.05 32.21
N TYR D 218 -14.85 -11.53 32.49
CA TYR D 218 -14.57 -12.23 33.75
C TYR D 218 -13.78 -11.35 34.69
N GLY D 219 -13.76 -10.04 34.43
CA GLY D 219 -13.19 -9.03 35.31
C GLY D 219 -11.82 -8.48 34.92
N ALA D 220 -11.18 -8.98 33.83
CA ALA D 220 -9.91 -8.44 33.40
C ALA D 220 -10.04 -6.95 33.13
N ASP D 221 -8.95 -6.21 33.36
CA ASP D 221 -8.98 -4.76 33.33
C ASP D 221 -8.48 -4.24 31.98
N ILE D 222 -7.46 -4.95 31.48
CA ILE D 222 -6.69 -4.56 30.33
C ILE D 222 -6.41 -5.82 29.54
N VAL D 223 -6.64 -5.77 28.23
CA VAL D 223 -6.40 -6.91 27.36
C VAL D 223 -5.46 -6.44 26.27
N THR D 224 -4.47 -7.28 25.97
CA THR D 224 -3.54 -7.04 24.88
C THR D 224 -3.65 -8.16 23.85
N HIS D 225 -3.36 -7.77 22.60
CA HIS D 225 -3.38 -8.64 21.45
C HIS D 225 -2.13 -8.39 20.61
N SER D 226 -1.54 -9.49 20.17
CA SER D 226 -0.78 -9.51 18.93
C SER D 226 -1.78 -9.66 17.79
N ALA D 227 -2.07 -8.54 17.11
CA ALA D 227 -3.01 -8.56 16.01
C ALA D 227 -2.35 -9.24 14.81
N THR D 228 -1.03 -9.40 14.85
CA THR D 228 -0.29 -10.19 13.86
C THR D 228 -0.90 -11.56 13.58
N LYS D 229 -1.56 -12.19 14.57
CA LYS D 229 -2.03 -13.58 14.45
C LYS D 229 -3.46 -13.61 13.88
N TRP D 230 -4.45 -14.12 14.64
CA TRP D 230 -5.79 -14.32 14.14
C TRP D 230 -6.50 -13.01 13.77
N ILE D 231 -6.13 -11.86 14.33
CA ILE D 231 -6.95 -10.71 14.02
C ILE D 231 -6.73 -10.32 12.55
N GLY D 232 -5.47 -10.24 12.15
CA GLY D 232 -5.17 -10.02 10.74
C GLY D 232 -5.46 -11.24 9.89
N GLY D 233 -5.00 -12.40 10.33
CA GLY D 233 -5.45 -13.66 9.76
C GLY D 233 -4.63 -14.22 8.57
N HIS D 234 -3.70 -13.47 7.99
CA HIS D 234 -3.13 -13.81 6.69
C HIS D 234 -1.61 -13.84 6.71
N GLY D 235 -0.97 -13.66 7.87
CA GLY D 235 0.47 -13.54 7.98
C GLY D 235 1.06 -12.36 7.19
N THR D 236 0.32 -11.27 7.00
CA THR D 236 0.89 -10.17 6.20
C THR D 236 1.41 -8.99 7.04
N THR D 237 0.87 -8.81 8.25
CA THR D 237 0.93 -7.53 8.92
C THR D 237 1.17 -7.71 10.41
N ILE D 238 2.18 -7.00 10.93
CA ILE D 238 2.49 -7.02 12.33
C ILE D 238 1.73 -5.87 13.00
N GLY D 239 1.16 -6.12 14.20
CA GLY D 239 0.51 -5.06 14.92
C GLY D 239 0.06 -5.52 16.31
N GLY D 240 -0.20 -4.53 17.16
CA GLY D 240 -0.64 -4.81 18.51
C GLY D 240 -1.77 -3.89 18.91
N ILE D 241 -2.57 -4.39 19.85
CA ILE D 241 -3.71 -3.66 20.39
C ILE D 241 -3.69 -3.76 21.91
N ILE D 242 -3.97 -2.62 22.54
CA ILE D 242 -4.28 -2.56 23.97
C ILE D 242 -5.75 -2.18 24.15
N VAL D 243 -6.48 -2.92 24.98
CA VAL D 243 -7.88 -2.65 25.24
C VAL D 243 -8.04 -2.37 26.73
N ASP D 244 -8.71 -1.24 27.07
CA ASP D 244 -8.99 -0.85 28.46
C ASP D 244 -10.46 -1.09 28.72
N SER D 245 -10.76 -1.84 29.79
CA SER D 245 -12.12 -2.14 30.23
C SER D 245 -12.84 -0.85 30.64
N GLY D 246 -12.07 0.12 31.11
CA GLY D 246 -12.56 1.29 31.84
C GLY D 246 -13.18 0.96 33.20
N LYS D 247 -12.85 -0.18 33.79
CA LYS D 247 -13.55 -0.61 35.00
C LYS D 247 -12.63 -0.65 36.21
N PHE D 248 -11.34 -0.40 36.06
CA PHE D 248 -10.46 -0.47 37.23
C PHE D 248 -10.53 0.85 37.97
N PRO D 249 -10.77 0.86 39.30
CA PRO D 249 -10.99 2.11 40.03
C PRO D 249 -9.66 2.71 40.46
N TRP D 250 -9.03 3.43 39.53
CA TRP D 250 -7.75 4.08 39.75
C TRP D 250 -7.81 5.07 40.91
N LYS D 251 -8.96 5.73 41.06
CA LYS D 251 -9.17 6.78 42.08
C LYS D 251 -9.04 6.21 43.49
N ASP D 252 -9.35 4.94 43.66
CA ASP D 252 -9.25 4.28 44.95
C ASP D 252 -7.80 4.01 45.35
N TYR D 253 -6.85 4.18 44.42
CA TYR D 253 -5.45 3.81 44.60
C TYR D 253 -4.52 4.91 44.10
N PRO D 254 -4.69 6.16 44.61
CA PRO D 254 -3.91 7.29 44.11
C PRO D 254 -2.41 7.12 44.37
N GLU D 255 -2.07 6.32 45.38
CA GLU D 255 -0.68 6.10 45.77
C GLU D 255 -0.01 4.98 44.98
N LYS D 256 -0.78 3.94 44.68
CA LYS D 256 -0.24 2.82 43.91
C LYS D 256 -0.03 3.28 42.47
N PHE D 257 -0.89 4.21 42.00
CA PHE D 257 -0.89 4.65 40.61
C PHE D 257 -0.91 6.17 40.57
N PRO D 258 0.21 6.81 40.95
CA PRO D 258 0.31 8.25 40.96
C PRO D 258 0.21 8.87 39.56
N GLN D 259 0.46 8.05 38.54
CA GLN D 259 0.45 8.59 37.19
C GLN D 259 -0.96 9.03 36.80
N PHE D 260 -2.03 8.51 37.45
CA PHE D 260 -3.39 8.95 37.18
C PHE D 260 -3.90 10.02 38.18
N SER D 261 -3.17 10.28 39.28
CA SER D 261 -3.70 11.00 40.42
C SER D 261 -2.91 12.27 40.72
N GLN D 262 -1.68 12.36 40.19
CA GLN D 262 -0.83 13.53 40.34
C GLN D 262 -0.72 14.31 39.03
N PRO D 263 -0.75 15.65 39.09
CA PRO D 263 -0.54 16.46 37.90
C PRO D 263 0.57 15.87 37.03
N ALA D 264 0.22 15.56 35.78
CA ALA D 264 1.17 14.99 34.85
C ALA D 264 1.97 16.12 34.22
N GLU D 265 3.24 16.20 34.60
CA GLU D 265 4.09 17.26 34.11
C GLU D 265 4.28 17.09 32.60
N GLY D 266 4.28 15.85 32.12
CA GLY D 266 4.45 15.58 30.70
C GLY D 266 3.21 15.91 29.85
N TYR D 267 2.09 16.28 30.50
CA TYR D 267 0.85 16.55 29.79
C TYR D 267 0.11 17.72 30.47
N HIS D 268 0.78 18.88 30.52
CA HIS D 268 0.21 20.17 30.91
C HIS D 268 -0.42 20.16 32.29
N GLY D 269 0.05 19.29 33.18
CA GLY D 269 -0.42 19.28 34.55
C GLY D 269 -1.78 18.59 34.74
N THR D 270 -2.26 17.91 33.69
CA THR D 270 -3.50 17.17 33.77
C THR D 270 -3.44 16.15 34.89
N ILE D 271 -4.55 16.00 35.62
CA ILE D 271 -4.74 14.83 36.46
C ILE D 271 -5.65 13.86 35.70
N TYR D 272 -5.10 12.74 35.19
CA TYR D 272 -5.87 11.87 34.32
C TYR D 272 -7.16 11.42 34.99
N ASN D 273 -7.14 11.15 36.30
CA ASN D 273 -8.37 10.66 36.94
C ASN D 273 -9.48 11.69 36.85
N GLU D 274 -9.14 12.98 37.00
CA GLU D 274 -10.17 14.02 36.97
C GLU D 274 -10.64 14.28 35.54
N ALA D 275 -9.71 14.40 34.60
CA ALA D 275 -10.03 14.85 33.25
C ALA D 275 -10.70 13.73 32.43
N TYR D 276 -10.35 12.44 32.67
CA TYR D 276 -10.72 11.38 31.75
C TYR D 276 -11.46 10.25 32.45
N GLY D 277 -11.61 10.38 33.77
CA GLY D 277 -12.34 9.43 34.59
C GLY D 277 -11.92 8.00 34.29
N ASN D 278 -12.86 7.23 33.76
CA ASN D 278 -12.66 5.79 33.69
C ASN D 278 -11.71 5.45 32.54
N LEU D 279 -11.37 6.43 31.70
CA LEU D 279 -10.46 6.21 30.60
C LEU D 279 -9.06 6.69 30.94
N ALA D 280 -8.79 6.97 32.21
CA ALA D 280 -7.48 7.51 32.60
C ALA D 280 -6.30 6.69 32.06
N TYR D 281 -6.37 5.36 32.20
CA TYR D 281 -5.29 4.47 31.78
C TYR D 281 -5.01 4.65 30.28
N ILE D 282 -6.02 4.44 29.46
CA ILE D 282 -5.78 4.38 28.03
C ILE D 282 -5.39 5.75 27.50
N VAL D 283 -5.90 6.83 28.11
CA VAL D 283 -5.55 8.17 27.65
C VAL D 283 -4.10 8.49 28.02
N HIS D 284 -3.67 8.02 29.20
CA HIS D 284 -2.29 8.22 29.65
C HIS D 284 -1.32 7.47 28.74
N VAL D 285 -1.68 6.23 28.39
CA VAL D 285 -0.85 5.42 27.52
C VAL D 285 -0.74 6.07 26.14
N ARG D 286 -1.81 6.65 25.61
CA ARG D 286 -1.78 7.23 24.28
C ARG D 286 -0.94 8.52 24.32
N THR D 287 -1.34 9.43 25.22
CA THR D 287 -0.90 10.81 25.18
C THR D 287 0.46 10.99 25.80
N GLU D 288 0.92 10.03 26.60
CA GLU D 288 2.25 10.12 27.15
C GLU D 288 3.15 9.02 26.60
N LEU D 289 2.81 7.74 26.75
CA LEU D 289 3.77 6.71 26.42
C LEU D 289 3.98 6.58 24.90
N LEU D 290 2.90 6.39 24.11
CA LEU D 290 2.95 6.29 22.66
C LEU D 290 3.66 7.51 22.06
N ARG D 291 3.31 8.68 22.56
CA ARG D 291 3.89 9.95 22.13
C ARG D 291 5.39 9.97 22.40
N ASP D 292 5.84 9.60 23.60
CA ASP D 292 7.26 9.77 23.95
C ASP D 292 8.11 8.61 23.41
N LEU D 293 7.55 7.41 23.43
CA LEU D 293 8.33 6.22 23.16
C LEU D 293 8.15 5.73 21.72
N GLY D 294 7.01 6.04 21.09
CA GLY D 294 6.96 6.08 19.64
C GLY D 294 6.66 4.76 18.91
N PRO D 295 6.11 3.66 19.48
CA PRO D 295 5.72 2.49 18.69
C PRO D 295 4.39 2.58 17.95
N LEU D 296 4.33 3.44 16.94
CA LEU D 296 3.04 3.69 16.33
C LEU D 296 2.79 2.73 15.17
N MET D 297 1.51 2.38 15.02
CA MET D 297 1.03 1.55 13.94
C MET D 297 0.89 2.41 12.69
N ASN D 298 1.53 1.98 11.61
CA ASN D 298 1.41 2.61 10.30
C ASN D 298 0.01 2.37 9.76
N PRO D 299 -0.61 3.36 9.08
CA PRO D 299 -1.98 3.21 8.60
C PRO D 299 -2.26 2.11 7.58
N PHE D 300 -1.24 1.72 6.83
CA PHE D 300 -1.33 0.55 5.97
C PHE D 300 -1.55 -0.73 6.77
N ALA D 301 -0.81 -0.89 7.87
CA ALA D 301 -1.02 -2.02 8.77
C ALA D 301 -2.43 -1.99 9.35
N SER D 302 -2.87 -0.78 9.80
CA SER D 302 -4.23 -0.56 10.30
C SER D 302 -5.25 -1.00 9.26
N PHE D 303 -5.03 -0.57 8.01
CA PHE D 303 -5.92 -0.95 6.92
C PHE D 303 -5.98 -2.48 6.73
N LEU D 304 -4.82 -3.15 6.55
CA LEU D 304 -4.88 -4.59 6.38
C LEU D 304 -5.47 -5.30 7.59
N LEU D 305 -5.19 -4.83 8.81
CA LEU D 305 -5.76 -5.54 9.96
C LEU D 305 -7.29 -5.40 9.97
N LEU D 306 -7.82 -4.22 9.61
CA LEU D 306 -9.26 -4.05 9.52
C LEU D 306 -9.86 -5.05 8.55
N GLN D 307 -9.20 -5.29 7.41
CA GLN D 307 -9.75 -6.25 6.47
C GLN D 307 -9.89 -7.63 7.13
N GLY D 308 -8.88 -8.04 7.91
CA GLY D 308 -8.92 -9.31 8.60
C GLY D 308 -10.05 -9.38 9.63
N VAL D 309 -10.23 -8.29 10.37
CA VAL D 309 -11.23 -8.23 11.43
C VAL D 309 -12.60 -8.53 10.86
N GLU D 310 -12.83 -8.12 9.59
CA GLU D 310 -14.12 -8.27 8.94
C GLU D 310 -14.53 -9.74 8.75
N THR D 311 -13.59 -10.69 8.78
CA THR D 311 -13.93 -12.10 8.70
C THR D 311 -13.51 -12.88 9.94
N LEU D 312 -13.19 -12.16 11.02
CA LEU D 312 -12.62 -12.80 12.19
C LEU D 312 -13.47 -14.00 12.63
N SER D 313 -14.78 -13.80 12.81
CA SER D 313 -15.62 -14.87 13.34
C SER D 313 -15.67 -16.05 12.38
N LEU D 314 -15.64 -15.79 11.08
CA LEU D 314 -15.69 -16.90 10.16
C LEU D 314 -14.39 -17.69 10.22
N ARG D 315 -13.24 -16.99 10.26
CA ARG D 315 -11.97 -17.68 10.23
C ARG D 315 -11.81 -18.41 11.57
N ALA D 316 -12.03 -17.69 12.65
CA ALA D 316 -11.75 -18.25 13.95
C ALA D 316 -12.60 -19.51 14.20
N GLU D 317 -13.90 -19.46 13.83
CA GLU D 317 -14.79 -20.60 13.97
C GLU D 317 -14.19 -21.80 13.23
N ARG D 318 -13.75 -21.60 11.99
CA ARG D 318 -13.20 -22.69 11.22
C ARG D 318 -11.89 -23.15 11.84
N HIS D 319 -11.05 -22.23 12.35
CA HIS D 319 -9.76 -22.66 12.90
C HIS D 319 -10.04 -23.56 14.10
N GLY D 320 -11.06 -23.18 14.89
CA GLY D 320 -11.31 -23.87 16.14
C GLY D 320 -11.86 -25.26 15.86
N GLU D 321 -12.78 -25.30 14.92
CA GLU D 321 -13.42 -26.52 14.53
C GLU D 321 -12.39 -27.47 13.89
N ASN D 322 -11.44 -26.96 13.08
CA ASN D 322 -10.48 -27.84 12.45
C ASN D 322 -9.46 -28.32 13.48
N ALA D 323 -9.12 -27.48 14.45
CA ALA D 323 -8.13 -27.89 15.43
C ALA D 323 -8.68 -29.02 16.31
N LEU D 324 -9.95 -28.94 16.70
CA LEU D 324 -10.58 -29.97 17.53
C LEU D 324 -10.59 -31.28 16.76
N LYS D 325 -11.02 -31.21 15.49
CA LYS D 325 -11.08 -32.42 14.69
C LYS D 325 -9.69 -32.99 14.47
N LEU D 326 -8.70 -32.15 14.21
CA LEU D 326 -7.37 -32.68 14.06
C LEU D 326 -6.90 -33.30 15.39
N ALA D 327 -7.19 -32.60 16.49
CA ALA D 327 -6.74 -33.07 17.79
C ALA D 327 -7.33 -34.45 18.07
N LYS D 328 -8.63 -34.63 17.83
CA LYS D 328 -9.26 -35.92 18.05
C LYS D 328 -8.62 -37.00 17.19
N TRP D 329 -8.30 -36.65 15.96
CA TRP D 329 -7.80 -37.61 14.99
C TRP D 329 -6.39 -38.03 15.35
N LEU D 330 -5.58 -37.10 15.88
CA LEU D 330 -4.23 -37.47 16.25
C LEU D 330 -4.28 -38.41 17.46
N GLU D 331 -5.26 -38.21 18.35
CA GLU D 331 -5.34 -38.92 19.61
C GLU D 331 -5.52 -40.42 19.35
N GLN D 332 -6.39 -40.76 18.39
CA GLN D 332 -6.66 -42.12 17.99
C GLN D 332 -5.60 -42.66 17.03
N SER D 333 -4.63 -41.84 16.60
CA SER D 333 -3.62 -42.31 15.67
C SER D 333 -2.57 -43.14 16.39
N PRO D 334 -2.18 -44.32 15.85
CA PRO D 334 -1.12 -45.13 16.43
C PRO D 334 0.30 -44.64 16.12
N TYR D 335 0.42 -43.53 15.37
CA TYR D 335 1.71 -42.86 15.24
C TYR D 335 1.91 -41.79 16.33
N VAL D 336 0.90 -41.57 17.20
CA VAL D 336 0.87 -40.42 18.10
C VAL D 336 0.89 -40.88 19.56
N SER D 337 1.84 -40.45 20.39
CA SER D 337 1.83 -40.84 21.80
C SER D 337 0.89 -39.98 22.63
N TRP D 338 0.93 -38.64 22.46
CA TRP D 338 0.02 -37.77 23.22
C TRP D 338 -0.40 -36.58 22.38
N VAL D 339 -1.50 -35.95 22.81
CA VAL D 339 -2.01 -34.75 22.18
C VAL D 339 -2.48 -33.75 23.24
N SER D 340 -2.04 -32.50 23.07
CA SER D 340 -2.42 -31.42 23.96
C SER D 340 -3.26 -30.38 23.18
N TYR D 341 -4.50 -30.25 23.62
CA TYR D 341 -5.44 -29.30 23.04
C TYR D 341 -6.51 -29.03 24.09
N PRO D 342 -6.87 -27.76 24.37
CA PRO D 342 -7.81 -27.45 25.44
C PRO D 342 -9.20 -28.07 25.32
N GLY D 343 -9.58 -28.44 24.11
CA GLY D 343 -10.91 -28.97 23.87
C GLY D 343 -10.97 -30.50 23.98
N LEU D 344 -9.82 -31.17 24.12
CA LEU D 344 -9.82 -32.60 24.45
C LEU D 344 -10.09 -32.81 25.95
N ALA D 345 -10.96 -33.78 26.28
CA ALA D 345 -11.12 -34.27 27.66
C ALA D 345 -9.78 -34.65 28.30
N SER D 346 -8.83 -35.16 27.51
CA SER D 346 -7.51 -35.52 28.01
C SER D 346 -6.76 -34.35 28.65
N HIS D 347 -7.17 -33.10 28.37
CA HIS D 347 -6.44 -31.92 28.82
C HIS D 347 -6.63 -31.70 30.32
N SER D 348 -5.55 -31.29 31.01
CA SER D 348 -5.53 -31.14 32.47
C SER D 348 -6.30 -29.91 32.94
N HIS D 349 -6.32 -28.85 32.11
CA HIS D 349 -7.08 -27.64 32.41
C HIS D 349 -8.35 -27.59 31.56
N HIS D 350 -8.93 -28.75 31.27
CA HIS D 350 -10.10 -28.80 30.43
C HIS D 350 -11.23 -27.97 31.04
N GLU D 351 -11.33 -27.94 32.38
CA GLU D 351 -12.51 -27.37 33.01
C GLU D 351 -12.48 -25.84 32.92
N ASN D 352 -11.30 -25.24 33.07
CA ASN D 352 -11.11 -23.81 32.86
C ASN D 352 -11.46 -23.48 31.40
N ALA D 353 -10.95 -24.28 30.46
CA ALA D 353 -11.23 -24.07 29.05
C ALA D 353 -12.74 -24.05 28.77
N LYS D 354 -13.50 -24.99 29.34
CA LYS D 354 -14.92 -25.04 29.05
C LYS D 354 -15.65 -23.92 29.77
N LYS D 355 -15.16 -23.47 30.92
CA LYS D 355 -15.89 -22.42 31.61
C LYS D 355 -15.66 -21.08 30.90
N TYR D 356 -14.42 -20.78 30.45
CA TYR D 356 -14.09 -19.42 30.02
C TYR D 356 -14.00 -19.25 28.49
N LEU D 357 -13.78 -20.34 27.74
CA LEU D 357 -13.79 -20.31 26.28
C LEU D 357 -15.19 -20.59 25.75
N SER D 358 -15.48 -20.00 24.59
CA SER D 358 -16.68 -20.26 23.83
C SER D 358 -16.33 -20.35 22.34
N ASN D 359 -17.21 -21.02 21.60
CA ASN D 359 -17.15 -21.21 20.18
C ASN D 359 -15.93 -22.05 19.77
N GLY D 360 -15.32 -22.75 20.71
CA GLY D 360 -14.15 -23.55 20.41
C GLY D 360 -13.00 -23.27 21.36
N PHE D 361 -11.83 -23.86 21.05
CA PHE D 361 -10.76 -24.04 21.99
C PHE D 361 -9.45 -23.54 21.39
N GLY D 362 -9.56 -22.57 20.49
CA GLY D 362 -8.37 -21.96 19.92
C GLY D 362 -7.86 -22.73 18.70
N GLY D 363 -6.89 -22.12 18.04
CA GLY D 363 -6.37 -22.60 16.76
C GLY D 363 -5.13 -23.50 16.89
N VAL D 364 -4.63 -23.74 18.11
CA VAL D 364 -3.28 -24.26 18.24
C VAL D 364 -3.30 -25.52 19.09
N LEU D 365 -2.43 -26.46 18.75
CA LEU D 365 -2.35 -27.74 19.44
C LEU D 365 -0.92 -28.22 19.31
N SER D 366 -0.53 -29.13 20.21
CA SER D 366 0.76 -29.78 20.15
C SER D 366 0.55 -31.29 20.22
N PHE D 367 1.51 -32.06 19.69
CA PHE D 367 1.41 -33.50 19.82
C PHE D 367 2.78 -34.14 19.78
N GLY D 368 2.83 -35.36 20.32
CA GLY D 368 4.04 -36.17 20.26
C GLY D 368 3.88 -37.34 19.29
N VAL D 369 4.89 -37.51 18.45
CA VAL D 369 4.93 -38.64 17.54
C VAL D 369 5.71 -39.76 18.24
N LYS D 370 5.17 -40.99 18.17
CA LYS D 370 5.84 -42.14 18.75
C LYS D 370 7.24 -42.24 18.16
N ASP D 371 8.15 -42.75 19.01
CA ASP D 371 9.53 -42.99 18.64
C ASP D 371 9.60 -43.96 17.47
N LEU D 372 10.50 -43.68 16.52
CA LEU D 372 10.99 -44.70 15.61
C LEU D 372 11.77 -45.75 16.40
N PRO D 373 11.89 -47.01 15.92
CA PRO D 373 12.93 -47.93 16.39
C PRO D 373 14.35 -47.36 16.40
N ASN D 374 15.06 -47.57 17.52
CA ASN D 374 16.35 -46.96 17.85
C ASN D 374 16.12 -45.55 18.40
N ALA D 375 15.28 -45.44 19.42
CA ALA D 375 14.78 -44.16 19.91
C ALA D 375 15.87 -43.43 20.69
N ASP D 376 16.31 -44.09 21.78
CA ASP D 376 17.35 -43.57 22.65
C ASP D 376 18.72 -44.01 22.15
N LYS D 377 18.73 -44.75 21.02
CA LYS D 377 19.94 -45.18 20.36
C LYS D 377 20.28 -44.22 19.22
N GLU D 378 19.51 -43.12 19.12
CA GLU D 378 19.79 -42.07 18.17
C GLU D 378 20.29 -40.85 18.93
N THR D 379 21.57 -40.52 18.68
CA THR D 379 22.21 -39.31 19.16
C THR D 379 22.27 -38.26 18.04
N ASP D 380 21.62 -38.57 16.91
CA ASP D 380 21.30 -37.59 15.86
C ASP D 380 19.87 -37.07 16.12
N PRO D 381 19.67 -35.75 16.34
CA PRO D 381 18.33 -35.22 16.59
C PRO D 381 17.42 -35.34 15.36
N PHE D 382 17.98 -35.06 14.16
CA PHE D 382 17.18 -34.91 12.95
C PHE D 382 16.71 -36.24 12.39
N LYS D 383 17.10 -37.37 12.99
CA LYS D 383 16.61 -38.68 12.57
C LYS D 383 15.43 -39.11 13.42
N LEU D 384 15.16 -38.34 14.48
CA LEU D 384 14.02 -38.62 15.35
C LEU D 384 12.71 -38.30 14.63
N SER D 385 11.64 -39.04 15.02
CA SER D 385 10.38 -39.04 14.31
C SER D 385 9.77 -37.63 14.24
N GLY D 386 9.96 -36.82 15.29
CA GLY D 386 9.37 -35.49 15.34
C GLY D 386 9.82 -34.65 14.14
N ALA D 387 11.13 -34.62 13.93
CA ALA D 387 11.70 -33.78 12.90
C ALA D 387 11.38 -34.39 11.53
N GLN D 388 11.33 -35.72 11.48
CA GLN D 388 11.12 -36.42 10.22
C GLN D 388 9.72 -36.10 9.71
N VAL D 389 8.74 -36.07 10.61
CA VAL D 389 7.35 -35.86 10.24
C VAL D 389 7.18 -34.44 9.69
N VAL D 390 7.81 -33.44 10.28
CA VAL D 390 7.60 -32.08 9.80
C VAL D 390 8.18 -31.93 8.39
N ASP D 391 9.31 -32.59 8.11
CA ASP D 391 9.95 -32.53 6.80
C ASP D 391 9.11 -33.19 5.68
N ASN D 392 8.27 -34.15 6.04
CA ASN D 392 7.52 -34.87 5.03
C ASN D 392 6.10 -34.31 4.91
N LEU D 393 5.82 -33.20 5.61
CA LEU D 393 4.57 -32.47 5.41
C LEU D 393 4.66 -31.69 4.09
N LYS D 394 3.58 -31.78 3.29
CA LYS D 394 3.45 -31.11 2.00
C LYS D 394 2.48 -29.93 2.03
N LEU D 395 1.43 -29.98 2.86
CA LEU D 395 0.46 -28.89 2.97
C LEU D 395 0.90 -27.89 4.06
N ALA D 396 1.20 -28.40 5.26
CA ALA D 396 1.67 -27.57 6.34
C ALA D 396 2.97 -26.84 5.96
N SER D 397 3.14 -25.60 6.44
CA SER D 397 4.36 -24.83 6.22
C SER D 397 5.11 -24.72 7.54
N ASN D 398 6.45 -24.81 7.46
CA ASN D 398 7.30 -24.97 8.64
C ASN D 398 7.86 -23.60 8.98
N LEU D 399 7.20 -22.92 9.92
CA LEU D 399 7.67 -21.64 10.43
C LEU D 399 7.02 -21.32 11.77
N ALA D 400 7.51 -20.25 12.40
CA ALA D 400 7.29 -20.01 13.82
C ALA D 400 6.08 -19.13 14.11
N ASN D 401 5.35 -18.64 13.09
CA ASN D 401 4.11 -17.87 13.32
C ASN D 401 2.97 -18.80 13.78
N VAL D 402 1.93 -18.20 14.37
CA VAL D 402 0.64 -18.82 14.60
C VAL D 402 -0.39 -17.85 14.06
N GLY D 403 -1.62 -18.33 13.84
CA GLY D 403 -2.73 -17.48 13.46
C GLY D 403 -2.81 -17.12 11.98
N ASP D 404 -2.15 -17.88 11.09
CA ASP D 404 -2.31 -17.68 9.66
C ASP D 404 -3.47 -18.56 9.21
N ALA D 405 -4.07 -18.17 8.09
CA ALA D 405 -5.13 -18.93 7.48
C ALA D 405 -4.58 -20.29 7.08
N LYS D 406 -3.33 -20.31 6.64
CA LYS D 406 -2.67 -21.58 6.38
C LYS D 406 -2.25 -22.27 7.68
N THR D 407 -2.28 -23.61 7.66
CA THR D 407 -1.68 -24.49 8.64
C THR D 407 -0.15 -24.31 8.68
N LEU D 408 0.34 -24.07 9.91
CA LEU D 408 1.75 -23.89 10.22
C LEU D 408 2.16 -24.92 11.27
N VAL D 409 3.37 -25.46 11.11
CA VAL D 409 3.96 -26.43 12.03
C VAL D 409 5.38 -26.01 12.40
N ILE D 410 5.80 -26.48 13.58
CA ILE D 410 7.20 -26.44 13.95
C ILE D 410 7.48 -27.59 14.92
N ALA D 411 8.71 -28.13 14.83
CA ALA D 411 9.24 -29.00 15.88
C ALA D 411 10.22 -28.17 16.72
N PRO D 412 9.78 -27.51 17.82
CA PRO D 412 10.60 -26.49 18.48
C PRO D 412 11.97 -26.95 18.99
N TYR D 413 12.08 -28.24 19.33
CA TYR D 413 13.30 -28.86 19.84
C TYR D 413 14.38 -28.88 18.76
N PHE D 414 14.00 -28.75 17.48
CA PHE D 414 14.94 -28.84 16.36
C PHE D 414 15.07 -27.50 15.62
N THR D 415 14.84 -26.39 16.33
CA THR D 415 15.16 -25.04 15.87
C THR D 415 14.84 -24.05 17.00
N THR D 416 13.57 -23.60 17.11
CA THR D 416 13.16 -22.63 18.12
C THR D 416 12.50 -23.37 19.30
N GLY D 429 7.93 -27.46 28.94
CA GLY D 429 8.72 -28.55 28.32
C GLY D 429 8.81 -28.40 26.81
N VAL D 430 9.97 -28.81 26.25
CA VAL D 430 10.23 -28.80 24.81
C VAL D 430 10.94 -30.11 24.47
N THR D 431 10.17 -31.19 24.32
CA THR D 431 10.71 -32.53 24.19
C THR D 431 11.01 -32.85 22.71
N LYS D 432 11.62 -34.03 22.48
CA LYS D 432 12.16 -34.42 21.19
C LYS D 432 11.07 -34.84 20.23
N ASP D 433 9.90 -35.22 20.76
CA ASP D 433 8.85 -35.82 19.96
C ASP D 433 7.79 -34.78 19.54
N LEU D 434 7.94 -33.50 19.96
CA LEU D 434 6.82 -32.57 19.99
C LEU D 434 6.70 -31.74 18.70
N ILE D 435 5.49 -31.71 18.18
CA ILE D 435 5.13 -30.81 17.08
C ILE D 435 4.02 -29.86 17.52
N ARG D 436 4.23 -28.55 17.27
CA ARG D 436 3.23 -27.51 17.49
C ARG D 436 2.53 -27.20 16.16
N VAL D 437 1.20 -27.32 16.13
CA VAL D 437 0.43 -26.99 14.94
C VAL D 437 -0.44 -25.74 15.18
N SER D 438 -0.35 -24.75 14.28
CA SER D 438 -1.37 -23.74 14.18
C SER D 438 -2.26 -24.13 13.01
N VAL D 439 -3.47 -24.55 13.34
CA VAL D 439 -4.29 -25.31 12.40
C VAL D 439 -5.04 -24.27 11.58
N GLY D 440 -4.97 -24.42 10.25
CA GLY D 440 -5.50 -23.42 9.34
C GLY D 440 -6.93 -23.72 8.93
N ILE D 441 -7.39 -23.03 7.90
CA ILE D 441 -8.76 -23.18 7.47
C ILE D 441 -8.85 -23.96 6.16
N GLU D 442 -7.81 -24.74 5.81
CA GLU D 442 -7.91 -25.65 4.69
C GLU D 442 -8.96 -26.70 5.00
N PHE D 443 -9.38 -27.50 4.01
CA PHE D 443 -10.32 -28.57 4.27
C PHE D 443 -9.68 -29.54 5.28
N ILE D 444 -10.42 -29.85 6.36
CA ILE D 444 -9.89 -30.73 7.41
C ILE D 444 -9.35 -32.05 6.85
N ASP D 445 -9.98 -32.63 5.83
CA ASP D 445 -9.54 -33.93 5.32
C ASP D 445 -8.17 -33.77 4.65
N ASP D 446 -7.89 -32.59 4.07
CA ASP D 446 -6.59 -32.36 3.46
C ASP D 446 -5.53 -32.21 4.55
N ILE D 447 -5.89 -31.62 5.69
CA ILE D 447 -4.91 -31.39 6.73
C ILE D 447 -4.51 -32.74 7.34
N ILE D 448 -5.52 -33.57 7.64
CA ILE D 448 -5.31 -34.88 8.23
C ILE D 448 -4.50 -35.75 7.27
N ALA D 449 -4.92 -35.79 6.00
CA ALA D 449 -4.22 -36.57 4.99
C ALA D 449 -2.76 -36.14 4.91
N ASP D 450 -2.47 -34.86 5.13
CA ASP D 450 -1.07 -34.45 5.04
C ASP D 450 -0.28 -35.05 6.19
N PHE D 451 -0.91 -35.21 7.36
CA PHE D 451 -0.18 -35.77 8.49
C PHE D 451 0.09 -37.24 8.18
N GLN D 452 -0.97 -37.95 7.73
CA GLN D 452 -0.96 -39.39 7.54
C GLN D 452 0.15 -39.77 6.55
N GLN D 453 0.12 -39.17 5.37
CA GLN D 453 1.10 -39.48 4.36
C GLN D 453 2.49 -39.18 4.91
N SER D 454 2.63 -38.18 5.77
CA SER D 454 3.92 -37.94 6.38
C SER D 454 4.28 -39.12 7.30
N PHE D 455 3.33 -39.51 8.15
CA PHE D 455 3.53 -40.61 9.06
C PHE D 455 3.99 -41.85 8.30
N GLU D 456 3.26 -42.22 7.24
CA GLU D 456 3.51 -43.46 6.50
C GLU D 456 4.92 -43.46 5.93
N THR D 457 5.37 -42.29 5.47
CA THR D 457 6.72 -42.17 4.94
C THR D 457 7.75 -42.46 6.03
N VAL D 458 7.63 -41.76 7.15
CA VAL D 458 8.63 -41.77 8.21
C VAL D 458 8.73 -43.16 8.85
N PHE D 459 7.59 -43.85 8.93
CA PHE D 459 7.46 -45.16 9.53
C PHE D 459 7.33 -46.25 8.46
N ALA D 460 7.94 -46.05 7.29
CA ALA D 460 7.84 -47.01 6.17
C ALA D 460 8.73 -48.21 6.43
N GLY D 461 8.14 -49.42 6.42
CA GLY D 461 8.85 -50.66 6.72
C GLY D 461 8.76 -51.05 8.19
N GLN D 462 7.94 -50.30 8.95
CA GLN D 462 7.84 -50.43 10.39
C GLN D 462 6.43 -50.10 10.84
N LYS D 463 5.99 -50.76 11.91
CA LYS D 463 4.60 -50.71 12.35
C LYS D 463 4.29 -49.33 12.89
N PRO D 464 3.00 -48.96 13.06
CA PRO D 464 2.63 -47.69 13.70
C PRO D 464 3.38 -47.43 15.02
#